data_8Z9E
#
_entry.id   8Z9E
#
_cell.length_a   1.00
_cell.length_b   1.00
_cell.length_c   1.00
_cell.angle_alpha   90.00
_cell.angle_beta   90.00
_cell.angle_gamma   90.00
#
_symmetry.space_group_name_H-M   'P 1'
#
loop_
_entity.id
_entity.type
_entity.pdbx_description
1 polymer 'Protein structure'
2 polymer 'Protein structure'
3 polymer 'Protein structure'
4 polymer 'RNA (39-MER)'
5 polymer 'RNA (34-MER)'
6 non-polymer 'ZINC ION'
#
loop_
_entity_poly.entity_id
_entity_poly.type
_entity_poly.pdbx_seq_one_letter_code
_entity_poly.pdbx_strand_id
1 'polypeptide(L)'
;MAKTMKKIYVTMKTLSPLYTGEVRREDKEAAQKRVNFPVRKTATNKVLIPFKGALRSALEIMLKAKGENVCDTGESRARP
CGRCVTCSLFGSMGRAGRASVDFLISNDTKEQIVRESTHLRIERQTKSASDTFKGEEVIEGATFTATITISNPQEKDLSL
IQSALKFIEENGIGGWLNKGYGRVSFEVKSEDVATDRFLK
;
B,C,D,E,F,J
2 'polypeptide(L)'
;MKEIKGILESITGFSIPLDNGEYALYPAGRHLRGAIGYIAFNLDLPISSKFLDFDFDDIIFRDLLPISKCGKIFYPEKNS
NSLKCPSCNEIYGSSVLRNIMARGLSYKEVIEGKKYRLSIIVKDEKYLNEMEAIIRYILSYGIYLGNKVSKGYGKFKIKE
YSIVDILPVKDSEVLLLSDAIIDNGEKDIVFSKKEISSSKFEIIRKRGKAKGDIIRDNNHNGFYIGKYGGLGFGEIISLK
;
G
3 'polypeptide(L)'
;MIKFIGGASKVTGSAFLLETGNAKILIDCGIEQEKGIEKDNNEIIEKKINEIGKADICILTHAHLAASGLVPLLVKKRKV
NKIISTPATKELCRLLFNDFQRIQEENNDIPLYSYDDIESSFEIWDEIDDRNTIELFDTKITFYNNSHIIGSVSVFIETH
NGNYLFSGDIGSKLQQLMDYPPDMPDGNVDYLILESTYGNKSHDSSDRDRLLEIAKTTCENGGKVLIPSFAIGRLQEVLY
TFSNYNFNFPVYIDSPMGSKVTNLIKEYNIYLKKKLRRLSITDDLFNNKYIAINTSNQSKELSNSKEPAVIISASGMLEG
GRILNHLEQIKNDENSTLIFVGYQAQNTRGRKILDGEEKVRCRIEKLNSFSAHADQDELIDYIERLKYTPYKVFLVHGEK
EQREILAKRIISKKIRVELPENYSQGKEILIEKKVVLNINTDNMCNFASYRLMPFSGFIVEKDDRIEINDKNWFDMIWNE
EYNKMRSQIVAEDFSTDQNEDSMALPDMSHDKIIENIEYLFNIKILSKNRIKEFWEEFCKGQKAAIKYITQVHRKNPNTG
RRNWNPPEGDFTDNEIEKLYETAYNTLLSLIKYDKNKVYNILINFNPKL
;
H,I,K,L
4 'polyribonucleotide' GGUUAAAACUCUUCUCAUGCUGGAUUCGAAAUUAGGUGCGCUUCGCGUUUAAGUCCCAUA M
5 'polyribonucleotide' GAACAGAAGAACACCUAAACGCGAAGCGCACCUAAUUUCGAAUCCAGCAUGAGAAGCUAA N
#
loop_
_chem_comp.id
_chem_comp.type
_chem_comp.name
_chem_comp.formula
A RNA linking ADENOSINE-5'-MONOPHOSPHATE 'C10 H14 N5 O7 P'
C RNA linking CYTIDINE-5'-MONOPHOSPHATE 'C9 H14 N3 O8 P'
G RNA linking GUANOSINE-5'-MONOPHOSPHATE 'C10 H14 N5 O8 P'
U RNA linking URIDINE-5'-MONOPHOSPHATE 'C9 H13 N2 O9 P'
ZN non-polymer 'ZINC ION' 'Zn 2'
#
# COMPACT_ATOMS: atom_id res chain seq x y z
N ALA A 2 -54.89 -5.74 -24.84
CA ALA A 2 -55.32 -5.65 -26.23
C ALA A 2 -55.56 -7.03 -26.82
N LYS A 3 -56.70 -7.63 -26.48
CA LYS A 3 -57.05 -8.95 -27.00
C LYS A 3 -57.65 -8.89 -28.39
N THR A 4 -58.07 -7.72 -28.86
CA THR A 4 -58.62 -7.55 -30.20
C THR A 4 -57.83 -6.48 -30.93
N MET A 5 -57.94 -6.51 -32.25
CA MET A 5 -57.19 -5.59 -33.11
C MET A 5 -58.03 -5.31 -34.34
N LYS A 6 -58.31 -4.03 -34.60
CA LYS A 6 -59.16 -3.63 -35.72
C LYS A 6 -58.32 -3.57 -36.99
N LYS A 7 -58.60 -4.46 -37.94
CA LYS A 7 -57.83 -4.55 -39.18
C LYS A 7 -58.73 -4.06 -40.31
N ILE A 8 -58.55 -2.80 -40.70
CA ILE A 8 -59.39 -2.16 -41.72
C ILE A 8 -58.65 -2.26 -43.04
N TYR A 9 -59.31 -2.80 -44.07
CA TYR A 9 -58.78 -2.84 -45.42
C TYR A 9 -59.39 -1.72 -46.23
N VAL A 10 -58.53 -0.90 -46.84
CA VAL A 10 -58.91 0.26 -47.64
C VAL A 10 -58.55 -0.02 -49.09
N THR A 11 -59.52 0.16 -49.98
CA THR A 11 -59.30 0.10 -51.42
C THR A 11 -59.62 1.45 -52.02
N MET A 12 -58.63 2.03 -52.72
CA MET A 12 -58.72 3.28 -53.45
C MET A 12 -58.90 2.96 -54.93
N LYS A 13 -59.95 3.49 -55.55
CA LYS A 13 -60.09 3.46 -57.00
C LYS A 13 -60.21 4.90 -57.47
N THR A 14 -59.16 5.42 -58.09
CA THR A 14 -59.09 6.81 -58.50
C THR A 14 -60.07 7.14 -59.63
N LEU A 18 -54.33 11.72 -60.41
CA LEU A 18 -53.76 11.81 -59.07
C LEU A 18 -52.25 12.01 -59.16
N TYR A 19 -51.74 12.96 -58.38
CA TYR A 19 -50.31 13.26 -58.33
C TYR A 19 -49.86 13.33 -56.89
N THR A 20 -48.77 12.64 -56.58
CA THR A 20 -47.97 12.89 -55.38
C THR A 20 -46.51 12.97 -55.82
N GLY A 21 -45.77 13.92 -55.25
CA GLY A 21 -44.42 14.19 -55.73
C GLY A 21 -43.43 13.14 -55.29
N GLU A 22 -42.35 13.01 -56.07
CA GLU A 22 -41.29 12.09 -55.73
C GLU A 22 -40.47 12.65 -54.58
N VAL A 23 -40.27 11.85 -53.53
CA VAL A 23 -39.48 12.30 -52.38
C VAL A 23 -38.01 11.97 -52.62
N ARG A 24 -37.75 10.95 -53.44
CA ARG A 24 -36.39 10.48 -53.69
C ARG A 24 -35.64 11.50 -54.53
N ARG A 25 -34.58 12.08 -53.97
CA ARG A 25 -33.80 13.10 -54.68
C ARG A 25 -33.10 12.51 -55.89
N GLU A 26 -32.57 11.30 -55.74
CA GLU A 26 -31.86 10.60 -56.80
C GLU A 26 -32.79 10.14 -57.91
N ASN A 36 -41.80 17.26 -65.52
CA ASN A 36 -40.92 17.88 -64.54
C ASN A 36 -41.35 17.51 -63.12
N PHE A 37 -42.45 16.76 -63.02
CA PHE A 37 -43.05 16.40 -61.74
C PHE A 37 -43.28 14.89 -61.71
N PRO A 38 -42.34 14.11 -61.18
CA PRO A 38 -42.50 12.67 -61.16
C PRO A 38 -43.33 12.17 -59.98
N VAL A 39 -44.03 11.06 -60.21
CA VAL A 39 -44.89 10.49 -59.19
C VAL A 39 -44.06 9.63 -58.22
N ARG A 40 -44.44 9.66 -56.94
CA ARG A 40 -43.78 8.89 -55.88
C ARG A 40 -43.93 7.40 -56.16
N LYS A 41 -42.75 6.81 -56.57
CA LYS A 41 -42.82 5.40 -57.01
C LYS A 41 -42.18 4.45 -56.00
N THR A 42 -41.98 3.20 -56.41
CA THR A 42 -41.32 2.19 -55.59
C THR A 42 -40.13 1.67 -56.39
N ALA A 43 -39.18 1.03 -55.70
CA ALA A 43 -38.15 0.29 -56.42
C ALA A 43 -38.71 -0.98 -57.06
N THR A 44 -39.85 -1.48 -56.60
CA THR A 44 -40.54 -2.59 -57.24
C THR A 44 -41.59 -2.12 -58.24
N ASN A 45 -41.55 -0.83 -58.62
CA ASN A 45 -42.29 -0.23 -59.73
C ASN A 45 -43.80 -0.27 -59.56
N LYS A 46 -44.29 0.03 -58.36
CA LYS A 46 -45.68 0.36 -58.10
C LYS A 46 -45.72 1.81 -57.64
N VAL A 47 -46.89 2.29 -57.22
CA VAL A 47 -47.10 3.71 -56.98
C VAL A 47 -47.54 3.89 -55.52
N LEU A 48 -46.90 4.84 -54.83
CA LEU A 48 -46.92 4.95 -53.37
C LEU A 48 -47.59 6.27 -52.97
N ILE A 49 -48.70 6.19 -52.25
CA ILE A 49 -49.43 7.37 -51.78
C ILE A 49 -49.40 7.36 -50.25
N PRO A 50 -48.94 8.44 -49.60
CA PRO A 50 -49.01 8.49 -48.13
C PRO A 50 -50.44 8.70 -47.64
N PHE A 51 -50.78 8.05 -46.51
CA PHE A 51 -52.14 8.00 -46.00
C PHE A 51 -52.32 8.51 -44.58
N LYS A 52 -51.29 8.49 -43.73
CA LYS A 52 -51.46 8.88 -42.33
C LYS A 52 -51.69 10.38 -42.19
N GLY A 53 -50.92 11.19 -42.93
CA GLY A 53 -50.99 12.63 -42.77
C GLY A 53 -52.32 13.22 -43.23
N ALA A 54 -52.85 12.71 -44.35
CA ALA A 54 -54.15 13.15 -44.82
C ALA A 54 -55.27 12.74 -43.87
N LEU A 55 -55.15 11.55 -43.27
CA LEU A 55 -56.14 11.06 -42.31
C LEU A 55 -56.16 11.93 -41.05
N ARG A 56 -54.97 12.26 -40.52
CA ARG A 56 -54.90 13.19 -39.39
C ARG A 56 -55.39 14.58 -39.73
N SER A 57 -55.07 15.08 -40.94
CA SER A 57 -55.53 16.42 -41.31
C SER A 57 -57.04 16.47 -41.43
N ALA A 58 -57.66 15.44 -41.99
CA ALA A 58 -59.11 15.39 -42.12
C ALA A 58 -59.79 15.30 -40.76
N LEU A 59 -59.29 14.41 -39.88
CA LEU A 59 -59.89 14.25 -38.56
C LEU A 59 -59.72 15.51 -37.70
N GLU A 60 -58.54 16.15 -37.77
CA GLU A 60 -58.30 17.37 -37.02
C GLU A 60 -59.16 18.52 -37.55
N ILE A 61 -59.33 18.60 -38.87
CA ILE A 61 -60.10 19.68 -39.47
C ILE A 61 -61.58 19.59 -39.09
N MET A 62 -62.15 18.37 -39.11
CA MET A 62 -63.53 18.24 -38.63
C MET A 62 -63.65 18.45 -37.13
N LEU A 63 -62.80 17.80 -36.34
CA LEU A 63 -62.97 17.84 -34.89
C LEU A 63 -62.55 19.18 -34.27
N LYS A 64 -61.90 20.05 -35.03
CA LYS A 64 -61.80 21.45 -34.64
C LYS A 64 -62.95 22.27 -35.22
N ALA A 65 -63.35 21.97 -36.45
CA ALA A 65 -64.39 22.75 -37.11
C ALA A 65 -65.77 22.44 -36.52
N LYS A 66 -66.10 21.16 -36.37
CA LYS A 66 -67.41 20.79 -35.81
C LYS A 66 -67.47 21.02 -34.30
N GLY A 67 -66.33 21.16 -33.63
CA GLY A 67 -66.29 21.59 -32.24
C GLY A 67 -66.03 20.48 -31.25
N GLU A 68 -64.76 20.21 -30.99
CA GLU A 68 -64.25 19.27 -29.98
C GLU A 68 -62.85 19.73 -29.59
N ASN A 69 -62.37 19.28 -28.43
CA ASN A 69 -61.03 19.66 -27.98
C ASN A 69 -59.99 18.81 -28.68
N VAL A 70 -59.43 19.34 -29.77
CA VAL A 70 -58.45 18.67 -30.64
C VAL A 70 -57.45 19.73 -31.09
N CYS A 71 -56.16 19.38 -31.08
CA CYS A 71 -55.09 20.30 -31.46
C CYS A 71 -55.07 20.49 -32.98
N ASP A 72 -53.99 21.14 -33.45
CA ASP A 72 -53.77 21.26 -34.92
C ASP A 72 -52.30 20.92 -35.16
N THR A 73 -51.90 19.68 -34.93
CA THR A 73 -50.48 19.29 -35.05
C THR A 73 -49.87 19.88 -36.33
N GLY A 74 -50.58 19.78 -37.45
CA GLY A 74 -50.08 20.43 -38.68
C GLY A 74 -49.82 21.91 -38.41
N GLU A 75 -48.58 22.37 -38.63
CA GLU A 75 -48.22 23.78 -38.32
C GLU A 75 -46.72 23.96 -38.59
N SER A 76 -46.04 24.80 -37.81
CA SER A 76 -44.58 24.99 -37.97
C SER A 76 -43.86 24.46 -36.73
N ARG A 77 -43.20 23.31 -36.85
CA ARG A 77 -42.55 22.71 -35.67
C ARG A 77 -43.55 22.76 -34.51
N ALA A 78 -44.80 22.35 -34.78
CA ALA A 78 -45.84 22.33 -33.73
C ALA A 78 -45.57 21.14 -32.79
N ARG A 79 -46.45 20.94 -31.80
CA ARG A 79 -46.29 19.76 -30.90
C ARG A 79 -47.67 19.19 -30.57
N PRO A 80 -47.86 17.85 -30.63
CA PRO A 80 -49.13 17.24 -30.23
C PRO A 80 -49.38 17.37 -28.71
N CYS A 81 -50.61 17.11 -28.25
CA CYS A 81 -50.98 17.23 -26.85
C CYS A 81 -50.82 15.91 -26.11
N GLY A 82 -51.52 14.88 -26.60
CA GLY A 82 -51.60 13.61 -25.89
C GLY A 82 -52.91 13.35 -25.17
N ARG A 83 -53.89 14.24 -25.27
CA ARG A 83 -55.21 13.99 -24.69
C ARG A 83 -56.36 14.03 -25.69
N CYS A 84 -56.17 14.62 -26.88
CA CYS A 84 -57.25 14.66 -27.85
C CYS A 84 -57.34 13.34 -28.62
N VAL A 85 -58.43 13.20 -29.37
CA VAL A 85 -58.69 11.93 -30.06
C VAL A 85 -57.72 11.70 -31.22
N THR A 86 -57.25 12.78 -31.86
CA THR A 86 -56.27 12.62 -32.92
C THR A 86 -54.89 12.33 -32.37
N CYS A 87 -54.58 12.81 -31.17
CA CYS A 87 -53.31 12.49 -30.52
C CYS A 87 -53.32 11.12 -29.86
N SER A 88 -54.50 10.51 -29.70
CA SER A 88 -54.59 9.14 -29.22
C SER A 88 -54.66 8.13 -30.37
N LEU A 89 -55.36 8.48 -31.45
CA LEU A 89 -55.44 7.58 -32.60
C LEU A 89 -54.15 7.53 -33.39
N PHE A 90 -53.54 8.69 -33.66
CA PHE A 90 -52.47 8.76 -34.65
C PHE A 90 -51.09 9.08 -34.10
N GLY A 91 -50.97 9.65 -32.91
CA GLY A 91 -49.68 9.81 -32.28
C GLY A 91 -49.53 11.12 -31.55
N SER A 92 -48.54 11.17 -30.67
CA SER A 92 -48.33 12.31 -29.78
C SER A 92 -46.84 12.45 -29.49
N MET A 93 -46.50 13.46 -28.67
CA MET A 93 -45.10 13.70 -28.29
C MET A 93 -44.54 12.55 -27.47
N GLY A 94 -45.27 12.13 -26.44
CA GLY A 94 -44.89 10.97 -25.67
C GLY A 94 -45.35 9.65 -26.27
N ARG A 95 -46.66 9.51 -26.47
CA ARG A 95 -47.29 8.23 -26.75
C ARG A 95 -47.52 8.04 -28.25
N ALA A 96 -47.12 6.87 -28.75
CA ALA A 96 -47.34 6.52 -30.14
C ALA A 96 -48.82 6.24 -30.40
N GLY A 97 -49.25 6.53 -31.63
CA GLY A 97 -50.63 6.28 -32.01
C GLY A 97 -50.88 4.81 -32.27
N ARG A 98 -52.12 4.41 -32.01
CA ARG A 98 -52.52 3.02 -32.17
C ARG A 98 -52.84 2.65 -33.61
N ALA A 99 -53.03 3.64 -34.49
CA ALA A 99 -53.43 3.38 -35.87
C ALA A 99 -52.19 3.29 -36.74
N SER A 100 -51.64 2.08 -36.85
CA SER A 100 -50.58 1.81 -37.82
C SER A 100 -51.20 1.83 -39.20
N VAL A 101 -50.99 2.91 -39.94
CA VAL A 101 -51.62 3.13 -41.23
C VAL A 101 -50.57 2.88 -42.29
N ASP A 102 -50.75 1.81 -43.07
CA ASP A 102 -49.81 1.52 -44.14
C ASP A 102 -50.01 2.50 -45.30
N PHE A 103 -48.99 2.57 -46.15
CA PHE A 103 -49.14 3.22 -47.44
C PHE A 103 -50.09 2.42 -48.32
N LEU A 104 -50.69 3.10 -49.29
CA LEU A 104 -51.50 2.40 -50.30
C LEU A 104 -50.61 2.09 -51.49
N ILE A 105 -49.96 0.92 -51.44
CA ILE A 105 -49.33 0.37 -52.63
C ILE A 105 -50.40 0.03 -53.65
N SER A 106 -50.08 0.24 -54.93
CA SER A 106 -50.97 -0.21 -55.99
C SER A 106 -50.71 -1.68 -56.31
N ASN A 107 -51.77 -2.39 -56.67
CA ASN A 107 -51.63 -3.76 -57.15
C ASN A 107 -51.13 -3.83 -58.57
N ASP A 108 -51.12 -2.71 -59.28
CA ASP A 108 -50.66 -2.61 -60.66
C ASP A 108 -49.27 -1.99 -60.69
N THR A 109 -48.67 -2.02 -61.88
CA THR A 109 -47.32 -1.49 -62.07
C THR A 109 -47.38 0.03 -62.21
N LYS A 110 -46.22 0.65 -62.39
CA LYS A 110 -46.09 2.10 -62.51
C LYS A 110 -45.94 2.56 -63.95
N GLU A 111 -46.44 1.78 -64.89
CA GLU A 111 -46.47 2.15 -66.30
C GLU A 111 -47.88 2.06 -66.89
N GLN A 112 -48.67 1.08 -66.46
CA GLN A 112 -50.04 0.97 -66.96
C GLN A 112 -50.94 2.05 -66.37
N ILE A 113 -50.68 2.45 -65.12
CA ILE A 113 -51.52 3.43 -64.43
C ILE A 113 -50.85 4.80 -64.32
N VAL A 114 -49.65 4.97 -64.86
CA VAL A 114 -48.95 6.25 -64.82
C VAL A 114 -48.85 6.78 -66.24
N ARG A 115 -49.47 7.92 -66.49
CA ARG A 115 -49.31 8.63 -67.74
C ARG A 115 -48.32 9.77 -67.56
N GLU A 116 -48.15 10.58 -68.62
CA GLU A 116 -47.25 11.72 -68.59
C GLU A 116 -48.00 12.97 -69.02
N SER A 117 -47.82 14.05 -68.28
CA SER A 117 -48.43 15.33 -68.61
C SER A 117 -47.45 16.47 -68.45
N GLY A 135 -44.91 16.58 -66.39
CA GLY A 135 -45.00 15.85 -65.14
C GLY A 135 -45.62 14.48 -65.29
N GLU A 136 -45.72 13.76 -64.17
CA GLU A 136 -46.30 12.43 -64.14
C GLU A 136 -47.55 12.42 -63.26
N GLU A 137 -48.53 11.61 -63.62
CA GLU A 137 -49.78 11.54 -62.90
C GLU A 137 -50.29 10.10 -62.92
N VAL A 138 -51.19 9.80 -61.98
CA VAL A 138 -51.87 8.51 -61.94
C VAL A 138 -53.19 8.63 -62.67
N ILE A 139 -53.46 7.69 -63.58
CA ILE A 139 -54.65 7.73 -64.42
C ILE A 139 -55.90 7.34 -63.62
N GLU A 140 -57.06 7.56 -64.21
CA GLU A 140 -58.32 7.19 -63.59
C GLU A 140 -58.47 5.67 -63.56
N GLY A 141 -59.13 5.17 -62.52
CA GLY A 141 -59.40 3.75 -62.38
C GLY A 141 -58.31 2.94 -61.71
N ALA A 142 -57.24 3.57 -61.23
CA ALA A 142 -56.15 2.84 -60.60
C ALA A 142 -56.53 2.38 -59.19
N THR A 143 -56.15 1.16 -58.84
CA THR A 143 -56.53 0.52 -57.59
C THR A 143 -55.33 0.53 -56.64
N PHE A 144 -55.57 0.94 -55.40
CA PHE A 144 -54.56 0.95 -54.35
C PHE A 144 -55.14 0.26 -53.12
N THR A 145 -54.26 -0.35 -52.31
CA THR A 145 -54.70 -1.09 -51.14
C THR A 145 -53.87 -0.72 -49.92
N ALA A 146 -54.55 -0.46 -48.80
CA ALA A 146 -53.88 -0.19 -47.53
C ALA A 146 -54.61 -0.93 -46.42
N THR A 147 -53.96 -0.98 -45.25
CA THR A 147 -54.54 -1.61 -44.08
C THR A 147 -54.24 -0.76 -42.85
N ILE A 148 -55.29 -0.33 -42.16
CA ILE A 148 -55.19 0.37 -40.89
C ILE A 148 -55.26 -0.67 -39.78
N THR A 149 -54.18 -0.83 -39.04
CA THR A 149 -54.12 -1.74 -37.90
C THR A 149 -54.27 -0.91 -36.63
N ILE A 150 -55.40 -1.06 -35.95
CA ILE A 150 -55.69 -0.32 -34.73
C ILE A 150 -55.58 -1.26 -33.55
N SER A 151 -54.72 -0.92 -32.59
CA SER A 151 -54.58 -1.67 -31.35
C SER A 151 -55.37 -0.96 -30.25
N ASN A 152 -55.79 -1.76 -29.26
CA ASN A 152 -56.65 -1.39 -28.13
C ASN A 152 -57.92 -0.69 -28.62
N PRO A 153 -58.80 -1.37 -29.37
CA PRO A 153 -59.85 -0.64 -30.07
C PRO A 153 -61.07 -0.31 -29.22
N GLN A 154 -61.43 0.98 -29.18
CA GLN A 154 -62.67 1.43 -28.57
C GLN A 154 -63.82 1.33 -29.56
N GLU A 155 -64.96 1.94 -29.24
CA GLU A 155 -66.19 1.76 -30.00
C GLU A 155 -66.49 3.00 -30.82
N LYS A 156 -65.45 3.78 -31.15
CA LYS A 156 -65.66 4.94 -32.01
C LYS A 156 -64.54 5.16 -33.02
N ASP A 157 -63.63 4.18 -33.16
CA ASP A 157 -62.46 4.36 -34.05
C ASP A 157 -62.88 4.24 -35.52
N LEU A 158 -63.45 3.11 -35.92
CA LEU A 158 -63.79 2.90 -37.36
C LEU A 158 -64.66 4.06 -37.86
N SER A 159 -65.69 4.43 -37.09
CA SER A 159 -66.54 5.59 -37.46
C SER A 159 -65.64 6.76 -37.85
N LEU A 160 -64.88 7.29 -36.88
CA LEU A 160 -63.97 8.39 -37.18
C LEU A 160 -63.15 8.10 -38.43
N ILE A 161 -62.75 6.84 -38.60
CA ILE A 161 -61.96 6.46 -39.77
C ILE A 161 -62.79 6.59 -41.05
N GLN A 162 -64.04 6.12 -41.02
CA GLN A 162 -64.96 6.25 -42.15
C GLN A 162 -65.24 7.72 -42.48
N SER A 163 -65.40 8.54 -41.44
CA SER A 163 -65.55 9.99 -41.61
C SER A 163 -64.32 10.61 -42.29
N ALA A 164 -63.13 10.23 -41.85
CA ALA A 164 -61.90 10.75 -42.45
C ALA A 164 -61.75 10.31 -43.91
N LEU A 165 -62.19 9.09 -44.23
CA LEU A 165 -62.18 8.68 -45.64
C LEU A 165 -63.23 9.44 -46.44
N LYS A 166 -64.36 9.81 -45.82
CA LYS A 166 -65.33 10.66 -46.52
C LYS A 166 -64.77 12.05 -46.77
N PHE A 167 -63.97 12.57 -45.84
CA PHE A 167 -63.32 13.86 -46.07
C PHE A 167 -62.26 13.75 -47.17
N ILE A 168 -61.53 12.64 -47.20
CA ILE A 168 -60.55 12.41 -48.28
C ILE A 168 -61.27 12.22 -49.61
N GLU A 169 -62.46 11.63 -49.56
CA GLU A 169 -63.33 11.44 -50.71
C GLU A 169 -63.78 12.77 -51.31
N GLU A 170 -64.23 13.70 -50.46
CA GLU A 170 -64.78 14.97 -50.91
C GLU A 170 -63.76 16.09 -51.01
N ASN A 171 -62.52 15.88 -50.55
CA ASN A 171 -61.51 16.93 -50.57
C ASN A 171 -60.13 16.42 -51.01
N GLY A 172 -60.03 15.22 -51.56
CA GLY A 172 -58.86 14.82 -52.32
C GLY A 172 -57.70 14.34 -51.48
N ILE A 173 -56.71 13.77 -52.17
CA ILE A 173 -55.47 13.30 -51.57
C ILE A 173 -54.32 13.63 -52.52
N GLY A 174 -53.11 13.74 -51.97
CA GLY A 174 -51.92 13.89 -52.79
C GLY A 174 -51.48 15.32 -53.00
N GLY A 175 -51.15 15.67 -54.25
CA GLY A 175 -50.78 17.02 -54.61
C GLY A 175 -51.64 17.56 -55.73
N TRP A 176 -51.41 18.84 -56.04
CA TRP A 176 -52.15 19.62 -57.05
C TRP A 176 -53.66 19.59 -56.79
N LEU A 177 -54.03 19.97 -55.56
CA LEU A 177 -55.40 19.73 -55.10
C LEU A 177 -56.41 20.68 -55.71
N ASN A 178 -56.02 21.93 -55.96
CA ASN A 178 -56.95 22.91 -56.48
C ASN A 178 -57.25 22.73 -57.97
N LYS A 179 -56.44 21.93 -58.68
CA LYS A 179 -56.64 21.69 -60.10
C LYS A 179 -57.57 20.51 -60.38
N GLY A 180 -58.13 19.88 -59.35
CA GLY A 180 -59.00 18.74 -59.51
C GLY A 180 -58.33 17.39 -59.44
N TYR A 181 -57.02 17.35 -59.18
CA TYR A 181 -56.30 16.09 -59.10
C TYR A 181 -56.60 15.43 -57.75
N GLY A 182 -56.91 14.14 -57.78
CA GLY A 182 -57.07 13.36 -56.59
C GLY A 182 -58.47 13.00 -56.19
N ARG A 183 -59.41 12.92 -57.14
CA ARG A 183 -60.77 12.50 -56.84
C ARG A 183 -60.82 10.97 -56.90
N VAL A 184 -61.01 10.36 -55.73
CA VAL A 184 -60.86 8.91 -55.57
C VAL A 184 -62.20 8.32 -55.12
N SER A 185 -62.23 6.99 -55.00
CA SER A 185 -63.33 6.26 -54.40
C SER A 185 -62.77 5.25 -53.41
N PHE A 186 -63.59 4.90 -52.43
CA PHE A 186 -63.17 4.10 -51.28
C PHE A 186 -64.07 2.90 -51.07
N GLU A 187 -63.45 1.77 -50.72
CA GLU A 187 -64.14 0.58 -50.24
C GLU A 187 -63.43 0.08 -48.99
N VAL A 188 -64.14 -0.01 -47.87
CA VAL A 188 -63.45 -0.37 -46.59
C VAL A 188 -63.96 -1.70 -46.05
N LYS A 189 -63.07 -2.51 -45.49
CA LYS A 189 -63.49 -3.79 -44.85
C LYS A 189 -62.93 -3.82 -43.42
N SER A 190 -63.80 -3.99 -42.42
CA SER A 190 -63.34 -3.94 -41.00
C SER A 190 -63.58 -5.29 -40.33
N GLU A 191 -62.50 -6.03 -40.06
CA GLU A 191 -62.62 -7.38 -39.45
C GLU A 191 -61.74 -7.43 -38.19
N ASP A 192 -62.34 -7.29 -37.00
CA ASP A 192 -61.54 -7.40 -35.80
C ASP A 192 -60.91 -8.78 -35.69
N VAL A 193 -59.62 -8.80 -35.36
CA VAL A 193 -58.85 -10.03 -35.30
C VAL A 193 -58.09 -10.07 -33.99
N ALA A 194 -57.96 -11.26 -33.41
CA ALA A 194 -57.25 -11.43 -32.16
C ALA A 194 -55.76 -11.18 -32.34
N THR A 195 -55.11 -10.77 -31.27
CA THR A 195 -53.69 -10.43 -31.34
C THR A 195 -52.81 -11.68 -31.41
N ASP A 196 -53.27 -12.80 -30.87
CA ASP A 196 -52.51 -14.05 -30.89
C ASP A 196 -52.93 -14.96 -32.04
N ARG A 197 -53.25 -14.35 -33.19
CA ARG A 197 -53.77 -15.06 -34.36
C ARG A 197 -52.71 -15.86 -35.10
N PHE A 198 -51.43 -15.51 -34.96
CA PHE A 198 -50.37 -16.32 -35.55
C PHE A 198 -49.67 -17.25 -34.56
N LEU A 199 -50.15 -17.36 -33.32
CA LEU A 199 -49.52 -18.23 -32.32
C LEU A 199 -49.83 -19.72 -32.51
N LYS A 200 -50.49 -20.11 -33.59
CA LYS A 200 -50.74 -21.53 -33.83
C LYS A 200 -49.46 -22.25 -34.27
N ALA B 2 -26.21 -28.48 -24.95
CA ALA B 2 -26.68 -29.77 -25.43
C ALA B 2 -25.84 -30.26 -26.60
N LYS B 3 -26.24 -31.39 -27.17
CA LYS B 3 -25.62 -31.96 -28.36
C LYS B 3 -26.24 -31.43 -29.64
N THR B 4 -27.15 -30.47 -29.54
CA THR B 4 -28.03 -30.06 -30.62
C THR B 4 -28.24 -28.56 -30.55
N MET B 5 -28.15 -27.88 -31.70
CA MET B 5 -28.53 -26.48 -31.83
C MET B 5 -29.46 -26.30 -33.01
N LYS B 6 -30.17 -25.17 -33.02
CA LYS B 6 -31.14 -24.86 -34.06
C LYS B 6 -30.68 -23.60 -34.81
N LYS B 7 -30.56 -23.71 -36.13
CA LYS B 7 -30.26 -22.57 -36.99
C LYS B 7 -31.53 -22.14 -37.70
N ILE B 8 -31.83 -20.85 -37.62
CA ILE B 8 -32.97 -20.26 -38.32
C ILE B 8 -32.40 -19.17 -39.22
N TYR B 9 -32.24 -19.48 -40.50
CA TYR B 9 -31.80 -18.48 -41.47
C TYR B 9 -33.02 -17.68 -41.94
N VAL B 10 -32.98 -16.38 -41.72
CA VAL B 10 -34.11 -15.49 -41.93
C VAL B 10 -33.75 -14.53 -43.05
N THR B 11 -34.54 -14.54 -44.12
CA THR B 11 -34.34 -13.63 -45.25
C THR B 11 -35.53 -12.68 -45.26
N MET B 12 -35.26 -11.38 -45.19
CA MET B 12 -36.29 -10.36 -45.11
C MET B 12 -36.36 -9.59 -46.43
N LYS B 13 -37.50 -9.66 -47.09
CA LYS B 13 -37.76 -8.86 -48.28
C LYS B 13 -38.73 -7.76 -47.88
N THR B 14 -38.26 -6.52 -47.88
CA THR B 14 -39.09 -5.40 -47.48
C THR B 14 -40.07 -5.02 -48.59
N LEU B 15 -41.25 -4.55 -48.18
CA LEU B 15 -42.32 -4.22 -49.10
C LEU B 15 -42.66 -2.74 -49.12
N SER B 16 -42.49 -2.06 -47.98
CA SER B 16 -42.67 -0.63 -47.83
C SER B 16 -41.28 -0.01 -47.68
N PRO B 17 -41.12 1.31 -47.79
CA PRO B 17 -39.84 1.91 -47.41
C PRO B 17 -39.56 1.70 -45.93
N LEU B 18 -38.28 1.54 -45.59
CA LEU B 18 -37.90 1.18 -44.25
C LEU B 18 -36.98 2.24 -43.66
N TYR B 19 -37.19 2.56 -42.38
CA TYR B 19 -36.35 3.50 -41.66
C TYR B 19 -35.95 2.91 -40.33
N THR B 20 -34.66 2.92 -40.04
CA THR B 20 -34.13 2.66 -38.72
C THR B 20 -33.05 3.69 -38.44
N GLY B 21 -33.24 4.49 -37.40
CA GLY B 21 -32.40 5.67 -37.21
C GLY B 21 -30.99 5.31 -36.77
N GLU B 22 -30.03 6.12 -37.22
CA GLU B 22 -28.64 5.92 -36.86
C GLU B 22 -28.44 6.21 -35.39
N VAL B 23 -27.52 5.48 -34.76
CA VAL B 23 -27.44 5.48 -33.32
C VAL B 23 -26.08 6.03 -32.89
N ARG B 24 -25.08 5.87 -33.76
CA ARG B 24 -23.74 6.33 -33.47
C ARG B 24 -23.68 7.85 -33.55
N ARG B 25 -23.17 8.48 -32.48
CA ARG B 25 -23.23 9.95 -32.36
C ARG B 25 -22.36 10.64 -33.39
N GLU B 26 -21.17 10.10 -33.65
CA GLU B 26 -20.26 10.69 -34.64
C GLU B 26 -20.82 10.55 -36.06
N ASP B 27 -21.38 9.37 -36.38
CA ASP B 27 -21.99 9.18 -37.68
C ASP B 27 -23.31 9.93 -37.83
N LYS B 28 -23.93 10.35 -36.74
CA LYS B 28 -25.06 11.27 -36.83
C LYS B 28 -24.64 12.72 -37.00
N GLU B 29 -23.54 13.14 -36.36
CA GLU B 29 -23.07 14.51 -36.55
C GLU B 29 -22.41 14.70 -37.92
N ALA B 30 -21.91 13.60 -38.51
CA ALA B 30 -21.45 13.68 -39.89
C ALA B 30 -22.60 13.59 -40.89
N ALA B 31 -23.85 13.43 -40.43
CA ALA B 31 -24.98 13.22 -41.31
C ALA B 31 -26.02 14.33 -41.23
N GLN B 32 -26.28 14.83 -40.01
CA GLN B 32 -27.40 15.73 -39.75
C GLN B 32 -27.21 17.12 -40.35
N LYS B 33 -26.00 17.43 -40.85
CA LYS B 33 -25.87 18.55 -41.78
C LYS B 33 -26.68 18.32 -43.04
N ARG B 34 -26.62 17.09 -43.59
CA ARG B 34 -27.39 16.76 -44.77
C ARG B 34 -28.62 15.91 -44.45
N VAL B 35 -28.44 14.77 -43.81
CA VAL B 35 -29.58 13.91 -43.48
C VAL B 35 -29.88 13.94 -41.99
N ASN B 36 -30.99 14.59 -41.67
CA ASN B 36 -31.41 14.84 -40.29
C ASN B 36 -32.08 13.61 -39.65
N PHE B 37 -32.45 12.62 -40.45
CA PHE B 37 -32.88 11.31 -39.98
C PHE B 37 -32.01 10.24 -40.64
N PRO B 38 -30.79 10.03 -40.14
CA PRO B 38 -29.88 9.10 -40.81
C PRO B 38 -30.21 7.64 -40.49
N VAL B 39 -30.03 6.79 -41.51
CA VAL B 39 -30.30 5.36 -41.41
C VAL B 39 -29.22 4.71 -40.56
N ARG B 40 -29.61 3.73 -39.72
CA ARG B 40 -28.64 2.93 -38.99
C ARG B 40 -27.81 2.13 -39.97
N LYS B 41 -26.53 2.49 -40.10
CA LYS B 41 -25.66 1.95 -41.13
C LYS B 41 -24.38 1.42 -40.52
N THR B 42 -23.82 0.43 -41.19
CA THR B 42 -22.55 -0.15 -40.78
C THR B 42 -21.40 0.69 -41.30
N ALA B 43 -20.21 0.44 -40.73
CA ALA B 43 -19.00 1.03 -41.30
C ALA B 43 -18.53 0.30 -42.55
N THR B 44 -19.05 -0.90 -42.80
CA THR B 44 -18.89 -1.60 -44.07
C THR B 44 -20.02 -1.30 -45.05
N ASN B 45 -20.51 -0.04 -45.04
CA ASN B 45 -21.65 0.60 -45.73
C ASN B 45 -22.79 -0.35 -46.08
N LYS B 46 -23.38 -0.97 -45.05
CA LYS B 46 -24.58 -1.79 -45.17
C LYS B 46 -25.59 -1.32 -44.15
N VAL B 47 -26.84 -1.71 -44.32
CA VAL B 47 -27.92 -1.26 -43.45
C VAL B 47 -28.09 -2.25 -42.32
N LEU B 48 -28.10 -1.74 -41.09
CA LEU B 48 -28.26 -2.54 -39.88
C LEU B 48 -29.65 -2.31 -39.30
N ILE B 49 -30.30 -3.40 -38.90
CA ILE B 49 -31.59 -3.34 -38.19
C ILE B 49 -31.49 -4.16 -36.91
N PRO B 50 -31.87 -3.63 -35.76
CA PRO B 50 -31.96 -4.45 -34.54
C PRO B 50 -33.09 -5.47 -34.65
N PHE B 51 -32.74 -6.74 -34.62
CA PHE B 51 -33.69 -7.82 -34.82
C PHE B 51 -34.18 -8.44 -33.52
N LYS B 52 -33.31 -8.62 -32.54
CA LYS B 52 -33.77 -8.94 -31.20
C LYS B 52 -34.45 -7.73 -30.60
N GLY B 53 -35.43 -7.98 -29.73
CA GLY B 53 -36.22 -6.89 -29.21
C GLY B 53 -37.50 -6.71 -29.98
N ALA B 54 -37.42 -6.65 -31.31
CA ALA B 54 -38.62 -6.71 -32.13
C ALA B 54 -39.30 -8.07 -31.99
N LEU B 55 -38.50 -9.14 -32.00
CA LEU B 55 -39.01 -10.48 -31.71
C LEU B 55 -39.52 -10.58 -30.28
N ARG B 56 -38.79 -10.00 -29.33
CA ARG B 56 -39.18 -10.08 -27.93
C ARG B 56 -40.45 -9.28 -27.66
N SER B 57 -40.57 -8.08 -28.24
CA SER B 57 -41.80 -7.31 -28.11
C SER B 57 -42.98 -8.01 -28.77
N ALA B 58 -42.74 -8.61 -29.96
CA ALA B 58 -43.80 -9.33 -30.66
C ALA B 58 -44.30 -10.53 -29.84
N LEU B 59 -43.38 -11.32 -29.30
CA LEU B 59 -43.78 -12.49 -28.54
C LEU B 59 -44.36 -12.11 -27.19
N GLU B 60 -43.91 -11.01 -26.58
CA GLU B 60 -44.51 -10.55 -25.33
C GLU B 60 -45.95 -10.08 -25.55
N ILE B 61 -46.20 -9.36 -26.64
CA ILE B 61 -47.56 -8.90 -26.94
C ILE B 61 -48.49 -10.07 -27.24
N MET B 62 -48.05 -11.02 -28.09
CA MET B 62 -48.87 -12.20 -28.38
C MET B 62 -49.09 -13.09 -27.16
N LEU B 63 -48.06 -13.30 -26.35
CA LEU B 63 -48.18 -14.20 -25.22
C LEU B 63 -48.95 -13.55 -24.06
N LYS B 64 -48.96 -12.23 -23.98
CA LYS B 64 -49.85 -11.56 -23.04
C LYS B 64 -51.29 -11.63 -23.54
N ALA B 65 -51.48 -11.60 -24.87
CA ALA B 65 -52.82 -11.71 -25.44
C ALA B 65 -53.41 -13.10 -25.24
N LYS B 66 -52.60 -14.14 -25.39
CA LYS B 66 -53.11 -15.50 -25.19
C LYS B 66 -53.34 -15.79 -23.71
N GLY B 67 -52.53 -15.21 -22.83
CA GLY B 67 -52.72 -15.39 -21.40
C GLY B 67 -51.61 -16.10 -20.67
N GLU B 68 -50.44 -16.25 -21.28
CA GLU B 68 -49.30 -16.82 -20.58
C GLU B 68 -48.76 -15.86 -19.53
N ASN B 69 -47.99 -16.39 -18.59
CA ASN B 69 -47.49 -15.65 -17.43
C ASN B 69 -46.20 -14.88 -17.73
N VAL B 70 -46.19 -14.23 -18.89
CA VAL B 70 -45.01 -13.56 -19.41
C VAL B 70 -44.88 -12.19 -18.75
N CYS B 71 -43.66 -11.87 -18.36
CA CYS B 71 -43.35 -10.53 -17.88
C CYS B 71 -43.13 -9.60 -19.06
N ASP B 72 -43.53 -8.35 -18.89
CA ASP B 72 -43.33 -7.34 -19.92
C ASP B 72 -42.04 -6.59 -19.60
N THR B 73 -41.09 -6.62 -20.53
CA THR B 73 -39.81 -5.95 -20.36
C THR B 73 -39.78 -4.59 -21.04
N GLY B 74 -40.93 -4.02 -21.36
CA GLY B 74 -40.99 -2.73 -22.02
C GLY B 74 -41.18 -1.59 -21.06
N GLU B 75 -41.64 -1.89 -19.84
CA GLU B 75 -41.76 -0.87 -18.81
C GLU B 75 -40.38 -0.42 -18.36
N SER B 76 -40.36 0.76 -17.74
CA SER B 76 -39.11 1.42 -17.37
C SER B 76 -38.33 0.61 -16.35
N ARG B 77 -37.12 0.19 -16.74
CA ARG B 77 -36.18 -0.60 -15.94
C ARG B 77 -36.82 -1.90 -15.45
N ALA B 78 -37.62 -2.53 -16.31
CA ALA B 78 -38.32 -3.74 -15.95
C ALA B 78 -37.36 -4.93 -15.88
N ARG B 79 -37.49 -5.71 -14.82
CA ARG B 79 -36.65 -6.88 -14.63
C ARG B 79 -37.36 -8.10 -15.19
N PRO B 80 -36.74 -8.85 -16.11
CA PRO B 80 -37.34 -10.10 -16.59
C PRO B 80 -37.47 -11.12 -15.47
N CYS B 81 -38.55 -11.90 -15.53
CA CYS B 81 -38.88 -12.82 -14.44
C CYS B 81 -37.93 -14.02 -14.41
N GLY B 82 -37.69 -14.63 -15.57
CA GLY B 82 -36.85 -15.81 -15.64
C GLY B 82 -37.62 -17.12 -15.74
N ARG B 83 -38.94 -17.08 -15.74
CA ARG B 83 -39.76 -18.28 -15.75
C ARG B 83 -40.54 -18.49 -17.04
N CYS B 84 -40.90 -17.41 -17.74
CA CYS B 84 -41.69 -17.54 -18.95
C CYS B 84 -40.81 -17.96 -20.12
N VAL B 85 -41.46 -18.28 -21.24
CA VAL B 85 -40.74 -18.83 -22.38
C VAL B 85 -39.99 -17.74 -23.15
N THR B 86 -40.42 -16.48 -23.06
CA THR B 86 -39.63 -15.39 -23.62
C THR B 86 -38.35 -15.15 -22.83
N CYS B 87 -38.38 -15.41 -21.52
CA CYS B 87 -37.16 -15.31 -20.71
C CYS B 87 -36.19 -16.43 -21.06
N SER B 88 -36.69 -17.62 -21.37
CA SER B 88 -35.82 -18.72 -21.76
C SER B 88 -35.28 -18.51 -23.18
N LEU B 89 -36.11 -17.95 -24.07
CA LEU B 89 -35.68 -17.75 -25.45
C LEU B 89 -34.77 -16.54 -25.58
N PHE B 90 -35.26 -15.37 -25.18
CA PHE B 90 -34.53 -14.14 -25.48
C PHE B 90 -33.65 -13.67 -24.33
N GLY B 91 -34.10 -13.81 -23.09
CA GLY B 91 -33.18 -13.53 -22.00
C GLY B 91 -33.81 -13.18 -20.68
N SER B 92 -33.15 -13.61 -19.61
CA SER B 92 -33.58 -13.23 -18.25
C SER B 92 -32.44 -12.40 -17.66
N MET B 93 -32.51 -12.01 -16.40
CA MET B 93 -31.47 -11.12 -15.84
C MET B 93 -30.35 -11.97 -15.26
N GLY B 94 -30.57 -13.27 -15.16
CA GLY B 94 -29.52 -14.18 -14.68
C GLY B 94 -29.19 -15.19 -15.75
N ARG B 95 -30.17 -15.99 -16.17
CA ARG B 95 -29.94 -16.89 -17.29
C ARG B 95 -30.06 -16.15 -18.61
N ALA B 96 -29.07 -16.33 -19.48
CA ALA B 96 -29.08 -15.66 -20.78
C ALA B 96 -30.10 -16.31 -21.71
N GLY B 97 -30.36 -15.64 -22.83
CA GLY B 97 -31.28 -16.16 -23.81
C GLY B 97 -30.65 -17.27 -24.62
N ARG B 98 -31.41 -18.35 -24.83
CA ARG B 98 -30.93 -19.45 -25.66
C ARG B 98 -30.93 -19.04 -27.13
N ALA B 99 -31.88 -18.21 -27.53
CA ALA B 99 -31.98 -17.75 -28.91
C ALA B 99 -31.15 -16.49 -29.05
N SER B 100 -29.96 -16.62 -29.63
CA SER B 100 -29.13 -15.48 -29.99
C SER B 100 -29.55 -15.00 -31.37
N VAL B 101 -29.99 -13.75 -31.44
CA VAL B 101 -30.61 -13.20 -32.64
C VAL B 101 -29.62 -12.22 -33.27
N ASP B 102 -29.14 -12.56 -34.46
CA ASP B 102 -28.20 -11.72 -35.17
C ASP B 102 -28.91 -10.50 -35.76
N PHE B 103 -28.14 -9.44 -35.99
CA PHE B 103 -28.65 -8.25 -36.66
C PHE B 103 -29.06 -8.56 -38.09
N LEU B 104 -29.94 -7.73 -38.64
CA LEU B 104 -30.40 -7.86 -40.01
C LEU B 104 -29.45 -7.08 -40.90
N ILE B 105 -28.37 -7.73 -41.32
CA ILE B 105 -27.44 -7.14 -42.27
C ILE B 105 -28.11 -7.12 -43.64
N SER B 106 -27.82 -6.09 -44.42
CA SER B 106 -28.31 -6.04 -45.80
C SER B 106 -27.24 -6.60 -46.73
N ASN B 107 -27.67 -7.40 -47.71
CA ASN B 107 -26.71 -7.99 -48.64
C ASN B 107 -26.15 -6.96 -49.61
N ASP B 108 -26.93 -5.95 -49.96
CA ASP B 108 -26.47 -4.94 -50.90
C ASP B 108 -25.92 -3.72 -50.16
N THR B 109 -25.00 -3.01 -50.82
CA THR B 109 -24.29 -1.90 -50.21
C THR B 109 -25.20 -0.67 -50.08
N LYS B 110 -24.65 0.38 -49.46
CA LYS B 110 -25.41 1.58 -49.10
C LYS B 110 -25.94 2.33 -50.33
N GLU B 111 -25.13 2.47 -51.38
CA GLU B 111 -25.49 3.31 -52.52
C GLU B 111 -26.61 2.73 -53.36
N GLN B 112 -26.99 1.47 -53.13
CA GLN B 112 -28.03 0.84 -53.93
C GLN B 112 -29.36 0.68 -53.21
N ILE B 113 -29.44 0.90 -51.90
CA ILE B 113 -30.69 0.82 -51.17
C ILE B 113 -31.00 2.11 -50.40
N VAL B 114 -29.99 2.70 -49.76
CA VAL B 114 -30.18 3.92 -48.99
C VAL B 114 -30.46 5.09 -49.94
N ARG B 115 -31.54 5.82 -49.68
CA ARG B 115 -31.99 6.91 -50.51
C ARG B 115 -32.43 8.06 -49.63
N GLU B 116 -32.39 9.29 -50.16
CA GLU B 116 -32.80 10.46 -49.39
C GLU B 116 -34.20 10.90 -49.81
N SER B 117 -35.05 11.17 -48.82
CA SER B 117 -36.42 11.60 -49.05
C SER B 117 -36.66 12.91 -48.33
N THR B 118 -37.70 13.64 -48.76
CA THR B 118 -38.09 14.91 -48.14
C THR B 118 -39.53 14.79 -47.67
N HIS B 119 -39.73 14.71 -46.36
CA HIS B 119 -41.07 14.67 -45.78
C HIS B 119 -41.47 16.06 -45.34
N LEU B 120 -42.79 16.28 -45.23
CA LEU B 120 -43.31 17.62 -44.97
C LEU B 120 -44.26 17.63 -43.78
N ARG B 121 -44.70 18.85 -43.47
CA ARG B 121 -45.76 19.14 -42.50
C ARG B 121 -46.50 20.36 -43.05
N ILE B 122 -47.73 20.14 -43.52
CA ILE B 122 -48.54 21.21 -44.11
C ILE B 122 -49.36 21.90 -43.00
N GLU B 123 -49.65 23.18 -43.22
CA GLU B 123 -50.47 24.03 -42.37
C GLU B 123 -51.95 23.67 -42.34
N ARG B 124 -52.37 22.61 -43.04
CA ARG B 124 -53.73 22.05 -43.05
C ARG B 124 -54.70 23.02 -43.72
N GLN B 125 -55.26 23.94 -42.93
CA GLN B 125 -56.31 24.84 -43.41
C GLN B 125 -55.84 25.78 -44.52
N THR B 126 -54.56 26.17 -44.51
CA THR B 126 -54.07 27.04 -45.58
C THR B 126 -53.57 26.24 -46.78
N LYS B 127 -53.36 24.93 -46.60
CA LYS B 127 -52.80 24.00 -47.58
C LYS B 127 -51.42 24.43 -48.08
N SER B 128 -50.62 25.07 -47.23
CA SER B 128 -49.30 25.55 -47.59
C SER B 128 -48.26 24.82 -46.75
N ALA B 129 -47.13 24.47 -47.38
CA ALA B 129 -46.04 23.77 -46.71
C ALA B 129 -45.44 24.62 -45.59
N SER B 130 -45.39 24.05 -44.39
CA SER B 130 -44.81 24.69 -43.22
C SER B 130 -43.43 24.13 -42.88
N ASP B 131 -43.33 22.82 -42.70
CA ASP B 131 -42.06 22.21 -42.33
C ASP B 131 -41.60 21.26 -43.43
N THR B 132 -40.29 21.23 -43.64
CA THR B 132 -39.67 20.40 -44.66
C THR B 132 -38.41 19.79 -44.07
N PHE B 133 -38.33 18.46 -44.06
CA PHE B 133 -37.16 17.82 -43.47
C PHE B 133 -36.75 16.63 -44.32
N LYS B 134 -35.43 16.50 -44.52
CA LYS B 134 -34.85 15.59 -45.52
C LYS B 134 -34.35 14.34 -44.81
N GLY B 135 -35.24 13.35 -44.67
CA GLY B 135 -34.91 12.10 -44.05
C GLY B 135 -34.25 11.14 -45.02
N GLU B 136 -34.04 9.91 -44.56
CA GLU B 136 -33.27 8.93 -45.29
C GLU B 136 -33.88 7.57 -45.03
N GLU B 137 -33.98 6.73 -46.06
CA GLU B 137 -34.71 5.48 -45.90
C GLU B 137 -34.21 4.43 -46.90
N VAL B 138 -34.55 3.18 -46.59
CA VAL B 138 -34.18 2.02 -47.40
C VAL B 138 -35.31 1.73 -48.37
N ILE B 139 -34.97 1.46 -49.63
CA ILE B 139 -36.01 1.21 -50.63
C ILE B 139 -36.55 -0.20 -50.50
N GLU B 140 -37.60 -0.47 -51.25
CA GLU B 140 -38.38 -1.69 -51.21
C GLU B 140 -37.82 -2.71 -52.20
N GLY B 141 -38.01 -3.98 -51.88
CA GLY B 141 -37.30 -5.03 -52.57
C GLY B 141 -35.91 -5.29 -52.04
N ALA B 142 -35.49 -4.59 -51.00
CA ALA B 142 -34.20 -4.84 -50.36
C ALA B 142 -34.24 -6.15 -49.58
N THR B 143 -33.14 -6.89 -49.63
CA THR B 143 -33.06 -8.20 -49.02
C THR B 143 -32.09 -8.14 -47.85
N PHE B 144 -32.56 -8.56 -46.68
CA PHE B 144 -31.78 -8.55 -45.45
C PHE B 144 -31.62 -9.98 -44.96
N THR B 145 -30.54 -10.24 -44.23
CA THR B 145 -30.23 -11.59 -43.78
C THR B 145 -29.94 -11.59 -42.29
N ALA B 146 -30.44 -12.62 -41.61
CA ALA B 146 -30.14 -12.82 -40.19
C ALA B 146 -30.08 -14.31 -39.91
N THR B 147 -29.41 -14.65 -38.81
CA THR B 147 -29.26 -16.04 -38.39
C THR B 147 -29.55 -16.13 -36.91
N ILE B 148 -30.64 -16.81 -36.55
CA ILE B 148 -31.03 -17.01 -35.16
C ILE B 148 -30.51 -18.36 -34.72
N THR B 149 -29.72 -18.38 -33.65
CA THR B 149 -29.07 -19.60 -33.17
C THR B 149 -29.65 -19.94 -31.80
N ILE B 150 -30.26 -21.11 -31.69
CA ILE B 150 -30.87 -21.56 -30.44
C ILE B 150 -29.98 -22.67 -29.87
N SER B 151 -29.41 -22.41 -28.68
CA SER B 151 -28.40 -23.25 -28.07
C SER B 151 -28.97 -24.54 -27.50
N ASN B 152 -29.95 -24.42 -26.60
CA ASN B 152 -30.67 -25.59 -26.09
C ASN B 152 -32.08 -25.56 -26.65
N PRO B 153 -32.32 -26.17 -27.81
CA PRO B 153 -33.63 -26.03 -28.45
C PRO B 153 -34.71 -26.83 -27.75
N GLN B 154 -35.93 -26.32 -27.81
CA GLN B 154 -37.11 -27.03 -27.37
C GLN B 154 -38.07 -27.08 -28.55
N GLU B 155 -39.18 -27.83 -28.37
CA GLU B 155 -40.12 -28.02 -29.46
C GLU B 155 -40.90 -26.73 -29.76
N LYS B 156 -41.17 -25.94 -28.74
CA LYS B 156 -41.90 -24.67 -28.91
C LYS B 156 -40.92 -23.51 -29.05
N ASP B 157 -40.01 -23.65 -30.01
CA ASP B 157 -39.02 -22.60 -30.25
C ASP B 157 -39.13 -22.04 -31.67
N LEU B 158 -39.17 -22.91 -32.67
CA LEU B 158 -39.26 -22.47 -34.06
C LEU B 158 -40.63 -21.88 -34.36
N SER B 159 -41.68 -22.47 -33.78
CA SER B 159 -43.03 -21.97 -33.99
C SER B 159 -43.23 -20.59 -33.37
N LEU B 160 -42.61 -20.36 -32.21
CA LEU B 160 -42.73 -19.06 -31.55
C LEU B 160 -42.00 -17.96 -32.33
N ILE B 161 -40.82 -18.30 -32.87
CA ILE B 161 -40.07 -17.36 -33.69
C ILE B 161 -40.81 -17.06 -34.98
N GLN B 162 -41.43 -18.08 -35.58
CA GLN B 162 -42.20 -17.86 -36.81
C GLN B 162 -43.46 -17.04 -36.54
N SER B 163 -44.08 -17.23 -35.36
CA SER B 163 -45.22 -16.41 -34.96
C SER B 163 -44.82 -14.95 -34.75
N ALA B 164 -43.64 -14.73 -34.14
CA ALA B 164 -43.15 -13.38 -33.94
C ALA B 164 -42.81 -12.70 -35.27
N LEU B 165 -42.27 -13.44 -36.24
CA LEU B 165 -42.11 -12.87 -37.58
C LEU B 165 -43.42 -12.65 -38.31
N LYS B 166 -44.44 -13.47 -38.08
CA LYS B 166 -45.75 -13.16 -38.66
C LYS B 166 -46.41 -11.94 -38.02
N PHE B 167 -46.07 -11.63 -36.77
CA PHE B 167 -46.44 -10.35 -36.16
C PHE B 167 -45.66 -9.18 -36.76
N ILE B 168 -44.35 -9.36 -36.95
CA ILE B 168 -43.49 -8.28 -37.45
C ILE B 168 -43.82 -7.98 -38.92
N GLU B 169 -44.25 -8.99 -39.68
CA GLU B 169 -44.80 -8.74 -41.01
C GLU B 169 -46.06 -7.90 -40.95
N GLU B 170 -46.88 -8.08 -39.92
CA GLU B 170 -48.16 -7.38 -39.89
C GLU B 170 -47.99 -5.93 -39.46
N ASN B 171 -47.18 -5.67 -38.42
CA ASN B 171 -47.05 -4.29 -37.93
C ASN B 171 -45.74 -3.59 -38.28
N GLY B 172 -44.78 -4.28 -38.87
CA GLY B 172 -43.60 -3.58 -39.34
C GLY B 172 -42.42 -3.69 -38.39
N ILE B 173 -41.23 -3.42 -38.94
CA ILE B 173 -39.99 -3.42 -38.19
C ILE B 173 -39.29 -2.09 -38.42
N GLY B 174 -38.42 -1.72 -37.48
CA GLY B 174 -37.71 -0.46 -37.58
C GLY B 174 -38.47 0.70 -36.96
N GLY B 175 -38.40 1.88 -37.59
CA GLY B 175 -39.03 3.07 -37.09
C GLY B 175 -40.11 3.58 -38.03
N TRP B 176 -40.92 4.51 -37.49
CA TRP B 176 -42.06 5.15 -38.18
C TRP B 176 -43.06 4.12 -38.70
N LEU B 177 -43.39 3.15 -37.86
CA LEU B 177 -44.35 2.10 -38.25
C LEU B 177 -45.76 2.63 -38.35
N ASN B 178 -46.06 3.77 -37.72
CA ASN B 178 -47.40 4.32 -37.74
C ASN B 178 -47.77 4.91 -39.09
N LYS B 179 -46.83 5.54 -39.78
CA LYS B 179 -47.10 6.19 -41.05
C LYS B 179 -46.95 5.26 -42.24
N GLY B 180 -46.55 4.00 -42.02
CA GLY B 180 -46.48 3.03 -43.08
C GLY B 180 -45.11 2.55 -43.46
N TYR B 181 -44.10 2.71 -42.60
CA TYR B 181 -42.75 2.26 -42.88
C TYR B 181 -42.44 0.96 -42.16
N GLY B 182 -41.68 0.09 -42.84
CA GLY B 182 -41.19 -1.13 -42.26
C GLY B 182 -41.97 -2.38 -42.56
N ARG B 183 -42.94 -2.32 -43.48
CA ARG B 183 -43.76 -3.48 -43.77
C ARG B 183 -42.96 -4.48 -44.60
N VAL B 184 -42.72 -5.67 -44.04
CA VAL B 184 -41.74 -6.60 -44.57
C VAL B 184 -42.37 -7.98 -44.71
N SER B 185 -41.61 -8.89 -45.32
CA SER B 185 -41.97 -10.29 -45.43
C SER B 185 -40.74 -11.13 -45.13
N PHE B 186 -40.96 -12.30 -44.55
CA PHE B 186 -39.86 -13.16 -44.10
C PHE B 186 -39.94 -14.53 -44.75
N GLU B 187 -38.79 -15.03 -45.17
CA GLU B 187 -38.60 -16.40 -45.59
C GLU B 187 -37.70 -17.09 -44.57
N VAL B 188 -38.17 -18.19 -44.01
CA VAL B 188 -37.51 -18.84 -42.88
C VAL B 188 -37.06 -20.22 -43.34
N LYS B 189 -35.75 -20.47 -43.26
CA LYS B 189 -35.21 -21.80 -43.50
C LYS B 189 -34.55 -22.29 -42.20
N SER B 190 -35.13 -23.32 -41.60
CA SER B 190 -34.60 -23.86 -40.36
C SER B 190 -33.76 -25.10 -40.66
N GLU B 191 -32.84 -25.38 -39.74
CA GLU B 191 -31.95 -26.55 -39.84
C GLU B 191 -31.42 -26.85 -38.44
N ASP B 192 -31.64 -28.06 -37.93
CA ASP B 192 -31.11 -28.44 -36.60
C ASP B 192 -29.68 -28.93 -36.75
N VAL B 193 -28.69 -28.16 -36.31
CA VAL B 193 -27.26 -28.52 -36.51
C VAL B 193 -26.66 -29.02 -35.20
N ALA B 194 -25.69 -29.92 -35.26
CA ALA B 194 -25.03 -30.39 -34.05
C ALA B 194 -24.17 -29.29 -33.44
N THR B 195 -23.93 -29.40 -32.14
CA THR B 195 -23.05 -28.46 -31.46
C THR B 195 -21.58 -28.79 -31.69
N ASP B 196 -21.28 -29.96 -32.23
CA ASP B 196 -19.90 -30.40 -32.39
C ASP B 196 -19.54 -30.63 -33.85
N ARG B 197 -19.99 -29.75 -34.74
CA ARG B 197 -19.83 -29.97 -36.17
C ARG B 197 -18.55 -29.36 -36.73
N PHE B 198 -17.84 -28.54 -35.96
CA PHE B 198 -16.60 -27.94 -36.43
C PHE B 198 -15.36 -28.64 -35.90
N LEU B 199 -15.50 -29.52 -34.91
CA LEU B 199 -14.36 -30.18 -34.29
C LEU B 199 -13.66 -31.14 -35.24
N LYS B 200 -14.39 -31.87 -36.06
CA LYS B 200 -13.80 -32.81 -37.00
C LYS B 200 -14.71 -33.01 -38.21
N ALA C 2 37.39 -8.81 -12.61
CA ALA C 2 38.29 -8.26 -13.62
C ALA C 2 38.32 -6.74 -13.56
N LYS C 3 38.95 -6.13 -14.56
CA LYS C 3 39.06 -4.68 -14.64
C LYS C 3 37.89 -4.03 -15.37
N THR C 4 37.01 -4.81 -15.98
CA THR C 4 35.84 -4.30 -16.67
C THR C 4 34.58 -4.98 -16.14
N MET C 5 33.48 -4.26 -16.19
CA MET C 5 32.17 -4.78 -15.81
C MET C 5 31.16 -4.37 -16.88
N LYS C 6 30.13 -5.18 -17.07
CA LYS C 6 29.12 -4.92 -18.07
C LYS C 6 27.86 -4.40 -17.40
N LYS C 7 27.37 -3.24 -17.84
CA LYS C 7 26.13 -2.69 -17.35
C LYS C 7 25.13 -2.66 -18.48
N ILE C 8 24.01 -3.34 -18.30
CA ILE C 8 22.94 -3.42 -19.29
C ILE C 8 21.74 -2.70 -18.69
N TYR C 9 21.48 -1.49 -19.16
CA TYR C 9 20.29 -0.76 -18.75
C TYR C 9 19.12 -1.22 -19.60
N VAL C 10 18.12 -1.79 -18.96
CA VAL C 10 16.98 -2.43 -19.62
C VAL C 10 15.75 -1.57 -19.36
N THR C 11 15.10 -1.11 -20.42
CA THR C 11 13.90 -0.31 -20.35
C THR C 11 12.75 -1.13 -20.91
N MET C 12 11.70 -1.32 -20.12
CA MET C 12 10.53 -2.07 -20.52
C MET C 12 9.37 -1.13 -20.81
N LYS C 13 8.75 -1.29 -21.97
CA LYS C 13 7.46 -0.66 -22.26
C LYS C 13 6.41 -1.75 -22.28
N THR C 14 5.32 -1.54 -21.55
CA THR C 14 4.29 -2.55 -21.39
C THR C 14 3.28 -2.43 -22.53
N LEU C 15 3.04 -3.54 -23.24
CA LEU C 15 2.18 -3.54 -24.41
C LEU C 15 0.80 -4.15 -24.13
N SER C 16 0.71 -5.11 -23.23
CA SER C 16 -0.51 -5.77 -22.81
C SER C 16 -0.76 -5.37 -21.37
N PRO C 17 -1.89 -5.72 -20.74
CA PRO C 17 -2.00 -5.54 -19.28
C PRO C 17 -0.97 -6.38 -18.55
N LEU C 18 -0.56 -5.93 -17.38
CA LEU C 18 0.52 -6.58 -16.67
C LEU C 18 0.13 -6.79 -15.22
N TYR C 19 0.33 -8.01 -14.73
CA TYR C 19 0.05 -8.37 -13.35
C TYR C 19 1.22 -9.15 -12.78
N THR C 20 1.64 -8.77 -11.58
CA THR C 20 2.57 -9.56 -10.77
C THR C 20 2.07 -9.50 -9.34
N GLY C 21 1.71 -10.65 -8.78
CA GLY C 21 0.96 -10.67 -7.54
C GLY C 21 1.80 -10.28 -6.33
N GLU C 22 1.12 -9.71 -5.34
CA GLU C 22 1.77 -9.21 -4.15
C GLU C 22 2.26 -10.36 -3.29
N VAL C 23 3.49 -10.24 -2.78
CA VAL C 23 4.11 -11.30 -2.02
C VAL C 23 4.21 -11.00 -0.53
N ARG C 24 4.20 -9.73 -0.13
CA ARG C 24 4.24 -9.39 1.28
C ARG C 24 2.90 -9.72 1.92
N ARG C 25 2.93 -10.51 2.99
CA ARG C 25 1.70 -11.03 3.58
C ARG C 25 0.87 -9.93 4.22
N GLU C 26 1.53 -8.95 4.85
CA GLU C 26 0.81 -7.84 5.47
C GLU C 26 0.15 -6.95 4.42
N ASP C 27 0.87 -6.64 3.34
CA ASP C 27 0.32 -5.79 2.29
C ASP C 27 -0.77 -6.50 1.50
N LYS C 28 -0.58 -7.79 1.21
CA LYS C 28 -1.59 -8.57 0.52
C LYS C 28 -2.85 -8.72 1.38
N GLU C 29 -2.68 -9.03 2.67
CA GLU C 29 -3.81 -9.15 3.58
C GLU C 29 -4.50 -7.81 3.83
N ALA C 30 -3.78 -6.71 3.72
CA ALA C 30 -4.40 -5.39 3.77
C ALA C 30 -5.11 -5.03 2.47
N ALA C 31 -4.75 -5.68 1.36
CA ALA C 31 -5.40 -5.40 0.09
C ALA C 31 -6.52 -6.38 -0.26
N GLN C 32 -6.69 -7.48 0.48
CA GLN C 32 -7.74 -8.45 0.15
C GLN C 32 -9.13 -7.97 0.55
N LYS C 33 -9.23 -6.87 1.28
CA LYS C 33 -10.51 -6.25 1.57
C LYS C 33 -10.99 -5.34 0.45
N ARG C 34 -10.17 -5.14 -0.58
CA ARG C 34 -10.53 -4.33 -1.73
C ARG C 34 -10.31 -5.02 -3.07
N VAL C 35 -9.24 -5.80 -3.25
CA VAL C 35 -8.96 -6.51 -4.48
C VAL C 35 -8.57 -7.94 -4.15
N ASN C 36 -8.99 -8.87 -5.00
CA ASN C 36 -8.63 -10.26 -4.78
C ASN C 36 -7.25 -10.60 -5.33
N PHE C 37 -6.66 -9.72 -6.14
CA PHE C 37 -5.35 -9.95 -6.72
C PHE C 37 -4.58 -8.65 -6.76
N PRO C 38 -3.84 -8.33 -5.69
CA PRO C 38 -3.04 -7.10 -5.69
C PRO C 38 -1.80 -7.25 -6.55
N VAL C 39 -1.28 -6.12 -7.00
CA VAL C 39 -0.01 -6.05 -7.72
C VAL C 39 1.11 -5.92 -6.71
N ARG C 40 2.20 -6.68 -6.92
CA ARG C 40 3.44 -6.54 -6.18
C ARG C 40 3.95 -5.11 -6.27
N LYS C 41 3.98 -4.43 -5.12
CA LYS C 41 4.17 -2.99 -5.10
C LYS C 41 5.20 -2.62 -4.05
N THR C 42 5.88 -1.51 -4.30
CA THR C 42 6.85 -0.99 -3.36
C THR C 42 6.16 -0.27 -2.21
N ALA C 43 6.94 0.01 -1.16
CA ALA C 43 6.49 0.90 -0.10
C ALA C 43 6.62 2.36 -0.47
N THR C 44 7.39 2.68 -1.53
CA THR C 44 7.35 4.00 -2.15
C THR C 44 6.38 4.06 -3.32
N ASN C 45 5.37 3.17 -3.32
CA ASN C 45 4.20 3.18 -4.21
C ASN C 45 4.58 3.00 -5.68
N LYS C 46 5.66 2.29 -5.97
CA LYS C 46 6.00 1.89 -7.33
C LYS C 46 5.69 0.41 -7.49
N VAL C 47 6.05 -0.14 -8.65
CA VAL C 47 5.79 -1.55 -8.95
C VAL C 47 7.12 -2.22 -9.26
N LEU C 48 7.38 -3.34 -8.58
CA LEU C 48 8.59 -4.13 -8.83
C LEU C 48 8.20 -5.49 -9.38
N ILE C 49 9.02 -6.00 -10.30
CA ILE C 49 8.82 -7.30 -10.93
C ILE C 49 10.09 -8.11 -10.71
N PRO C 50 10.00 -9.38 -10.29
CA PRO C 50 11.19 -10.24 -10.31
C PRO C 50 11.68 -10.48 -11.73
N PHE C 51 13.01 -10.43 -11.90
CA PHE C 51 13.60 -10.38 -13.22
C PHE C 51 14.70 -11.41 -13.43
N LYS C 52 15.36 -11.83 -12.35
CA LYS C 52 16.42 -12.82 -12.49
C LYS C 52 15.85 -14.19 -12.85
N GLY C 53 14.73 -14.56 -12.22
CA GLY C 53 14.13 -15.85 -12.51
C GLY C 53 13.54 -15.94 -13.89
N ALA C 54 12.99 -14.83 -14.41
CA ALA C 54 12.46 -14.81 -15.77
C ALA C 54 13.57 -14.98 -16.81
N LEU C 55 14.69 -14.28 -16.60
CA LEU C 55 15.84 -14.40 -17.50
C LEU C 55 16.46 -15.79 -17.43
N ARG C 56 16.56 -16.35 -16.22
CA ARG C 56 17.13 -17.69 -16.07
C ARG C 56 16.22 -18.75 -16.67
N SER C 57 14.90 -18.63 -16.48
CA SER C 57 13.96 -19.57 -17.08
C SER C 57 13.99 -19.50 -18.60
N ALA C 58 14.05 -18.27 -19.14
CA ALA C 58 14.12 -18.08 -20.59
C ALA C 58 15.39 -18.69 -21.17
N LEU C 59 16.53 -18.40 -20.54
CA LEU C 59 17.81 -18.92 -21.06
C LEU C 59 17.91 -20.43 -20.90
N GLU C 60 17.35 -20.98 -19.83
CA GLU C 60 17.39 -22.43 -19.65
C GLU C 60 16.50 -23.15 -20.65
N ILE C 61 15.33 -22.60 -20.97
CA ILE C 61 14.46 -23.20 -21.98
C ILE C 61 15.11 -23.16 -23.36
N MET C 62 15.66 -22.00 -23.75
CA MET C 62 16.26 -21.93 -25.08
C MET C 62 17.56 -22.73 -25.19
N LEU C 63 18.40 -22.73 -24.15
CA LEU C 63 19.62 -23.50 -24.23
C LEU C 63 19.40 -25.00 -24.08
N LYS C 64 18.33 -25.42 -23.39
CA LYS C 64 17.97 -26.82 -23.39
C LYS C 64 17.42 -27.24 -24.75
N ALA C 65 16.70 -26.34 -25.41
CA ALA C 65 16.23 -26.60 -26.77
C ALA C 65 17.37 -26.66 -27.77
N LYS C 66 18.40 -25.83 -27.60
CA LYS C 66 19.55 -25.87 -28.50
C LYS C 66 20.37 -27.14 -28.33
N GLY C 67 20.31 -27.77 -27.15
CA GLY C 67 21.04 -28.98 -26.88
C GLY C 67 22.21 -28.83 -25.93
N GLU C 68 22.36 -27.69 -25.28
CA GLU C 68 23.48 -27.47 -24.39
C GLU C 68 23.26 -28.18 -23.06
N ASN C 69 24.35 -28.38 -22.33
CA ASN C 69 24.34 -29.10 -21.05
C ASN C 69 23.97 -28.14 -19.90
N VAL C 70 22.70 -27.75 -19.90
CA VAL C 70 22.17 -26.76 -18.97
C VAL C 70 21.21 -27.44 -18.02
N CYS C 71 21.42 -27.22 -16.72
CA CYS C 71 20.60 -27.83 -15.69
C CYS C 71 19.23 -27.17 -15.63
N ASP C 72 18.30 -27.87 -14.97
CA ASP C 72 16.96 -27.36 -14.71
C ASP C 72 16.87 -27.11 -13.22
N THR C 73 17.01 -25.84 -12.82
CA THR C 73 16.82 -25.48 -11.42
C THR C 73 15.38 -25.11 -11.11
N GLY C 74 14.44 -25.48 -11.96
CA GLY C 74 13.04 -25.23 -11.70
C GLY C 74 12.35 -26.43 -11.09
N GLU C 75 12.99 -27.59 -11.18
CA GLU C 75 12.47 -28.80 -10.55
C GLU C 75 12.61 -28.69 -9.04
N SER C 76 11.80 -29.50 -8.33
CA SER C 76 11.62 -29.38 -6.88
C SER C 76 12.89 -29.64 -6.09
N ARG C 77 13.40 -28.58 -5.45
CA ARG C 77 14.64 -28.58 -4.65
C ARG C 77 15.83 -29.09 -5.46
N ALA C 78 15.86 -28.71 -6.73
CA ALA C 78 16.96 -29.11 -7.61
C ALA C 78 18.17 -28.24 -7.36
N ARG C 79 19.35 -28.84 -7.48
CA ARG C 79 20.60 -28.11 -7.28
C ARG C 79 21.26 -27.82 -8.63
N PRO C 80 21.73 -26.60 -8.85
CA PRO C 80 22.51 -26.32 -10.05
C PRO C 80 23.86 -27.03 -9.98
N CYS C 81 24.33 -27.53 -11.11
CA CYS C 81 25.58 -28.27 -11.13
C CYS C 81 26.79 -27.35 -11.04
N GLY C 82 26.73 -26.17 -11.65
CA GLY C 82 27.83 -25.24 -11.62
C GLY C 82 28.68 -25.19 -12.87
N ARG C 83 28.30 -25.91 -13.92
CA ARG C 83 29.05 -25.92 -15.16
C ARG C 83 28.30 -25.33 -16.34
N CYS C 84 27.01 -25.02 -16.20
CA CYS C 84 26.23 -24.47 -17.29
C CYS C 84 26.62 -23.02 -17.55
N VAL C 85 26.15 -22.50 -18.69
CA VAL C 85 26.34 -21.09 -18.99
C VAL C 85 25.45 -20.24 -18.11
N THR C 86 24.22 -20.70 -17.86
CA THR C 86 23.33 -20.00 -16.93
C THR C 86 23.83 -20.09 -15.50
N CYS C 87 24.57 -21.16 -15.17
CA CYS C 87 25.20 -21.27 -13.87
C CYS C 87 26.32 -20.25 -13.72
N SER C 88 27.07 -20.00 -14.80
CA SER C 88 28.08 -18.96 -14.78
C SER C 88 27.45 -17.57 -14.75
N LEU C 89 26.30 -17.39 -15.39
CA LEU C 89 25.66 -16.08 -15.48
C LEU C 89 24.84 -15.77 -14.24
N PHE C 90 23.84 -16.60 -13.95
CA PHE C 90 22.90 -16.29 -12.88
C PHE C 90 23.32 -16.87 -11.54
N GLY C 91 23.84 -18.09 -11.50
CA GLY C 91 24.45 -18.55 -10.28
C GLY C 91 24.39 -20.05 -10.15
N SER C 92 25.16 -20.53 -9.17
CA SER C 92 25.19 -21.93 -8.79
C SER C 92 25.29 -22.01 -7.27
N MET C 93 25.23 -23.24 -6.76
CA MET C 93 25.31 -23.42 -5.31
C MET C 93 26.73 -23.18 -4.81
N GLY C 94 27.74 -23.43 -5.64
CA GLY C 94 29.10 -23.20 -5.26
C GLY C 94 29.48 -21.72 -5.24
N ARG C 95 29.31 -21.05 -6.38
CA ARG C 95 29.68 -19.65 -6.53
C ARG C 95 28.49 -18.84 -7.03
N ALA C 96 28.48 -17.56 -6.68
CA ALA C 96 27.41 -16.67 -7.10
C ALA C 96 27.55 -16.33 -8.58
N GLY C 97 26.44 -15.86 -9.15
CA GLY C 97 26.43 -15.52 -10.55
C GLY C 97 27.07 -14.18 -10.83
N ARG C 98 27.61 -14.06 -12.04
CA ARG C 98 28.22 -12.81 -12.47
C ARG C 98 27.17 -11.74 -12.72
N ALA C 99 26.04 -12.12 -13.32
CA ALA C 99 24.98 -11.17 -13.60
C ALA C 99 24.22 -10.83 -12.34
N SER C 100 24.08 -9.54 -12.06
CA SER C 100 23.37 -9.04 -10.89
C SER C 100 22.13 -8.31 -11.40
N VAL C 101 21.05 -9.05 -11.54
CA VAL C 101 19.82 -8.54 -12.12
C VAL C 101 19.01 -7.82 -11.04
N ASP C 102 18.52 -6.62 -11.36
CA ASP C 102 17.69 -5.86 -10.43
C ASP C 102 16.23 -6.23 -10.59
N PHE C 103 15.43 -5.79 -9.62
CA PHE C 103 13.99 -5.77 -9.81
C PHE C 103 13.61 -4.71 -10.84
N LEU C 104 12.48 -4.92 -11.49
CA LEU C 104 11.99 -3.97 -12.49
C LEU C 104 11.13 -2.92 -11.81
N ILE C 105 11.79 -1.91 -11.26
CA ILE C 105 11.08 -0.81 -10.62
C ILE C 105 10.51 0.11 -11.70
N SER C 106 9.23 0.45 -11.57
CA SER C 106 8.59 1.31 -12.55
C SER C 106 9.06 2.76 -12.39
N ASN C 107 8.94 3.53 -13.47
CA ASN C 107 9.24 4.94 -13.44
C ASN C 107 8.07 5.79 -12.95
N ASP C 108 6.93 5.18 -12.66
CA ASP C 108 5.74 5.90 -12.24
C ASP C 108 5.15 5.25 -10.99
N THR C 109 4.41 6.06 -10.25
CA THR C 109 3.80 5.70 -8.99
C THR C 109 2.48 4.95 -9.27
N LYS C 110 2.06 4.09 -8.32
CA LYS C 110 0.92 3.19 -8.42
C LYS C 110 -0.38 3.88 -8.85
N GLU C 111 -0.61 5.14 -8.47
CA GLU C 111 -1.87 5.79 -8.82
C GLU C 111 -1.94 6.18 -10.30
N GLN C 112 -0.83 6.06 -11.02
CA GLN C 112 -0.74 6.46 -12.42
C GLN C 112 -0.64 5.31 -13.40
N ILE C 113 -0.28 4.11 -12.94
CA ILE C 113 -0.10 2.99 -13.87
C ILE C 113 -0.90 1.75 -13.45
N VAL C 114 -1.39 1.72 -12.21
CA VAL C 114 -2.05 0.52 -11.68
C VAL C 114 -3.53 0.80 -11.57
N ARG C 115 -4.33 -0.05 -12.21
CA ARG C 115 -5.77 0.09 -12.23
C ARG C 115 -6.43 -1.18 -11.73
N GLU C 116 -7.60 -1.01 -11.13
CA GLU C 116 -8.36 -2.09 -10.52
C GLU C 116 -9.42 -2.57 -11.51
N SER C 117 -9.35 -3.84 -11.90
CA SER C 117 -10.18 -4.38 -12.95
C SER C 117 -11.00 -5.56 -12.43
N THR C 118 -11.99 -5.96 -13.22
CA THR C 118 -12.95 -6.98 -12.81
C THR C 118 -12.98 -8.09 -13.85
N HIS C 119 -12.69 -9.32 -13.43
CA HIS C 119 -12.77 -10.49 -14.28
C HIS C 119 -13.88 -11.40 -13.77
N LEU C 120 -14.45 -12.20 -14.68
CA LEU C 120 -15.57 -13.06 -14.35
C LEU C 120 -15.28 -14.49 -14.75
N ARG C 121 -16.25 -15.35 -14.46
CA ARG C 121 -16.24 -16.75 -14.86
C ARG C 121 -17.59 -17.03 -15.52
N ILE C 122 -17.60 -17.05 -16.85
CA ILE C 122 -18.85 -17.25 -17.57
C ILE C 122 -19.14 -18.75 -17.63
N GLU C 123 -20.34 -19.13 -17.22
CA GLU C 123 -20.73 -20.53 -17.25
C GLU C 123 -20.97 -20.95 -18.70
N ARG C 124 -20.68 -22.21 -19.03
CA ARG C 124 -20.65 -22.65 -20.42
C ARG C 124 -22.05 -22.67 -21.03
N GLN C 125 -23.02 -23.28 -20.34
CA GLN C 125 -24.43 -23.03 -20.62
C GLN C 125 -24.81 -21.78 -19.83
N THR C 126 -26.00 -21.22 -20.08
CA THR C 126 -26.67 -20.19 -19.27
C THR C 126 -25.97 -18.81 -19.33
N LYS C 127 -24.72 -18.77 -19.81
CA LYS C 127 -23.88 -17.59 -20.08
C LYS C 127 -23.92 -16.54 -18.96
N SER C 128 -23.92 -17.00 -17.72
CA SER C 128 -24.10 -16.11 -16.58
C SER C 128 -22.77 -15.93 -15.87
N ALA C 129 -22.73 -14.96 -14.97
CA ALA C 129 -21.52 -14.71 -14.17
C ALA C 129 -21.56 -15.65 -12.97
N SER C 130 -20.79 -16.73 -13.05
CA SER C 130 -20.73 -17.67 -11.93
C SER C 130 -19.88 -17.11 -10.80
N ASP C 131 -18.65 -16.72 -11.10
CA ASP C 131 -17.75 -16.11 -10.15
C ASP C 131 -17.29 -14.76 -10.68
N THR C 132 -16.92 -13.88 -9.77
CA THR C 132 -16.46 -12.54 -10.13
C THR C 132 -15.37 -12.11 -9.17
N PHE C 133 -14.22 -11.74 -9.72
CA PHE C 133 -13.09 -11.32 -8.89
C PHE C 133 -12.43 -10.07 -9.43
N LYS C 134 -12.05 -9.19 -8.51
CA LYS C 134 -11.38 -7.93 -8.84
C LYS C 134 -9.89 -8.07 -8.61
N GLY C 135 -9.10 -7.74 -9.63
CA GLY C 135 -7.66 -7.81 -9.52
C GLY C 135 -7.02 -6.54 -10.03
N GLU C 136 -5.84 -6.24 -9.50
CA GLU C 136 -5.09 -5.07 -9.87
C GLU C 136 -4.18 -5.40 -11.05
N GLU C 137 -3.92 -4.42 -11.90
CA GLU C 137 -3.07 -4.64 -13.06
C GLU C 137 -2.32 -3.36 -13.40
N VAL C 138 -1.29 -3.50 -14.24
CA VAL C 138 -0.45 -2.41 -14.68
C VAL C 138 -0.81 -2.11 -16.12
N ILE C 139 -1.07 -0.84 -16.43
CA ILE C 139 -1.57 -0.45 -17.75
C ILE C 139 -0.52 -0.61 -18.83
N GLU C 140 -0.99 -0.51 -20.08
CA GLU C 140 -0.14 -0.54 -21.25
C GLU C 140 0.53 0.81 -21.46
N GLY C 141 1.80 0.77 -21.87
CA GLY C 141 2.59 1.97 -21.99
C GLY C 141 3.38 2.34 -20.76
N ALA C 142 3.23 1.62 -19.66
CA ALA C 142 4.02 1.88 -18.46
C ALA C 142 5.46 1.47 -18.68
N THR C 143 6.38 2.28 -18.17
CA THR C 143 7.81 2.08 -18.38
C THR C 143 8.47 1.59 -17.10
N PHE C 144 9.21 0.50 -17.21
CA PHE C 144 9.97 -0.09 -16.11
C PHE C 144 11.45 0.00 -16.45
N THR C 145 12.29 0.02 -15.42
CA THR C 145 13.73 0.12 -15.61
C THR C 145 14.46 -0.88 -14.73
N ALA C 146 15.55 -1.44 -15.26
CA ALA C 146 16.41 -2.31 -14.48
C ALA C 146 17.85 -2.18 -14.99
N THR C 147 18.79 -2.63 -14.17
CA THR C 147 20.20 -2.62 -14.54
C THR C 147 20.78 -4.01 -14.27
N ILE C 148 21.17 -4.70 -15.33
CA ILE C 148 21.81 -6.00 -15.22
C ILE C 148 23.31 -5.77 -15.15
N THR C 149 23.95 -6.26 -14.09
CA THR C 149 25.33 -5.93 -13.78
C THR C 149 26.16 -7.21 -13.81
N ILE C 150 26.96 -7.39 -14.85
CA ILE C 150 27.79 -8.58 -15.01
C ILE C 150 29.20 -8.23 -14.54
N SER C 151 29.67 -8.94 -13.51
CA SER C 151 30.94 -8.62 -12.86
C SER C 151 32.14 -9.05 -13.71
N ASN C 152 32.08 -10.24 -14.31
CA ASN C 152 33.15 -10.76 -15.15
C ASN C 152 32.59 -10.98 -16.54
N PRO C 153 32.70 -10.02 -17.45
CA PRO C 153 32.05 -10.15 -18.75
C PRO C 153 32.79 -11.11 -19.66
N GLN C 154 32.02 -11.93 -20.38
CA GLN C 154 32.51 -12.73 -21.47
C GLN C 154 31.92 -12.19 -22.77
N GLU C 155 32.25 -12.85 -23.89
CA GLU C 155 31.76 -12.38 -25.18
C GLU C 155 30.28 -12.72 -25.38
N LYS C 156 29.80 -13.77 -24.73
CA LYS C 156 28.42 -14.24 -24.91
C LYS C 156 27.51 -13.85 -23.76
N ASP C 157 27.80 -12.75 -23.06
CA ASP C 157 26.91 -12.35 -21.98
C ASP C 157 25.83 -11.38 -22.45
N LEU C 158 26.18 -10.44 -23.33
CA LEU C 158 25.17 -9.53 -23.87
C LEU C 158 24.24 -10.25 -24.82
N SER C 159 24.76 -11.19 -25.61
CA SER C 159 23.94 -11.90 -26.59
C SER C 159 22.90 -12.79 -25.92
N LEU C 160 23.30 -13.49 -24.85
CA LEU C 160 22.37 -14.38 -24.16
C LEU C 160 21.33 -13.59 -23.37
N ILE C 161 21.73 -12.47 -22.78
CA ILE C 161 20.76 -11.61 -22.09
C ILE C 161 19.76 -11.02 -23.08
N GLN C 162 20.23 -10.59 -24.26
CA GLN C 162 19.33 -10.07 -25.28
C GLN C 162 18.40 -11.16 -25.82
N SER C 163 18.91 -12.38 -25.99
CA SER C 163 18.06 -13.49 -26.43
C SER C 163 17.00 -13.85 -25.39
N ALA C 164 17.39 -13.82 -24.11
CA ALA C 164 16.42 -14.04 -23.04
C ALA C 164 15.39 -12.92 -22.98
N LEU C 165 15.79 -11.69 -23.32
CA LEU C 165 14.83 -10.59 -23.34
C LEU C 165 13.84 -10.71 -24.49
N LYS C 166 14.32 -11.19 -25.65
CA LYS C 166 13.38 -11.48 -26.73
C LYS C 166 12.45 -12.65 -26.39
N PHE C 167 12.94 -13.63 -25.63
CA PHE C 167 12.07 -14.71 -25.19
C PHE C 167 11.03 -14.22 -24.19
N ILE C 168 11.41 -13.28 -23.31
CA ILE C 168 10.46 -12.69 -22.38
C ILE C 168 9.44 -11.83 -23.12
N GLU C 169 9.86 -11.13 -24.18
CA GLU C 169 8.92 -10.46 -25.07
C GLU C 169 7.97 -11.43 -25.75
N GLU C 170 8.47 -12.62 -26.09
CA GLU C 170 7.62 -13.61 -26.76
C GLU C 170 6.59 -14.22 -25.81
N ASN C 171 7.00 -14.53 -24.58
CA ASN C 171 6.14 -15.31 -23.69
C ASN C 171 5.53 -14.53 -22.53
N GLY C 172 6.10 -13.39 -22.16
CA GLY C 172 5.53 -12.66 -21.05
C GLY C 172 6.44 -12.67 -19.85
N ILE C 173 6.35 -11.62 -19.05
CA ILE C 173 7.32 -11.40 -17.97
C ILE C 173 6.84 -11.99 -16.64
N GLY C 174 5.59 -11.76 -16.26
CA GLY C 174 5.11 -12.30 -14.99
C GLY C 174 3.61 -12.33 -14.92
N GLY C 175 3.10 -13.20 -14.05
CA GLY C 175 1.68 -13.28 -13.79
C GLY C 175 0.90 -14.11 -14.79
N TRP C 176 -0.31 -13.67 -15.12
CA TRP C 176 -1.21 -14.46 -15.93
C TRP C 176 -0.81 -14.49 -17.40
N LEU C 177 0.26 -15.22 -17.73
CA LEU C 177 0.80 -15.19 -19.08
C LEU C 177 -0.10 -15.92 -20.07
N ASN C 178 -0.96 -16.82 -19.59
CA ASN C 178 -1.84 -17.56 -20.48
C ASN C 178 -3.02 -16.75 -20.96
N LYS C 179 -3.50 -15.80 -20.15
CA LYS C 179 -4.65 -15.00 -20.52
C LYS C 179 -4.29 -13.79 -21.37
N GLY C 180 -3.01 -13.59 -21.67
CA GLY C 180 -2.58 -12.46 -22.45
C GLY C 180 -1.89 -11.37 -21.68
N TYR C 181 -1.60 -11.58 -20.41
CA TYR C 181 -0.96 -10.55 -19.61
C TYR C 181 0.56 -10.64 -19.73
N GLY C 182 1.21 -9.49 -19.63
CA GLY C 182 2.66 -9.42 -19.57
C GLY C 182 3.38 -9.37 -20.90
N ARG C 183 2.67 -9.21 -22.01
CA ARG C 183 3.35 -9.05 -23.30
C ARG C 183 3.94 -7.65 -23.37
N VAL C 184 5.27 -7.56 -23.38
CA VAL C 184 5.99 -6.30 -23.20
C VAL C 184 7.04 -6.17 -24.29
N SER C 185 7.81 -5.07 -24.23
CA SER C 185 8.88 -4.81 -25.17
C SER C 185 10.06 -4.20 -24.44
N PHE C 186 11.26 -4.43 -24.98
CA PHE C 186 12.51 -4.11 -24.29
C PHE C 186 13.42 -3.26 -25.15
N GLU C 187 14.01 -2.23 -24.55
CA GLU C 187 15.12 -1.48 -25.11
C GLU C 187 16.35 -1.74 -24.26
N VAL C 188 17.50 -1.94 -24.90
CA VAL C 188 18.72 -2.37 -24.25
C VAL C 188 19.80 -1.34 -24.55
N LYS C 189 20.41 -0.80 -23.49
CA LYS C 189 21.54 0.14 -23.66
C LYS C 189 22.64 -0.32 -22.69
N SER C 190 23.58 -1.13 -23.17
CA SER C 190 24.66 -1.67 -22.32
C SER C 190 25.92 -0.81 -22.43
N GLU C 191 26.82 -0.93 -21.46
CA GLU C 191 28.11 -0.21 -21.50
C GLU C 191 29.09 -0.96 -20.61
N ASP C 192 30.28 -1.29 -21.11
CA ASP C 192 31.29 -1.95 -20.26
C ASP C 192 32.01 -0.88 -19.46
N VAL C 193 31.76 -0.83 -18.15
CA VAL C 193 32.34 0.23 -17.29
C VAL C 193 33.55 -0.34 -16.57
N ALA C 194 34.51 0.51 -16.21
CA ALA C 194 35.65 0.07 -15.43
C ALA C 194 35.21 -0.23 -14.00
N THR C 195 35.87 -1.21 -13.38
CA THR C 195 35.56 -1.58 -12.01
C THR C 195 36.05 -0.53 -11.02
N ASP C 196 37.14 0.16 -11.35
CA ASP C 196 37.74 1.17 -10.49
C ASP C 196 37.25 2.57 -10.83
N ARG C 197 35.98 2.68 -11.25
CA ARG C 197 35.47 3.93 -11.79
C ARG C 197 35.26 4.97 -10.69
N PHE C 198 34.75 4.53 -9.53
CA PHE C 198 34.35 5.44 -8.47
C PHE C 198 35.52 5.97 -7.65
N LEU C 199 36.71 5.38 -7.81
CA LEU C 199 37.83 5.71 -6.93
C LEU C 199 38.34 7.12 -7.20
N LYS C 200 38.77 7.39 -8.44
CA LYS C 200 39.23 8.69 -8.94
C LYS C 200 40.38 9.30 -8.12
N LYS D 3 45.68 12.71 17.21
CA LYS D 3 45.07 13.88 17.84
C LYS D 3 43.78 14.28 17.12
N THR D 4 43.42 13.54 16.09
CA THR D 4 42.29 13.87 15.24
C THR D 4 41.55 12.61 14.81
N MET D 5 40.22 12.67 14.76
CA MET D 5 39.40 11.65 14.13
C MET D 5 38.50 12.28 13.08
N LYS D 6 37.97 11.42 12.21
CA LYS D 6 37.09 11.82 11.11
C LYS D 6 35.78 11.05 11.26
N LYS D 7 34.79 11.65 11.92
CA LYS D 7 33.51 10.98 12.11
C LYS D 7 32.66 11.13 10.86
N ILE D 8 32.28 10.01 10.25
CA ILE D 8 31.42 9.98 9.08
C ILE D 8 30.07 9.46 9.51
N TYR D 9 29.02 10.25 9.30
CA TYR D 9 27.66 9.83 9.58
C TYR D 9 27.01 9.44 8.26
N VAL D 10 26.63 8.16 8.16
CA VAL D 10 26.12 7.60 6.92
C VAL D 10 24.65 7.28 7.14
N THR D 11 23.79 7.86 6.33
CA THR D 11 22.38 7.47 6.31
C THR D 11 22.11 6.79 4.98
N MET D 12 21.43 5.64 5.04
CA MET D 12 21.28 4.81 3.86
C MET D 12 19.81 4.46 3.70
N LYS D 13 19.28 4.72 2.50
CA LYS D 13 17.87 4.49 2.20
C LYS D 13 17.76 3.38 1.17
N THR D 14 16.87 2.44 1.42
CA THR D 14 16.72 1.29 0.54
C THR D 14 15.84 1.65 -0.65
N LEU D 15 16.40 1.53 -1.86
CA LEU D 15 15.65 1.72 -3.09
C LEU D 15 15.03 0.43 -3.59
N SER D 16 15.57 -0.71 -3.18
CA SER D 16 15.12 -2.05 -3.49
C SER D 16 14.80 -2.73 -2.17
N PRO D 17 13.96 -3.77 -2.17
CA PRO D 17 13.72 -4.51 -0.93
C PRO D 17 15.00 -5.16 -0.45
N LEU D 18 15.23 -5.11 0.85
CA LEU D 18 16.53 -5.49 1.40
C LEU D 18 16.39 -6.78 2.19
N TYR D 19 17.29 -7.71 1.93
CA TYR D 19 17.38 -8.92 2.73
C TYR D 19 18.80 -9.07 3.25
N THR D 20 18.92 -9.21 4.57
CA THR D 20 20.11 -9.71 5.22
C THR D 20 19.67 -10.88 6.10
N GLY D 21 20.60 -11.76 6.43
CA GLY D 21 20.26 -13.02 7.07
C GLY D 21 20.47 -13.00 8.58
N GLU D 22 19.58 -13.71 9.27
CA GLU D 22 19.68 -13.83 10.71
C GLU D 22 20.90 -14.66 11.11
N VAL D 23 21.66 -14.15 12.08
CA VAL D 23 22.92 -14.76 12.46
C VAL D 23 22.73 -15.66 13.67
N ARG D 24 21.83 -15.26 14.56
CA ARG D 24 21.67 -15.95 15.83
C ARG D 24 20.92 -17.25 15.61
N ARG D 25 21.46 -18.35 16.15
CA ARG D 25 20.88 -19.66 15.87
C ARG D 25 19.54 -19.81 16.56
N GLU D 26 19.46 -19.41 17.84
CA GLU D 26 18.25 -19.49 18.64
C GLU D 26 17.10 -18.70 18.04
N ASP D 27 17.39 -17.45 17.66
CA ASP D 27 16.44 -16.59 16.96
C ASP D 27 16.02 -17.18 15.62
N LYS D 28 16.96 -17.83 14.92
CA LYS D 28 16.64 -18.42 13.62
C LYS D 28 15.68 -19.59 13.76
N GLU D 29 15.99 -20.57 14.64
CA GLU D 29 15.06 -21.67 14.85
C GLU D 29 13.77 -21.26 15.55
N ALA D 30 13.76 -20.12 16.24
CA ALA D 30 12.49 -19.53 16.64
C ALA D 30 11.73 -19.02 15.43
N ALA D 31 12.45 -18.50 14.42
CA ALA D 31 11.79 -17.95 13.25
C ALA D 31 11.55 -18.99 12.15
N GLN D 32 12.31 -20.11 12.12
CA GLN D 32 12.09 -21.16 11.10
C GLN D 32 10.75 -21.88 11.25
N LYS D 33 9.95 -21.64 12.28
CA LYS D 33 8.60 -22.17 12.36
C LYS D 33 7.59 -21.31 11.63
N ARG D 34 7.98 -20.11 11.20
CA ARG D 34 7.07 -19.21 10.51
C ARG D 34 7.63 -18.72 9.17
N VAL D 35 8.93 -18.45 9.12
CA VAL D 35 9.59 -17.94 7.92
C VAL D 35 10.85 -18.73 7.67
N ASN D 36 11.11 -19.07 6.40
CA ASN D 36 12.28 -19.85 6.08
C ASN D 36 13.53 -18.99 5.98
N PHE D 37 13.39 -17.67 5.90
CA PHE D 37 14.51 -16.75 5.78
C PHE D 37 14.24 -15.48 6.58
N PRO D 38 14.50 -15.49 7.88
CA PRO D 38 14.31 -14.28 8.68
C PRO D 38 15.42 -13.28 8.42
N VAL D 39 15.19 -12.05 8.87
CA VAL D 39 16.18 -11.00 8.73
C VAL D 39 17.00 -10.90 10.00
N ARG D 40 18.20 -10.33 9.86
CA ARG D 40 19.03 -10.02 11.02
C ARG D 40 18.37 -8.91 11.82
N LYS D 41 18.04 -9.21 13.07
CA LYS D 41 17.35 -8.25 13.92
C LYS D 41 18.03 -8.16 15.27
N THR D 42 17.88 -7.00 15.90
CA THR D 42 18.33 -6.79 17.26
C THR D 42 17.36 -7.45 18.23
N ALA D 43 17.70 -7.41 19.52
CA ALA D 43 16.72 -7.67 20.56
C ALA D 43 15.93 -6.43 20.92
N THR D 44 16.29 -5.28 20.34
CA THR D 44 15.52 -4.05 20.40
C THR D 44 14.59 -3.93 19.18
N ASN D 45 14.37 -5.06 18.49
CA ASN D 45 13.44 -5.22 17.37
C ASN D 45 13.83 -4.39 16.15
N LYS D 46 15.09 -4.02 16.04
CA LYS D 46 15.60 -3.17 14.97
C LYS D 46 16.44 -4.01 14.03
N VAL D 47 16.57 -3.57 12.79
CA VAL D 47 17.25 -4.37 11.77
C VAL D 47 18.75 -4.13 11.84
N LEU D 48 19.53 -5.18 11.62
CA LEU D 48 20.99 -5.18 11.69
C LEU D 48 21.55 -5.50 10.32
N ILE D 49 22.50 -4.69 9.85
CA ILE D 49 23.22 -5.01 8.60
C ILE D 49 24.72 -4.97 8.87
N PRO D 50 25.47 -6.01 8.51
CA PRO D 50 26.94 -5.90 8.55
C PRO D 50 27.44 -4.90 7.52
N PHE D 51 28.42 -4.09 7.91
CA PHE D 51 28.81 -2.94 7.10
C PHE D 51 30.31 -2.91 6.83
N LYS D 52 31.13 -3.46 7.73
CA LYS D 52 32.57 -3.42 7.55
C LYS D 52 33.02 -4.29 6.37
N GLY D 53 32.46 -5.50 6.27
CA GLY D 53 32.84 -6.39 5.19
C GLY D 53 32.45 -5.91 3.82
N ALA D 54 31.31 -5.22 3.71
CA ALA D 54 30.88 -4.66 2.44
C ALA D 54 31.83 -3.55 1.97
N LEU D 55 32.22 -2.66 2.88
CA LEU D 55 33.18 -1.60 2.57
C LEU D 55 34.54 -2.17 2.22
N ARG D 56 35.00 -3.17 2.98
CA ARG D 56 36.30 -3.77 2.73
C ARG D 56 36.32 -4.52 1.40
N SER D 57 35.24 -5.25 1.07
CA SER D 57 35.18 -5.96 -0.19
C SER D 57 35.09 -5.00 -1.37
N ALA D 58 34.34 -3.90 -1.22
CA ALA D 58 34.26 -2.89 -2.27
C ALA D 58 35.61 -2.23 -2.53
N LEU D 59 36.31 -1.87 -1.45
CA LEU D 59 37.61 -1.23 -1.60
C LEU D 59 38.66 -2.20 -2.13
N GLU D 60 38.60 -3.47 -1.71
CA GLU D 60 39.55 -4.46 -2.23
C GLU D 60 39.33 -4.75 -3.70
N ILE D 61 38.06 -4.83 -4.12
CA ILE D 61 37.76 -5.09 -5.54
C ILE D 61 38.20 -3.91 -6.40
N MET D 62 37.86 -2.68 -5.96
CA MET D 62 38.22 -1.49 -6.74
C MET D 62 39.72 -1.24 -6.76
N LEU D 63 40.42 -1.47 -5.64
CA LEU D 63 41.85 -1.23 -5.62
C LEU D 63 42.65 -2.34 -6.29
N LYS D 64 42.13 -3.57 -6.30
CA LYS D 64 42.76 -4.61 -7.11
C LYS D 64 42.55 -4.36 -8.59
N ALA D 65 41.39 -3.81 -8.97
CA ALA D 65 41.15 -3.47 -10.37
C ALA D 65 41.97 -2.28 -10.82
N LYS D 66 42.23 -1.33 -9.93
CA LYS D 66 43.04 -0.17 -10.31
C LYS D 66 44.51 -0.54 -10.49
N GLY D 67 44.98 -1.60 -9.83
CA GLY D 67 46.36 -2.04 -9.95
C GLY D 67 47.18 -1.87 -8.70
N GLU D 68 46.63 -1.33 -7.62
CA GLU D 68 47.36 -1.21 -6.38
C GLU D 68 47.51 -2.56 -5.71
N ASN D 69 48.56 -2.69 -4.89
CA ASN D 69 48.96 -3.95 -4.27
C ASN D 69 48.16 -4.30 -3.00
N VAL D 70 46.83 -4.32 -3.18
CA VAL D 70 45.89 -4.57 -2.09
C VAL D 70 45.58 -6.07 -2.08
N CYS D 71 45.67 -6.64 -0.88
CA CYS D 71 45.48 -8.10 -0.69
C CYS D 71 44.02 -8.51 -0.61
N ASP D 72 43.75 -9.79 -0.81
CA ASP D 72 42.36 -10.30 -0.76
C ASP D 72 42.15 -11.04 0.55
N THR D 73 41.37 -10.45 1.47
CA THR D 73 41.03 -11.16 2.70
C THR D 73 39.76 -11.97 2.45
N GLY D 74 39.43 -12.27 1.18
CA GLY D 74 38.18 -12.98 1.00
C GLY D 74 38.33 -14.45 0.74
N GLU D 75 39.46 -14.87 0.16
CA GLU D 75 39.68 -16.29 -0.05
C GLU D 75 40.02 -16.97 1.29
N SER D 76 40.03 -18.30 1.27
CA SER D 76 39.91 -19.12 2.47
C SER D 76 41.14 -18.99 3.36
N ARG D 77 40.93 -18.42 4.56
CA ARG D 77 41.92 -18.31 5.63
C ARG D 77 43.20 -17.60 5.17
N ALA D 78 43.01 -16.51 4.42
CA ALA D 78 44.12 -15.70 3.95
C ALA D 78 44.32 -14.54 4.91
N ARG D 79 45.57 -14.23 5.15
CA ARG D 79 45.81 -13.18 6.12
C ARG D 79 46.08 -11.86 5.45
N PRO D 80 45.65 -10.76 6.08
CA PRO D 80 46.08 -9.43 5.65
C PRO D 80 47.58 -9.28 5.78
N CYS D 81 48.20 -8.74 4.73
CA CYS D 81 49.65 -8.57 4.74
C CYS D 81 50.08 -7.42 5.63
N GLY D 82 49.27 -6.38 5.73
CA GLY D 82 49.57 -5.27 6.62
C GLY D 82 50.23 -4.08 5.97
N ARG D 83 50.27 -4.00 4.64
CA ARG D 83 50.90 -2.88 3.95
C ARG D 83 49.98 -2.13 3.01
N CYS D 84 48.78 -2.65 2.74
CA CYS D 84 47.88 -2.02 1.78
C CYS D 84 47.17 -0.83 2.39
N VAL D 85 46.41 -0.13 1.54
CA VAL D 85 45.55 0.94 2.03
C VAL D 85 44.38 0.37 2.80
N THR D 86 43.80 -0.73 2.31
CA THR D 86 42.71 -1.40 3.01
C THR D 86 43.20 -2.08 4.28
N CYS D 87 44.45 -2.56 4.27
CA CYS D 87 45.05 -3.16 5.46
C CYS D 87 45.21 -2.12 6.57
N SER D 88 45.59 -0.90 6.22
CA SER D 88 45.70 0.15 7.22
C SER D 88 44.33 0.66 7.63
N LEU D 89 43.37 0.69 6.69
CA LEU D 89 42.07 1.29 6.97
C LEU D 89 41.20 0.38 7.80
N PHE D 90 41.06 -0.88 7.41
CA PHE D 90 40.15 -1.81 8.07
C PHE D 90 40.87 -2.85 8.90
N GLY D 91 42.19 -2.82 8.96
CA GLY D 91 42.84 -3.66 9.94
C GLY D 91 43.61 -4.80 9.31
N SER D 92 44.73 -5.13 9.93
CA SER D 92 45.56 -6.27 9.61
C SER D 92 45.59 -7.17 10.83
N MET D 93 46.40 -8.22 10.80
CA MET D 93 46.46 -9.10 11.95
C MET D 93 47.26 -8.46 13.09
N GLY D 94 48.33 -7.74 12.76
CA GLY D 94 49.08 -7.03 13.77
C GLY D 94 48.42 -5.74 14.21
N ARG D 95 48.25 -4.81 13.26
CA ARG D 95 47.66 -3.51 13.56
C ARG D 95 46.15 -3.59 13.47
N ALA D 96 45.47 -2.91 14.40
CA ALA D 96 44.01 -2.88 14.40
C ALA D 96 43.50 -1.93 13.31
N GLY D 97 42.18 -1.81 13.21
CA GLY D 97 41.57 -1.04 12.14
C GLY D 97 41.41 0.42 12.51
N ARG D 98 41.85 1.30 11.61
CA ARG D 98 41.70 2.72 11.84
C ARG D 98 40.24 3.17 11.70
N ALA D 99 39.49 2.55 10.79
CA ALA D 99 38.10 2.91 10.55
C ALA D 99 37.20 1.97 11.36
N SER D 100 36.62 2.49 12.43
CA SER D 100 35.71 1.73 13.27
C SER D 100 34.31 1.83 12.69
N VAL D 101 33.93 0.85 11.89
CA VAL D 101 32.67 0.86 11.17
C VAL D 101 31.57 0.33 12.07
N ASP D 102 30.47 1.09 12.19
CA ASP D 102 29.35 0.70 13.03
C ASP D 102 28.37 -0.12 12.19
N PHE D 103 27.57 -0.93 12.89
CA PHE D 103 26.49 -1.66 12.25
C PHE D 103 25.43 -0.69 11.73
N LEU D 104 24.75 -1.08 10.66
CA LEU D 104 23.72 -0.24 10.06
C LEU D 104 22.42 -0.47 10.82
N ILE D 105 22.17 0.40 11.79
CA ILE D 105 20.99 0.31 12.65
C ILE D 105 19.84 1.04 11.96
N SER D 106 18.71 0.34 11.80
CA SER D 106 17.53 0.97 11.23
C SER D 106 16.89 1.93 12.23
N ASN D 107 16.22 2.95 11.70
CA ASN D 107 15.52 3.88 12.58
C ASN D 107 14.18 3.32 13.05
N ASP D 108 13.52 2.51 12.22
CA ASP D 108 12.25 1.90 12.57
C ASP D 108 12.46 0.47 13.04
N THR D 109 11.42 -0.09 13.65
CA THR D 109 11.46 -1.44 14.19
C THR D 109 10.87 -2.43 13.18
N LYS D 110 10.65 -3.68 13.62
CA LYS D 110 10.31 -4.74 12.68
C LYS D 110 8.88 -4.67 12.17
N GLU D 111 7.96 -4.10 12.94
CA GLU D 111 6.57 -4.05 12.47
C GLU D 111 6.37 -2.98 11.41
N GLN D 112 7.26 -1.98 11.37
CA GLN D 112 7.12 -0.92 10.38
C GLN D 112 7.74 -1.32 9.05
N ILE D 113 8.96 -1.85 9.06
CA ILE D 113 9.74 -1.99 7.83
C ILE D 113 10.07 -3.42 7.46
N VAL D 114 9.76 -4.41 8.28
CA VAL D 114 10.06 -5.81 7.94
C VAL D 114 8.77 -6.52 7.63
N ARG D 115 8.66 -7.06 6.42
CA ARG D 115 7.50 -7.84 6.00
C ARG D 115 7.95 -9.22 5.55
N GLU D 116 7.21 -10.24 5.96
CA GLU D 116 7.46 -11.57 5.41
C GLU D 116 6.89 -11.65 4.00
N SER D 117 7.51 -12.49 3.18
CA SER D 117 7.29 -12.47 1.74
C SER D 117 7.25 -13.89 1.23
N THR D 118 6.56 -14.08 0.10
CA THR D 118 6.45 -15.38 -0.54
C THR D 118 7.38 -15.40 -1.74
N HIS D 119 8.30 -16.36 -1.77
CA HIS D 119 9.19 -16.56 -2.89
C HIS D 119 8.98 -17.96 -3.44
N LEU D 120 9.21 -18.11 -4.74
CA LEU D 120 8.82 -19.30 -5.47
C LEU D 120 9.98 -19.88 -6.25
N ARG D 121 9.85 -21.16 -6.55
CA ARG D 121 10.63 -21.83 -7.58
C ARG D 121 9.64 -22.50 -8.53
N ILE D 122 9.73 -22.15 -9.81
CA ILE D 122 8.76 -22.56 -10.82
C ILE D 122 9.48 -23.47 -11.81
N GLU D 123 8.85 -24.61 -12.12
CA GLU D 123 9.35 -25.51 -13.15
C GLU D 123 9.39 -24.82 -14.51
N ARG D 124 10.48 -25.06 -15.25
CA ARG D 124 10.69 -24.35 -16.51
C ARG D 124 9.70 -24.79 -17.57
N GLN D 125 9.54 -26.09 -17.75
CA GLN D 125 8.35 -26.60 -18.43
C GLN D 125 7.19 -26.61 -17.45
N THR D 126 5.97 -26.69 -18.00
CA THR D 126 4.69 -26.80 -17.30
C THR D 126 4.29 -25.59 -16.45
N LYS D 127 5.17 -24.58 -16.35
CA LYS D 127 5.02 -23.28 -15.69
C LYS D 127 4.24 -23.28 -14.38
N SER D 128 4.58 -24.18 -13.47
CA SER D 128 3.82 -24.36 -12.23
C SER D 128 4.75 -24.13 -11.05
N ALA D 129 4.19 -23.55 -9.98
CA ALA D 129 4.93 -23.30 -8.76
C ALA D 129 5.35 -24.61 -8.12
N SER D 130 6.65 -24.87 -8.12
CA SER D 130 7.16 -26.15 -7.65
C SER D 130 7.58 -26.10 -6.19
N ASP D 131 8.31 -25.06 -5.79
CA ASP D 131 8.71 -24.85 -4.41
C ASP D 131 8.23 -23.49 -3.94
N THR D 132 7.91 -23.41 -2.65
CA THR D 132 7.46 -22.17 -2.05
C THR D 132 8.17 -21.98 -0.71
N PHE D 133 8.59 -20.74 -0.43
CA PHE D 133 9.16 -20.47 0.88
C PHE D 133 8.90 -19.02 1.29
N LYS D 134 8.84 -18.81 2.59
CA LYS D 134 8.60 -17.50 3.17
C LYS D 134 9.92 -16.90 3.63
N GLY D 135 10.15 -15.65 3.27
CA GLY D 135 11.34 -14.95 3.72
C GLY D 135 11.05 -13.53 4.16
N GLU D 136 11.55 -13.11 5.31
CA GLU D 136 11.39 -11.73 5.72
C GLU D 136 12.31 -10.83 4.92
N GLU D 137 11.85 -9.60 4.66
CA GLU D 137 12.65 -8.63 3.94
C GLU D 137 12.29 -7.23 4.40
N VAL D 138 13.22 -6.31 4.18
CA VAL D 138 13.08 -4.93 4.62
C VAL D 138 12.52 -4.10 3.47
N ILE D 139 11.55 -3.24 3.77
CA ILE D 139 10.84 -2.48 2.74
C ILE D 139 11.72 -1.37 2.18
N GLU D 140 11.16 -0.83 1.02
CA GLU D 140 11.81 0.31 0.34
C GLU D 140 11.48 1.58 1.12
N GLY D 141 12.42 2.58 1.11
CA GLY D 141 12.20 3.80 1.86
C GLY D 141 12.61 3.74 3.30
N ALA D 142 12.97 2.57 3.82
CA ALA D 142 13.49 2.45 5.17
C ALA D 142 14.89 3.04 5.27
N THR D 143 15.16 3.73 6.37
CA THR D 143 16.43 4.40 6.56
C THR D 143 17.26 3.71 7.64
N PHE D 144 18.57 3.71 7.44
CA PHE D 144 19.53 3.08 8.32
C PHE D 144 20.65 4.06 8.62
N THR D 145 21.25 3.95 9.80
CA THR D 145 22.24 4.91 10.25
C THR D 145 23.50 4.18 10.72
N ALA D 146 24.67 4.67 10.26
CA ALA D 146 25.95 4.10 10.65
C ALA D 146 26.92 5.25 10.93
N THR D 147 27.89 4.99 11.80
CA THR D 147 28.89 5.97 12.17
C THR D 147 30.27 5.35 12.00
N ILE D 148 31.02 5.83 11.03
CA ILE D 148 32.38 5.34 10.77
C ILE D 148 33.36 6.31 11.41
N THR D 149 34.13 5.83 12.37
CA THR D 149 35.10 6.65 13.08
C THR D 149 36.49 6.27 12.60
N ILE D 150 37.19 7.23 11.99
CA ILE D 150 38.53 7.01 11.47
C ILE D 150 39.51 7.69 12.40
N SER D 151 40.35 6.91 13.06
CA SER D 151 41.44 7.41 13.87
C SER D 151 42.73 7.46 13.04
N ASN D 152 43.54 8.49 13.30
CA ASN D 152 44.70 8.91 12.51
C ASN D 152 44.31 9.05 11.05
N PRO D 153 43.51 10.07 10.69
CA PRO D 153 42.92 10.09 9.35
C PRO D 153 43.91 10.59 8.32
N GLN D 154 44.04 9.84 7.23
CA GLN D 154 44.81 10.28 6.09
C GLN D 154 43.92 11.14 5.19
N GLU D 155 44.50 11.63 4.09
CA GLU D 155 43.79 12.55 3.22
C GLU D 155 42.74 11.83 2.39
N LYS D 156 43.00 10.59 2.01
CA LYS D 156 42.17 9.89 1.04
C LYS D 156 41.07 9.03 1.67
N ASP D 157 40.96 9.00 3.00
CA ASP D 157 40.04 8.08 3.66
C ASP D 157 38.58 8.41 3.37
N LEU D 158 38.23 9.69 3.34
CA LEU D 158 36.88 10.09 2.95
C LEU D 158 36.58 9.73 1.51
N SER D 159 37.56 9.91 0.61
CA SER D 159 37.39 9.59 -0.80
C SER D 159 37.23 8.09 -1.01
N LEU D 160 38.04 7.28 -0.32
CA LEU D 160 37.93 5.82 -0.46
C LEU D 160 36.64 5.29 0.16
N ILE D 161 36.20 5.86 1.29
CA ILE D 161 34.96 5.41 1.91
C ILE D 161 33.76 5.81 1.06
N GLN D 162 33.78 7.02 0.47
CA GLN D 162 32.70 7.43 -0.42
C GLN D 162 32.68 6.62 -1.72
N SER D 163 33.86 6.25 -2.23
CA SER D 163 33.91 5.41 -3.42
C SER D 163 33.43 3.99 -3.13
N ALA D 164 33.75 3.47 -1.94
CA ALA D 164 33.22 2.18 -1.52
C ALA D 164 31.71 2.23 -1.35
N LEU D 165 31.19 3.36 -0.88
CA LEU D 165 29.74 3.49 -0.76
C LEU D 165 29.06 3.61 -2.11
N LYS D 166 29.71 4.23 -3.10
CA LYS D 166 29.16 4.20 -4.46
C LYS D 166 29.20 2.79 -5.04
N PHE D 167 30.23 2.02 -4.70
CA PHE D 167 30.27 0.63 -5.14
C PHE D 167 29.16 -0.20 -4.50
N ILE D 168 28.85 0.08 -3.23
CA ILE D 168 27.73 -0.63 -2.57
C ILE D 168 26.39 -0.16 -3.15
N GLU D 169 26.30 1.11 -3.57
CA GLU D 169 25.12 1.58 -4.31
C GLU D 169 24.93 0.82 -5.61
N GLU D 170 26.02 0.59 -6.34
CA GLU D 170 25.92 -0.08 -7.64
C GLU D 170 25.72 -1.58 -7.50
N ASN D 171 26.34 -2.21 -6.50
CA ASN D 171 26.23 -3.66 -6.32
C ASN D 171 25.10 -4.06 -5.39
N GLY D 172 25.12 -3.56 -4.15
CA GLY D 172 24.12 -3.95 -3.18
C GLY D 172 24.70 -4.36 -1.85
N ILE D 173 23.88 -4.39 -0.81
CA ILE D 173 24.32 -4.75 0.53
C ILE D 173 23.38 -5.83 1.06
N GLY D 174 23.94 -6.82 1.75
CA GLY D 174 23.17 -7.90 2.29
C GLY D 174 23.19 -9.14 1.42
N GLY D 175 22.09 -9.89 1.41
CA GLY D 175 21.97 -11.10 0.64
C GLY D 175 21.00 -10.95 -0.53
N TRP D 176 20.93 -12.02 -1.33
CA TRP D 176 20.12 -12.10 -2.55
C TRP D 176 20.43 -10.97 -3.52
N LEU D 177 21.71 -10.66 -3.67
CA LEU D 177 22.12 -9.51 -4.48
C LEU D 177 21.89 -9.75 -5.96
N ASN D 178 21.91 -10.99 -6.41
CA ASN D 178 21.66 -11.27 -7.82
C ASN D 178 20.19 -11.16 -8.19
N LYS D 179 19.29 -11.28 -7.22
CA LYS D 179 17.86 -11.22 -7.50
C LYS D 179 17.31 -9.79 -7.45
N GLY D 180 18.14 -8.81 -7.15
CA GLY D 180 17.69 -7.44 -7.05
C GLY D 180 17.54 -6.89 -5.65
N TYR D 181 17.97 -7.63 -4.64
CA TYR D 181 17.79 -7.20 -3.27
C TYR D 181 18.94 -6.33 -2.83
N GLY D 182 18.64 -5.34 -2.00
CA GLY D 182 19.67 -4.58 -1.32
C GLY D 182 20.25 -3.41 -2.08
N ARG D 183 19.63 -2.96 -3.17
CA ARG D 183 20.12 -1.79 -3.86
C ARG D 183 19.70 -0.54 -3.08
N VAL D 184 20.69 0.20 -2.60
CA VAL D 184 20.47 1.27 -1.62
C VAL D 184 21.11 2.55 -2.13
N SER D 185 20.95 3.61 -1.34
CA SER D 185 21.55 4.91 -1.64
C SER D 185 22.09 5.51 -0.36
N PHE D 186 23.34 5.95 -0.39
CA PHE D 186 24.03 6.48 0.78
C PHE D 186 24.13 8.00 0.72
N GLU D 187 24.03 8.62 1.90
CA GLU D 187 24.30 10.04 2.07
C GLU D 187 25.28 10.17 3.23
N VAL D 188 26.35 10.94 3.00
CA VAL D 188 27.49 11.02 3.90
C VAL D 188 27.55 12.44 4.44
N LYS D 189 27.64 12.56 5.77
CA LYS D 189 27.90 13.82 6.44
C LYS D 189 29.19 13.61 7.23
N SER D 190 30.30 14.08 6.67
CA SER D 190 31.57 13.97 7.37
C SER D 190 31.77 15.14 8.31
N GLU D 191 32.57 14.90 9.36
CA GLU D 191 32.83 15.94 10.35
C GLU D 191 34.20 15.66 10.96
N ASP D 192 35.11 16.61 10.82
CA ASP D 192 36.41 16.52 11.47
C ASP D 192 36.27 16.80 12.96
N VAL D 193 36.92 15.96 13.78
CA VAL D 193 36.65 15.90 15.22
C VAL D 193 37.98 15.83 15.95
N ALA D 194 38.15 16.68 16.98
CA ALA D 194 39.23 16.49 17.93
C ALA D 194 38.82 15.45 18.95
N THR D 195 39.77 14.58 19.33
CA THR D 195 39.46 13.45 20.21
C THR D 195 39.15 13.89 21.63
N ASP D 196 39.54 15.11 22.01
CA ASP D 196 39.42 15.62 23.37
C ASP D 196 38.10 16.34 23.63
N ARG D 197 37.07 16.10 22.81
CA ARG D 197 35.82 16.84 22.96
C ARG D 197 35.06 16.45 24.22
N PHE D 198 35.21 15.20 24.66
CA PHE D 198 34.55 14.78 25.89
C PHE D 198 35.25 15.32 27.13
N LEU D 199 36.51 15.72 27.02
CA LEU D 199 37.29 16.23 28.14
C LEU D 199 36.96 17.68 28.43
N LYS D 200 35.71 17.95 28.81
CA LYS D 200 35.27 19.31 29.08
C LYS D 200 35.58 19.68 30.53
N LYS E 3 38.29 10.80 55.93
CA LYS E 3 38.22 11.18 54.53
C LYS E 3 36.94 10.67 53.88
N THR E 4 36.82 10.85 52.58
CA THR E 4 35.65 10.43 51.83
C THR E 4 36.06 9.56 50.66
N MET E 5 35.13 8.72 50.21
CA MET E 5 35.35 7.81 49.10
C MET E 5 34.29 8.06 48.04
N LYS E 6 34.64 7.87 46.78
CA LYS E 6 33.72 8.06 45.67
C LYS E 6 33.24 6.69 45.20
N LYS E 7 31.93 6.52 45.07
CA LYS E 7 31.36 5.30 44.53
C LYS E 7 30.56 5.67 43.29
N ILE E 8 30.91 5.07 42.16
CA ILE E 8 30.29 5.38 40.88
C ILE E 8 29.62 4.11 40.38
N TYR E 9 28.29 4.11 40.32
CA TYR E 9 27.54 2.99 39.79
C TYR E 9 27.27 3.25 38.31
N VAL E 10 27.72 2.33 37.46
CA VAL E 10 27.50 2.41 36.03
C VAL E 10 26.55 1.30 35.62
N THR E 11 25.47 1.68 34.94
CA THR E 11 24.53 0.73 34.34
C THR E 11 24.63 0.89 32.84
N MET E 12 24.71 -0.23 32.15
CA MET E 12 25.25 -0.28 30.80
C MET E 12 24.25 -0.95 29.88
N LYS E 13 23.77 -0.23 28.87
CA LYS E 13 22.81 -0.78 27.93
C LYS E 13 23.47 -0.87 26.55
N THR E 14 23.55 -2.08 26.02
CA THR E 14 24.18 -2.29 24.73
C THR E 14 23.19 -2.00 23.61
N LEU E 15 23.58 -1.12 22.69
CA LEU E 15 22.76 -0.79 21.54
C LEU E 15 23.11 -1.66 20.35
N SER E 16 24.37 -2.07 20.27
CA SER E 16 24.94 -3.00 19.31
C SER E 16 25.26 -4.30 20.03
N PRO E 17 25.45 -5.41 19.32
CA PRO E 17 25.90 -6.65 19.97
C PRO E 17 27.27 -6.50 20.60
N LEU E 18 27.59 -7.40 21.52
CA LEU E 18 28.82 -7.29 22.28
C LEU E 18 29.52 -8.64 22.33
N TYR E 19 30.84 -8.61 22.15
CA TYR E 19 31.66 -9.81 22.22
C TYR E 19 32.82 -9.56 23.16
N THR E 20 33.10 -10.53 24.02
CA THR E 20 34.30 -10.54 24.85
C THR E 20 34.76 -11.97 24.99
N GLY E 21 35.96 -12.28 24.51
CA GLY E 21 36.38 -13.67 24.40
C GLY E 21 36.64 -14.30 25.76
N GLU E 22 36.35 -15.60 25.85
CA GLU E 22 36.48 -16.33 27.09
C GLU E 22 37.95 -16.67 27.36
N VAL E 23 38.38 -16.39 28.59
CA VAL E 23 39.78 -16.56 28.94
C VAL E 23 40.07 -17.93 29.53
N ARG E 24 39.08 -18.58 30.14
CA ARG E 24 39.28 -19.84 30.84
C ARG E 24 39.52 -20.95 29.84
N ARG E 25 40.73 -21.52 29.86
CA ARG E 25 41.15 -22.50 28.86
C ARG E 25 40.31 -23.76 28.91
N GLU E 26 39.94 -24.20 30.12
CA GLU E 26 39.09 -25.36 30.30
C GLU E 26 37.71 -25.15 29.69
N ASP E 27 37.07 -24.02 30.02
CA ASP E 27 35.75 -23.74 29.47
C ASP E 27 35.82 -23.32 28.00
N LYS E 28 36.96 -22.81 27.54
CA LYS E 28 37.12 -22.55 26.12
C LYS E 28 37.18 -23.85 25.33
N GLU E 29 38.00 -24.81 25.77
CA GLU E 29 38.08 -26.10 25.07
C GLU E 29 36.81 -26.92 25.26
N ALA E 30 36.07 -26.68 26.35
CA ALA E 30 34.73 -27.26 26.47
C ALA E 30 33.76 -26.59 25.51
N ALA E 31 33.99 -25.31 25.19
CA ALA E 31 33.12 -24.59 24.27
C ALA E 31 33.62 -24.62 22.82
N GLN E 32 34.91 -24.92 22.59
CA GLN E 32 35.43 -24.93 21.20
C GLN E 32 35.03 -26.16 20.40
N LYS E 33 34.14 -27.02 20.88
CA LYS E 33 33.52 -28.04 20.05
C LYS E 33 32.12 -27.63 19.60
N ARG E 34 31.67 -26.44 19.98
CA ARG E 34 30.36 -25.96 19.54
C ARG E 34 30.41 -24.56 18.97
N VAL E 35 31.21 -23.67 19.55
CA VAL E 35 31.42 -22.31 19.06
C VAL E 35 32.92 -22.04 19.03
N ASN E 36 33.38 -21.25 18.08
CA ASN E 36 34.80 -20.96 17.97
C ASN E 36 35.22 -19.71 18.71
N PHE E 37 34.29 -18.82 19.06
CA PHE E 37 34.60 -17.61 19.82
C PHE E 37 33.62 -17.50 20.98
N PRO E 38 33.88 -18.18 22.09
CA PRO E 38 32.96 -18.12 23.23
C PRO E 38 33.06 -16.78 23.95
N VAL E 39 31.92 -16.37 24.49
CA VAL E 39 31.84 -15.14 25.29
C VAL E 39 32.33 -15.42 26.70
N ARG E 40 33.11 -14.48 27.25
CA ARG E 40 33.60 -14.50 28.62
C ARG E 40 32.45 -14.61 29.62
N LYS E 41 32.35 -15.76 30.29
CA LYS E 41 31.24 -16.06 31.17
C LYS E 41 31.73 -16.49 32.55
N THR E 42 30.79 -16.65 33.47
CA THR E 42 31.04 -16.95 34.86
C THR E 42 30.65 -18.39 35.16
N ALA E 43 30.87 -18.80 36.42
CA ALA E 43 30.30 -20.04 36.93
C ALA E 43 28.84 -19.87 37.33
N THR E 44 28.40 -18.62 37.52
CA THR E 44 26.99 -18.33 37.79
C THR E 44 26.20 -18.13 36.52
N ASN E 45 26.77 -18.47 35.36
CA ASN E 45 26.20 -18.30 34.02
C ASN E 45 25.80 -16.85 33.76
N LYS E 46 26.66 -15.94 34.20
CA LYS E 46 26.56 -14.52 33.88
C LYS E 46 27.70 -14.17 32.94
N VAL E 47 27.64 -12.96 32.37
CA VAL E 47 28.69 -12.46 31.48
C VAL E 47 29.31 -11.21 32.09
N LEU E 48 30.65 -11.20 32.16
CA LEU E 48 31.41 -10.07 32.66
C LEU E 48 32.32 -9.52 31.56
N ILE E 49 32.52 -8.21 31.57
CA ILE E 49 33.39 -7.53 30.60
C ILE E 49 34.58 -6.95 31.35
N PRO E 50 35.78 -6.95 30.76
CA PRO E 50 36.90 -6.22 31.37
C PRO E 50 36.68 -4.73 31.35
N PHE E 51 36.40 -4.18 32.52
CA PHE E 51 36.20 -2.75 32.72
C PHE E 51 37.30 -2.27 33.64
N LYS E 52 38.22 -1.47 33.07
CA LYS E 52 39.38 -0.79 33.65
C LYS E 52 40.28 -0.32 32.52
N GLY E 53 40.78 -1.27 31.72
CA GLY E 53 41.68 -0.92 30.64
C GLY E 53 41.00 -0.16 29.52
N ALA E 54 39.69 -0.35 29.35
CA ALA E 54 38.93 0.48 28.44
C ALA E 54 38.86 1.92 28.95
N LEU E 55 38.59 2.09 30.25
CA LEU E 55 38.56 3.40 30.88
C LEU E 55 39.94 4.06 30.84
N ARG E 56 40.99 3.28 31.17
CA ARG E 56 42.35 3.79 31.18
C ARG E 56 42.81 4.17 29.77
N SER E 57 42.45 3.36 28.77
CA SER E 57 42.82 3.65 27.39
C SER E 57 42.08 4.88 26.86
N ALA E 58 40.80 5.02 27.24
CA ALA E 58 40.02 6.19 26.84
C ALA E 58 40.61 7.48 27.41
N LEU E 59 40.88 7.48 28.72
CA LEU E 59 41.53 8.63 29.34
C LEU E 59 42.93 8.86 28.83
N GLU E 60 43.65 7.79 28.44
CA GLU E 60 45.03 7.95 28.00
C GLU E 60 45.10 8.59 26.61
N ILE E 61 44.26 8.13 25.67
CA ILE E 61 44.21 8.74 24.35
C ILE E 61 43.70 10.18 24.43
N MET E 62 42.65 10.43 25.23
CA MET E 62 42.11 11.78 25.32
C MET E 62 43.07 12.74 26.02
N LEU E 63 43.72 12.30 27.10
CA LEU E 63 44.65 13.16 27.83
C LEU E 63 45.95 13.36 27.06
N LYS E 64 46.34 12.39 26.23
CA LYS E 64 47.53 12.60 25.40
C LYS E 64 47.24 13.56 24.26
N ALA E 65 46.05 13.46 23.67
CA ALA E 65 45.77 14.33 22.53
C ALA E 65 45.29 15.72 22.93
N LYS E 66 44.83 15.91 24.17
CA LYS E 66 44.48 17.28 24.57
C LYS E 66 45.73 18.09 24.86
N GLY E 67 46.73 17.49 25.50
CA GLY E 67 48.01 18.16 25.61
C GLY E 67 48.82 17.99 26.88
N GLU E 68 48.36 17.18 27.83
CA GLU E 68 49.12 16.97 29.06
C GLU E 68 50.13 15.84 28.89
N ASN E 69 50.80 15.52 29.99
CA ASN E 69 51.77 14.45 30.05
C ASN E 69 51.08 13.22 30.64
N VAL E 70 50.92 12.18 29.83
CA VAL E 70 50.45 10.88 30.30
C VAL E 70 51.28 9.79 29.63
N CYS E 71 51.12 8.57 30.12
CA CYS E 71 51.79 7.43 29.54
C CYS E 71 51.03 6.94 28.31
N ASP E 72 51.52 5.88 27.69
CA ASP E 72 50.78 5.18 26.65
C ASP E 72 50.07 3.94 27.19
N THR E 73 50.86 3.02 27.77
CA THR E 73 50.49 1.81 28.51
C THR E 73 49.81 0.76 27.63
N GLY E 74 50.03 -0.53 27.95
CA GLY E 74 49.57 -1.62 27.12
C GLY E 74 50.22 -1.65 25.75
N GLU E 75 51.42 -1.06 25.64
CA GLU E 75 52.14 -0.92 24.38
C GLU E 75 53.57 -1.41 24.63
N SER E 76 53.76 -2.72 24.52
CA SER E 76 55.04 -3.44 24.73
C SER E 76 55.54 -3.13 26.14
N ARG E 77 56.71 -2.51 26.29
CA ARG E 77 57.30 -2.23 27.61
C ARG E 77 56.95 -0.83 28.11
N ALA E 78 55.78 -0.30 27.77
CA ALA E 78 55.36 1.01 28.26
C ALA E 78 54.88 0.94 29.69
N ARG E 79 55.82 0.78 30.62
CA ARG E 79 55.48 0.74 32.04
C ARG E 79 55.02 2.12 32.50
N PRO E 80 54.10 2.20 33.47
CA PRO E 80 53.59 3.51 33.90
C PRO E 80 54.65 4.39 34.56
N CYS E 81 54.49 5.70 34.38
CA CYS E 81 55.47 6.65 34.90
C CYS E 81 55.34 6.82 36.41
N GLY E 82 54.11 6.83 36.92
CA GLY E 82 53.87 7.07 38.32
C GLY E 82 53.57 8.51 38.69
N ARG E 83 53.51 9.41 37.72
CA ARG E 83 53.32 10.83 37.98
C ARG E 83 52.07 11.40 37.34
N CYS E 84 51.60 10.82 36.23
CA CYS E 84 50.55 11.45 35.45
C CYS E 84 49.18 11.27 36.10
N VAL E 85 48.16 11.80 35.43
CA VAL E 85 46.79 11.76 35.93
C VAL E 85 46.26 10.33 35.92
N THR E 86 46.57 9.57 34.87
CA THR E 86 46.14 8.19 34.78
C THR E 86 46.83 7.32 35.83
N CYS E 87 48.12 7.59 36.10
CA CYS E 87 48.83 6.91 37.18
C CYS E 87 48.29 7.24 38.55
N SER E 88 47.67 8.41 38.72
CA SER E 88 47.00 8.71 39.98
C SER E 88 45.64 8.02 40.06
N LEU E 89 44.81 8.20 39.04
CA LEU E 89 43.49 7.60 38.98
C LEU E 89 43.53 6.08 38.90
N PHE E 90 44.05 5.54 37.79
CA PHE E 90 43.96 4.11 37.54
C PHE E 90 45.19 3.33 37.99
N GLY E 91 46.25 4.00 38.40
CA GLY E 91 47.33 3.34 39.10
C GLY E 91 48.61 3.27 38.30
N SER E 92 49.68 2.92 39.03
CA SER E 92 51.02 2.80 38.49
C SER E 92 51.69 1.60 39.14
N MET E 93 52.93 1.34 38.71
CA MET E 93 53.65 0.16 39.16
C MET E 93 54.20 0.32 40.57
N GLY E 94 54.95 1.40 40.83
CA GLY E 94 55.48 1.62 42.16
C GLY E 94 54.42 1.97 43.19
N ARG E 95 53.46 2.79 42.81
CA ARG E 95 52.39 3.23 43.69
C ARG E 95 51.21 2.28 43.53
N ALA E 96 50.01 2.59 44.05
CA ALA E 96 48.86 1.70 43.92
C ALA E 96 47.71 2.49 43.34
N GLY E 97 46.74 1.77 42.80
CA GLY E 97 45.61 2.41 42.15
C GLY E 97 44.67 3.06 43.14
N ARG E 98 44.17 4.25 42.78
CA ARG E 98 43.14 4.89 43.55
C ARG E 98 41.74 4.50 43.09
N ALA E 99 41.62 3.88 41.92
CA ALA E 99 40.34 3.48 41.37
C ALA E 99 40.26 1.97 41.31
N SER E 100 39.22 1.39 41.91
CA SER E 100 38.98 -0.05 41.93
C SER E 100 37.78 -0.30 41.02
N VAL E 101 38.06 -0.48 39.73
CA VAL E 101 37.01 -0.54 38.72
C VAL E 101 36.61 -2.01 38.55
N ASP E 102 35.34 -2.31 38.84
CA ASP E 102 34.85 -3.67 38.85
C ASP E 102 34.69 -4.23 37.44
N PHE E 103 34.62 -5.56 37.35
CA PHE E 103 34.18 -6.20 36.13
C PHE E 103 32.70 -5.91 35.91
N LEU E 104 32.33 -5.72 34.65
CA LEU E 104 30.98 -5.31 34.29
C LEU E 104 30.07 -6.54 34.27
N ILE E 105 29.52 -6.88 35.43
CA ILE E 105 28.63 -8.03 35.55
C ILE E 105 27.27 -7.67 34.98
N SER E 106 26.71 -8.57 34.18
CA SER E 106 25.38 -8.39 33.62
C SER E 106 24.33 -8.67 34.67
N ASN E 107 23.19 -7.99 34.55
CA ASN E 107 22.10 -8.19 35.51
C ASN E 107 21.27 -9.43 35.19
N ASP E 108 21.49 -10.06 34.04
CA ASP E 108 20.77 -11.26 33.62
C ASP E 108 21.75 -12.41 33.40
N THR E 109 21.19 -13.60 33.17
CA THR E 109 21.99 -14.80 33.00
C THR E 109 22.41 -14.98 31.54
N LYS E 110 23.12 -16.06 31.25
CA LYS E 110 23.62 -16.33 29.90
C LYS E 110 22.60 -17.01 29.01
N GLU E 111 21.51 -17.55 29.58
CA GLU E 111 20.55 -18.28 28.77
C GLU E 111 19.45 -17.36 28.26
N GLN E 112 19.63 -16.05 28.43
CA GLN E 112 18.62 -15.12 27.95
C GLN E 112 19.24 -13.93 27.20
N ILE E 113 20.54 -13.69 27.36
CA ILE E 113 21.22 -12.62 26.64
C ILE E 113 22.39 -13.07 25.80
N VAL E 114 22.90 -14.29 25.96
CA VAL E 114 24.04 -14.77 25.18
C VAL E 114 23.54 -15.78 24.16
N ARG E 115 23.81 -15.51 22.88
CA ARG E 115 23.38 -16.38 21.79
C ARG E 115 24.54 -16.72 20.87
N GLU E 116 24.54 -17.96 20.39
CA GLU E 116 25.43 -18.37 19.31
C GLU E 116 25.07 -17.60 18.04
N SER E 117 26.07 -17.27 17.24
CA SER E 117 25.82 -16.51 16.02
C SER E 117 26.83 -16.91 14.95
N THR E 118 26.45 -16.66 13.71
CA THR E 118 27.21 -17.08 12.55
C THR E 118 28.01 -15.90 12.00
N HIS E 119 29.28 -16.12 11.68
CA HIS E 119 30.07 -15.10 11.01
C HIS E 119 30.75 -15.75 9.82
N LEU E 120 31.03 -14.93 8.80
CA LEU E 120 31.47 -15.44 7.50
C LEU E 120 32.76 -14.79 7.05
N ARG E 121 33.33 -15.39 6.00
CA ARG E 121 34.34 -14.77 5.16
C ARG E 121 34.02 -15.17 3.72
N ILE E 122 33.83 -14.17 2.87
CA ILE E 122 33.32 -14.35 1.50
C ILE E 122 34.37 -13.87 0.51
N GLU E 123 34.63 -14.68 -0.51
CA GLU E 123 35.53 -14.33 -1.59
C GLU E 123 35.03 -13.11 -2.35
N ARG E 124 35.96 -12.43 -3.01
CA ARG E 124 35.64 -11.16 -3.66
C ARG E 124 35.37 -11.31 -5.15
N GLN E 125 35.86 -12.39 -5.78
CA GLN E 125 35.57 -12.66 -7.18
C GLN E 125 34.34 -13.54 -7.36
N THR E 126 34.20 -14.58 -6.54
CA THR E 126 33.06 -15.48 -6.65
C THR E 126 31.85 -15.02 -5.85
N LYS E 127 32.07 -14.15 -4.86
CA LYS E 127 31.03 -13.63 -3.95
C LYS E 127 30.27 -14.74 -3.25
N SER E 128 30.98 -15.78 -2.83
CA SER E 128 30.41 -16.91 -2.13
C SER E 128 31.13 -17.11 -0.80
N ALA E 129 30.41 -17.67 0.17
CA ALA E 129 30.91 -17.86 1.53
C ALA E 129 32.06 -18.86 1.57
N SER E 130 33.26 -18.37 1.87
CA SER E 130 34.44 -19.21 1.85
C SER E 130 34.71 -19.88 3.19
N ASP E 131 34.50 -19.15 4.29
CA ASP E 131 34.63 -19.74 5.61
C ASP E 131 33.49 -19.27 6.49
N THR E 132 33.16 -20.09 7.49
CA THR E 132 32.20 -19.67 8.51
C THR E 132 32.75 -20.03 9.87
N PHE E 133 32.24 -19.36 10.89
CA PHE E 133 32.58 -19.70 12.26
C PHE E 133 31.47 -19.25 13.19
N LYS E 134 31.31 -20.01 14.26
CA LYS E 134 30.28 -19.75 15.26
C LYS E 134 30.92 -18.99 16.42
N GLY E 135 30.40 -17.82 16.71
CA GLY E 135 30.82 -17.07 17.87
C GLY E 135 29.62 -16.64 18.67
N GLU E 136 29.76 -16.71 19.99
CA GLU E 136 28.68 -16.22 20.83
C GLU E 136 28.73 -14.70 20.91
N GLU E 137 27.58 -14.11 21.24
CA GLU E 137 27.51 -12.66 21.41
C GLU E 137 26.39 -12.32 22.39
N VAL E 138 26.48 -11.11 22.93
CA VAL E 138 25.52 -10.60 23.91
C VAL E 138 24.50 -9.74 23.17
N ILE E 139 23.21 -9.96 23.45
CA ILE E 139 22.14 -9.28 22.73
C ILE E 139 22.07 -7.80 23.10
N GLU E 140 21.31 -7.05 22.34
CA GLU E 140 21.15 -5.61 22.51
C GLU E 140 20.05 -5.32 23.53
N GLY E 141 20.31 -4.32 24.36
CA GLY E 141 19.41 -4.01 25.45
C GLY E 141 19.69 -4.75 26.73
N ALA E 142 20.68 -5.66 26.74
CA ALA E 142 21.08 -6.34 27.97
C ALA E 142 21.80 -5.35 28.87
N THR E 143 21.33 -5.25 30.11
CA THR E 143 21.83 -4.25 31.05
C THR E 143 22.90 -4.86 31.94
N PHE E 144 24.11 -4.33 31.86
CA PHE E 144 25.23 -4.71 32.69
C PHE E 144 25.33 -3.74 33.86
N THR E 145 25.93 -4.20 34.95
CA THR E 145 25.96 -3.40 36.17
C THR E 145 27.33 -3.50 36.82
N ALA E 146 27.95 -2.34 37.09
CA ALA E 146 29.21 -2.36 37.83
C ALA E 146 29.23 -1.17 38.78
N THR E 147 30.07 -1.30 39.81
CA THR E 147 30.35 -0.19 40.71
C THR E 147 31.86 -0.02 40.84
N ILE E 148 32.34 1.19 40.60
CA ILE E 148 33.76 1.48 40.69
C ILE E 148 33.97 2.35 41.91
N THR E 149 35.13 2.20 42.52
CA THR E 149 35.42 2.78 43.83
C THR E 149 36.69 3.61 43.72
N ILE E 150 36.59 4.90 44.06
CA ILE E 150 37.69 5.85 43.93
C ILE E 150 38.08 6.29 45.33
N SER E 151 39.36 6.12 45.68
CA SER E 151 39.89 6.57 46.95
C SER E 151 40.68 7.86 46.74
N ASN E 152 40.52 8.81 47.67
CA ASN E 152 41.11 10.15 47.67
C ASN E 152 40.81 10.90 46.39
N PRO E 153 39.58 11.35 46.17
CA PRO E 153 39.23 11.93 44.87
C PRO E 153 39.61 13.40 44.75
N GLN E 154 39.95 13.79 43.53
CA GLN E 154 40.15 15.19 43.19
C GLN E 154 38.82 15.81 42.75
N GLU E 155 38.87 17.06 42.32
CA GLU E 155 37.70 17.69 41.74
C GLU E 155 37.45 17.18 40.32
N LYS E 156 38.51 16.92 39.56
CA LYS E 156 38.39 16.40 38.20
C LYS E 156 38.51 14.88 38.20
N ASP E 157 37.58 14.23 38.91
CA ASP E 157 37.50 12.78 38.94
C ASP E 157 36.22 12.27 38.29
N LEU E 158 35.05 12.78 38.70
CA LEU E 158 33.80 12.39 38.08
C LEU E 158 33.73 12.84 36.62
N SER E 159 34.31 14.01 36.33
CA SER E 159 34.35 14.50 34.96
C SER E 159 35.26 13.65 34.08
N LEU E 160 36.38 13.17 34.64
CA LEU E 160 37.30 12.34 33.86
C LEU E 160 36.72 10.95 33.60
N ILE E 161 36.10 10.35 34.61
CA ILE E 161 35.41 9.06 34.43
C ILE E 161 34.26 9.21 33.46
N GLN E 162 33.52 10.32 33.54
CA GLN E 162 32.42 10.57 32.62
C GLN E 162 32.91 10.73 31.18
N SER E 163 34.03 11.45 30.98
CA SER E 163 34.58 11.65 29.66
C SER E 163 35.11 10.34 29.07
N ALA E 164 35.75 9.51 29.91
CA ALA E 164 36.19 8.21 29.45
C ALA E 164 35.02 7.29 29.13
N LEU E 165 33.92 7.41 29.89
CA LEU E 165 32.71 6.64 29.59
C LEU E 165 32.11 7.05 28.26
N LYS E 166 32.06 8.35 27.96
CA LYS E 166 31.57 8.83 26.68
C LYS E 166 32.47 8.37 25.53
N PHE E 167 33.79 8.32 25.77
CA PHE E 167 34.70 7.75 24.78
C PHE E 167 34.44 6.25 24.58
N ILE E 168 34.01 5.55 25.62
CA ILE E 168 33.64 4.14 25.43
C ILE E 168 32.34 4.03 24.63
N GLU E 169 31.39 4.95 24.83
CA GLU E 169 30.17 4.93 23.99
C GLU E 169 30.49 5.27 22.53
N GLU E 170 31.51 6.07 22.27
CA GLU E 170 31.96 6.17 20.88
C GLU E 170 32.66 4.91 20.38
N ASN E 171 33.80 4.56 20.99
CA ASN E 171 34.66 3.53 20.42
C ASN E 171 34.10 2.12 20.62
N GLY E 172 33.63 1.81 21.81
CA GLY E 172 33.13 0.49 22.12
C GLY E 172 33.89 -0.16 23.26
N ILE E 173 33.34 -1.29 23.72
CA ILE E 173 33.98 -2.09 24.75
C ILE E 173 33.93 -3.56 24.32
N GLY E 174 34.87 -4.34 24.85
CA GLY E 174 34.99 -5.72 24.44
C GLY E 174 35.78 -5.87 23.14
N GLY E 175 35.45 -6.92 22.40
CA GLY E 175 36.12 -7.22 21.15
C GLY E 175 35.26 -6.94 19.94
N TRP E 176 35.90 -7.12 18.77
CA TRP E 176 35.31 -6.88 17.44
C TRP E 176 34.75 -5.47 17.32
N LEU E 177 35.50 -4.49 17.84
CA LEU E 177 35.02 -3.11 17.88
C LEU E 177 34.92 -2.49 16.50
N ASN E 178 35.83 -2.84 15.59
CA ASN E 178 35.81 -2.24 14.27
C ASN E 178 34.67 -2.77 13.41
N LYS E 179 34.16 -3.97 13.69
CA LYS E 179 33.07 -4.54 12.92
C LYS E 179 31.71 -4.06 13.37
N GLY E 180 31.64 -3.23 14.42
CA GLY E 180 30.39 -2.69 14.91
C GLY E 180 29.94 -3.22 16.24
N TYR E 181 30.67 -4.16 16.83
CA TYR E 181 30.26 -4.75 18.09
C TYR E 181 30.66 -3.85 19.25
N GLY E 182 29.73 -3.61 20.17
CA GLY E 182 30.04 -2.90 21.39
C GLY E 182 29.65 -1.44 21.47
N ARG E 183 28.80 -0.95 20.57
CA ARG E 183 28.32 0.43 20.65
C ARG E 183 27.25 0.46 21.74
N VAL E 184 27.64 0.91 22.94
CA VAL E 184 26.80 0.85 24.13
C VAL E 184 26.61 2.25 24.71
N SER E 185 25.74 2.34 25.70
CA SER E 185 25.43 3.59 26.40
C SER E 185 25.51 3.36 27.90
N PHE E 186 25.86 4.43 28.61
CA PHE E 186 26.09 4.38 30.06
C PHE E 186 25.15 5.33 30.78
N GLU E 187 24.47 4.83 31.81
CA GLU E 187 23.86 5.69 32.82
C GLU E 187 24.69 5.63 34.08
N VAL E 188 24.98 6.79 34.67
CA VAL E 188 25.95 6.93 35.73
C VAL E 188 25.25 7.50 36.96
N LYS E 189 25.58 6.98 38.13
CA LYS E 189 25.06 7.52 39.38
C LYS E 189 26.20 7.57 40.39
N SER E 190 26.45 8.75 40.95
CA SER E 190 27.62 8.97 41.78
C SER E 190 27.21 9.25 43.22
N GLU E 191 28.09 8.88 44.15
CA GLU E 191 27.81 9.03 45.56
C GLU E 191 29.14 9.16 46.29
N ASP E 192 29.15 9.89 47.39
CA ASP E 192 30.34 10.04 48.22
C ASP E 192 30.06 9.56 49.64
N VAL E 193 30.80 8.54 50.06
CA VAL E 193 30.57 7.86 51.34
C VAL E 193 31.67 8.27 52.31
N ALA E 194 31.35 8.23 53.60
CA ALA E 194 32.27 8.57 54.66
C ALA E 194 32.10 7.58 55.81
N THR E 195 32.81 7.82 56.90
CA THR E 195 32.72 6.96 58.08
C THR E 195 31.38 7.17 58.77
N ASP E 196 30.73 6.04 59.09
CA ASP E 196 29.41 5.97 59.77
C ASP E 196 28.32 6.77 59.06
N GLU F 3 32.37 -12.58 68.29
CA GLU F 3 32.94 -13.26 67.13
C GLU F 3 31.95 -13.23 65.97
N ILE F 4 32.45 -12.94 64.77
CA ILE F 4 31.62 -12.74 63.59
C ILE F 4 31.69 -14.02 62.75
N LYS F 5 30.58 -14.77 62.76
CA LYS F 5 30.27 -15.78 61.75
C LYS F 5 29.65 -15.12 60.53
N GLY F 6 29.98 -15.64 59.36
CA GLY F 6 29.42 -15.10 58.15
C GLY F 6 29.65 -16.00 56.95
N ILE F 7 28.91 -15.69 55.88
CA ILE F 7 29.00 -16.41 54.63
C ILE F 7 29.41 -15.43 53.55
N LEU F 8 30.52 -15.72 52.87
CA LEU F 8 31.04 -14.89 51.79
C LEU F 8 30.75 -15.57 50.45
N GLU F 9 29.89 -14.98 49.65
CA GLU F 9 29.57 -15.51 48.33
C GLU F 9 30.38 -14.74 47.30
N SER F 10 31.08 -15.47 46.43
CA SER F 10 31.96 -14.85 45.45
C SER F 10 31.15 -14.45 44.22
N ILE F 11 31.16 -13.17 43.88
CA ILE F 11 30.57 -12.70 42.64
C ILE F 11 31.55 -12.83 41.48
N THR F 12 32.83 -12.56 41.74
CA THR F 12 33.87 -12.63 40.73
C THR F 12 34.99 -13.52 41.23
N GLY F 13 35.68 -14.19 40.29
CA GLY F 13 36.72 -15.12 40.66
C GLY F 13 37.95 -14.43 41.23
N PHE F 14 38.75 -15.21 41.95
CA PHE F 14 39.89 -14.70 42.69
C PHE F 14 41.10 -15.57 42.44
N SER F 15 42.29 -14.97 42.57
CA SER F 15 43.54 -15.66 42.32
C SER F 15 44.57 -15.27 43.38
N ILE F 16 45.12 -16.27 44.07
CA ILE F 16 46.24 -16.06 44.98
C ILE F 16 47.39 -16.98 44.55
N PRO F 17 48.47 -16.44 43.98
CA PRO F 17 49.64 -17.28 43.68
C PRO F 17 50.30 -17.84 44.94
N LEU F 18 50.97 -18.98 44.76
CA LEU F 18 51.67 -19.63 45.84
C LEU F 18 52.90 -20.32 45.30
N ASP F 19 54.06 -19.98 45.86
CA ASP F 19 55.39 -20.53 45.52
C ASP F 19 55.74 -20.42 44.03
N GLY F 21 54.27 -22.29 39.98
CA GLY F 21 53.23 -21.31 40.23
C GLY F 21 51.92 -21.91 40.70
N GLU F 22 51.93 -22.43 41.93
CA GLU F 22 50.73 -23.01 42.50
C GLU F 22 49.78 -21.91 42.97
N TYR F 23 48.53 -22.29 43.24
CA TYR F 23 47.51 -21.34 43.66
C TYR F 23 46.75 -21.88 44.85
N ALA F 24 46.08 -20.97 45.55
CA ALA F 24 45.28 -21.30 46.72
C ALA F 24 43.86 -21.58 46.28
N LEU F 25 43.33 -22.75 46.66
CA LEU F 25 41.94 -23.10 46.33
C LEU F 25 40.96 -22.21 47.07
N TYR F 26 41.29 -21.82 48.29
CA TYR F 26 40.48 -20.97 49.14
C TYR F 26 41.33 -19.84 49.71
N PRO F 27 40.75 -18.66 49.95
CA PRO F 27 41.53 -17.57 50.55
C PRO F 27 41.80 -17.84 52.02
N ALA F 28 42.97 -17.38 52.46
CA ALA F 28 43.33 -17.49 53.86
C ALA F 28 42.78 -16.32 54.66
N GLY F 29 42.99 -16.36 55.97
CA GLY F 29 42.62 -15.23 56.81
C GLY F 29 43.57 -14.05 56.67
N ARG F 30 44.73 -14.28 56.07
CA ARG F 30 45.70 -13.22 55.77
C ARG F 30 45.13 -12.16 54.84
N HIS F 31 44.50 -12.57 53.74
CA HIS F 31 43.92 -11.64 52.79
C HIS F 31 42.68 -10.97 53.34
N LEU F 32 41.93 -11.71 54.16
CA LEU F 32 40.77 -11.17 54.86
C LEU F 32 41.18 -10.05 55.82
N ARG F 33 42.27 -10.29 56.57
CA ARG F 33 42.79 -9.29 57.51
C ARG F 33 43.32 -8.07 56.77
N GLY F 34 44.05 -8.28 55.67
CA GLY F 34 44.53 -7.17 54.87
C GLY F 34 43.43 -6.34 54.24
N ALA F 35 42.40 -6.99 53.71
CA ALA F 35 41.29 -6.27 53.08
C ALA F 35 40.43 -5.54 54.11
N ILE F 36 40.20 -6.15 55.28
CA ILE F 36 39.49 -5.47 56.36
C ILE F 36 40.30 -4.29 56.88
N GLY F 37 41.63 -4.41 56.86
CA GLY F 37 42.47 -3.27 57.17
C GLY F 37 42.37 -2.14 56.16
N TYR F 38 42.22 -2.48 54.88
CA TYR F 38 41.96 -1.44 53.89
C TYR F 38 40.60 -0.78 54.09
N ILE F 39 39.59 -1.57 54.52
CA ILE F 39 38.30 -0.99 54.87
C ILE F 39 38.43 -0.02 56.05
N ALA F 40 39.25 -0.37 57.04
CA ALA F 40 39.47 0.51 58.18
C ALA F 40 40.26 1.76 57.78
N PHE F 41 41.23 1.61 56.88
CA PHE F 41 42.11 2.73 56.53
C PHE F 41 41.38 3.72 55.62
N ASN F 42 40.64 3.21 54.63
CA ASN F 42 40.01 4.08 53.64
C ASN F 42 38.85 4.88 54.24
N LEU F 43 38.14 4.29 55.20
CA LEU F 43 37.14 5.03 55.95
C LEU F 43 37.72 5.72 57.18
N ASP F 44 39.05 5.62 57.37
CA ASP F 44 39.81 6.31 58.42
C ASP F 44 39.35 5.95 59.83
N LEU F 45 39.13 4.65 60.07
CA LEU F 45 38.94 4.19 61.44
C LEU F 45 40.30 4.11 62.14
N PRO F 46 40.33 4.36 63.46
CA PRO F 46 41.61 4.27 64.19
C PRO F 46 42.19 2.86 64.24
N ILE F 47 41.34 1.83 64.18
CA ILE F 47 41.78 0.44 64.31
C ILE F 47 42.65 -0.02 63.13
N SER F 48 42.66 0.75 62.04
CA SER F 48 43.60 0.53 60.93
C SER F 48 45.04 0.60 61.40
N SER F 49 45.34 1.45 62.40
CA SER F 49 46.67 1.45 63.00
C SER F 49 46.98 0.10 63.65
N LYS F 50 45.97 -0.51 64.27
CA LYS F 50 46.09 -1.87 64.80
C LYS F 50 46.31 -2.89 63.69
N PHE F 51 45.88 -2.58 62.46
CA PHE F 51 46.14 -3.48 61.34
C PHE F 51 47.59 -3.37 60.87
N LEU F 52 48.29 -2.30 61.25
CA LEU F 52 49.66 -2.11 60.79
C LEU F 52 50.62 -3.07 61.48
N ASP F 53 50.39 -3.41 62.75
CA ASP F 53 51.25 -4.34 63.45
C ASP F 53 50.97 -5.77 62.99
N PHE F 54 51.93 -6.66 63.24
CA PHE F 54 51.78 -8.05 62.83
C PHE F 54 50.81 -8.81 63.73
N ASP F 55 50.82 -8.53 65.03
CA ASP F 55 49.96 -9.21 65.99
C ASP F 55 49.15 -8.19 66.78
N PHE F 56 47.85 -8.42 66.88
CA PHE F 56 47.01 -7.67 67.81
C PHE F 56 46.04 -8.56 68.58
N ASP F 57 45.83 -9.81 68.16
CA ASP F 57 45.11 -10.88 68.87
C ASP F 57 43.66 -10.49 69.21
N ASP F 58 42.98 -10.02 68.17
CA ASP F 58 41.54 -9.76 68.21
C ASP F 58 40.98 -9.65 66.79
N LEU F 65 37.27 -20.78 54.53
CA LEU F 65 37.05 -22.19 54.24
C LEU F 65 35.79 -22.36 53.38
N PRO F 66 35.83 -23.30 52.43
CA PRO F 66 34.62 -23.60 51.65
C PRO F 66 33.59 -24.33 52.50
N ILE F 67 32.32 -24.02 52.26
CA ILE F 67 31.24 -24.65 53.00
C ILE F 67 30.82 -25.96 52.33
N CYS F 70 25.45 -29.84 52.47
CA CYS F 70 26.32 -29.94 53.64
C CYS F 70 26.70 -28.56 54.16
N GLY F 71 26.09 -28.16 55.27
CA GLY F 71 26.38 -26.88 55.87
C GLY F 71 27.69 -26.81 56.63
N LYS F 72 28.29 -27.94 56.93
CA LYS F 72 29.58 -27.95 57.61
C LYS F 72 30.69 -27.55 56.65
N ILE F 73 31.62 -26.73 57.14
CA ILE F 73 32.75 -26.29 56.33
C ILE F 73 33.71 -27.46 56.11
N PHE F 74 34.43 -27.42 54.99
CA PHE F 74 35.41 -28.46 54.66
C PHE F 74 36.60 -28.44 55.61
N TYR F 75 37.37 -29.53 55.60
CA TYR F 75 38.53 -29.66 56.46
C TYR F 75 39.69 -30.16 55.63
N PRO F 76 40.95 -29.82 55.98
CA PRO F 76 42.11 -30.35 55.26
C PRO F 76 42.32 -31.84 55.49
N ILE F 91 33.98 -32.84 48.17
CA ILE F 91 35.43 -32.66 48.14
C ILE F 91 35.72 -31.47 47.24
N TYR F 92 36.40 -30.46 47.80
CA TYR F 92 36.74 -29.26 47.05
C TYR F 92 37.74 -29.57 45.93
N GLY F 93 38.97 -29.90 46.33
CA GLY F 93 39.98 -30.30 45.34
C GLY F 93 40.41 -29.16 44.45
N SER F 94 41.36 -29.44 43.56
CA SER F 94 41.89 -28.39 42.65
C SER F 94 40.96 -28.23 41.45
N SER F 95 40.08 -29.20 41.20
CA SER F 95 39.26 -29.04 40.01
C SER F 95 38.60 -27.67 39.94
N VAL F 96 38.59 -26.94 41.06
CA VAL F 96 38.05 -25.59 41.06
C VAL F 96 38.93 -24.59 40.31
N LEU F 97 40.18 -24.93 40.06
CA LEU F 97 41.12 -24.03 39.42
C LEU F 97 40.94 -24.06 37.90
N ARG F 98 40.96 -22.89 37.28
CA ARG F 98 40.90 -22.77 35.83
C ARG F 98 42.02 -21.87 35.34
N ASN F 99 42.73 -22.35 34.33
CA ASN F 99 43.78 -21.58 33.68
C ASN F 99 43.16 -20.48 32.84
N ILE F 100 43.67 -19.26 32.99
CA ILE F 100 43.15 -18.08 32.30
C ILE F 100 44.32 -17.39 31.61
N MET F 101 44.17 -17.13 30.32
CA MET F 101 45.15 -16.40 29.53
C MET F 101 44.58 -15.05 29.17
N ALA F 102 45.27 -14.00 29.57
CA ALA F 102 44.88 -12.62 29.31
C ALA F 102 45.45 -12.18 27.96
N ARG F 103 45.54 -10.86 27.76
CA ARG F 103 46.17 -10.27 26.57
C ARG F 103 47.58 -10.81 26.34
N GLY F 104 48.41 -10.82 27.39
CA GLY F 104 49.68 -11.50 27.32
C GLY F 104 49.94 -12.32 28.57
N LEU F 105 49.11 -12.11 29.59
CA LEU F 105 49.33 -12.73 30.89
C LEU F 105 48.75 -14.14 30.91
N SER F 106 49.29 -14.97 31.81
CA SER F 106 48.77 -16.30 32.07
C SER F 106 48.77 -16.54 33.56
N TYR F 107 47.62 -16.95 34.10
CA TYR F 107 47.48 -17.23 35.52
C TYR F 107 46.35 -18.26 35.66
N LYS F 108 45.99 -18.58 36.90
CA LYS F 108 44.84 -19.44 37.16
C LYS F 108 44.01 -18.84 38.29
N GLU F 109 42.70 -19.12 38.27
CA GLU F 109 41.84 -18.58 39.30
C GLU F 109 40.76 -19.58 39.68
N VAL F 110 40.15 -19.35 40.84
CA VAL F 110 39.00 -20.10 41.30
C VAL F 110 37.74 -19.49 40.69
N ILE F 111 36.78 -20.34 40.29
CA ILE F 111 35.50 -19.81 39.84
C ILE F 111 34.68 -19.29 41.04
N GLU F 112 33.70 -18.47 40.73
CA GLU F 112 32.87 -17.79 41.71
C GLU F 112 31.58 -18.59 41.93
N GLY F 113 30.59 -17.97 42.57
CA GLY F 113 29.32 -18.64 42.82
C GLY F 113 29.34 -19.63 43.95
N LYS F 114 30.21 -19.43 44.94
CA LYS F 114 30.42 -20.43 45.99
C LYS F 114 30.45 -19.75 47.35
N LYS F 115 29.89 -20.44 48.35
CA LYS F 115 29.82 -19.90 49.70
C LYS F 115 31.08 -20.28 50.46
N TYR F 116 31.67 -19.29 51.12
CA TYR F 116 32.88 -19.46 51.92
C TYR F 116 32.60 -19.02 53.35
N ARG F 117 33.57 -19.47 54.22
CA ARG F 117 33.40 -19.21 55.67
C ARG F 117 34.04 -17.89 56.09
N LEU F 118 33.34 -17.17 56.99
CA LEU F 118 33.87 -15.94 57.59
C LEU F 118 33.84 -16.13 59.09
N SER F 119 35.01 -16.15 59.72
CA SER F 119 35.11 -16.19 61.18
C SER F 119 36.13 -15.14 61.58
N ILE F 120 35.65 -13.95 61.93
CA ILE F 120 36.49 -12.90 62.47
C ILE F 120 36.37 -13.05 63.98
N ILE F 121 37.44 -13.51 64.62
CA ILE F 121 37.44 -13.71 66.06
C ILE F 121 37.73 -12.38 66.73
N VAL F 122 36.79 -11.90 67.54
CA VAL F 122 36.95 -10.65 68.27
C VAL F 122 37.22 -10.98 69.73
N LYS F 123 38.37 -10.51 70.24
CA LYS F 123 38.80 -10.83 71.59
C LYS F 123 38.84 -9.62 72.52
N ASP F 124 38.63 -8.41 72.01
CA ASP F 124 38.55 -7.22 72.84
C ASP F 124 37.26 -6.48 72.55
N GLU F 125 36.70 -5.82 73.57
CA GLU F 125 35.50 -5.02 73.38
C GLU F 125 35.79 -3.64 72.81
N LYS F 126 37.06 -3.23 72.75
CA LYS F 126 37.39 -1.89 72.28
C LYS F 126 37.25 -1.78 70.76
N TYR F 127 37.56 -2.84 70.03
CA TYR F 127 37.55 -2.82 68.58
C TYR F 127 36.41 -3.62 67.96
N LEU F 128 35.50 -4.13 68.79
CA LEU F 128 34.39 -4.93 68.29
C LEU F 128 33.42 -4.08 67.46
N ASN F 129 33.15 -2.86 67.92
CA ASN F 129 32.28 -1.95 67.16
C ASN F 129 32.94 -1.49 65.87
N GLU F 130 34.26 -1.32 65.88
CA GLU F 130 35.00 -0.97 64.67
C GLU F 130 34.94 -2.10 63.65
N MET F 131 35.12 -3.34 64.11
CA MET F 131 35.02 -4.50 63.23
C MET F 131 33.59 -4.66 62.70
N GLU F 132 32.59 -4.36 63.53
CA GLU F 132 31.20 -4.39 63.08
C GLU F 132 30.93 -3.31 62.03
N ALA F 133 31.56 -2.15 62.17
CA ALA F 133 31.44 -1.09 61.17
C ALA F 133 32.07 -1.50 59.85
N ILE F 134 33.24 -2.14 59.92
CA ILE F 134 33.91 -2.73 58.76
C ILE F 134 33.00 -3.73 58.06
N ILE F 135 32.39 -4.63 58.85
CA ILE F 135 31.47 -5.64 58.33
C ILE F 135 30.23 -5.00 57.72
N ARG F 136 29.76 -3.88 58.29
CA ARG F 136 28.64 -3.15 57.71
C ARG F 136 29.02 -2.52 56.37
N TYR F 137 30.26 -2.04 56.24
CA TYR F 137 30.69 -1.50 54.95
C TYR F 137 30.83 -2.61 53.90
N ILE F 138 31.24 -3.81 54.32
CA ILE F 138 31.21 -4.97 53.42
C ILE F 138 29.79 -5.32 53.01
N LEU F 139 28.86 -5.29 53.98
CA LEU F 139 27.47 -5.61 53.70
C LEU F 139 26.81 -4.58 52.79
N SER F 140 27.29 -3.33 52.81
CA SER F 140 26.80 -2.36 51.85
C SER F 140 27.39 -2.60 50.46
N TYR F 141 28.72 -2.75 50.36
CA TYR F 141 29.36 -2.79 49.05
C TYR F 141 30.07 -4.11 48.77
N GLY F 142 31.01 -4.54 49.60
CA GLY F 142 31.72 -5.78 49.36
C GLY F 142 33.16 -5.68 49.80
N ILE F 143 33.89 -6.77 49.52
CA ILE F 143 35.28 -6.90 49.95
C ILE F 143 36.04 -7.61 48.83
N TYR F 144 37.29 -7.21 48.62
CA TYR F 144 38.13 -7.75 47.56
C TYR F 144 39.24 -8.60 48.16
N LEU F 145 39.36 -9.84 47.70
CA LEU F 145 40.38 -10.77 48.16
C LEU F 145 41.08 -11.37 46.95
N GLY F 146 42.40 -11.19 46.87
CA GLY F 146 43.19 -11.80 45.83
C GLY F 146 43.95 -10.78 45.01
N ASN F 147 44.42 -11.23 43.85
CA ASN F 147 45.18 -10.36 42.97
C ASN F 147 44.24 -9.53 42.09
N LYS F 148 44.79 -8.44 41.56
CA LYS F 148 44.15 -7.53 40.62
C LYS F 148 42.81 -7.01 41.16
N VAL F 149 42.91 -6.39 42.33
CA VAL F 149 41.74 -5.86 43.03
C VAL F 149 41.12 -4.72 42.23
N SER F 150 41.96 -3.84 41.66
CA SER F 150 41.47 -2.74 40.85
C SER F 150 40.93 -3.18 39.50
N LYS F 151 41.21 -4.41 39.07
CA LYS F 151 40.65 -4.94 37.82
C LYS F 151 39.31 -5.60 38.02
N GLY F 152 38.86 -5.78 39.26
CA GLY F 152 37.58 -6.40 39.55
C GLY F 152 37.66 -7.84 40.01
N TYR F 153 38.83 -8.47 39.94
CA TYR F 153 38.99 -9.83 40.44
C TYR F 153 38.84 -9.90 41.95
N GLY F 154 38.22 -10.97 42.42
CA GLY F 154 38.16 -11.23 43.84
C GLY F 154 37.00 -10.60 44.59
N LYS F 155 35.89 -10.32 43.91
CA LYS F 155 34.72 -9.78 44.58
C LYS F 155 34.09 -10.82 45.50
N PHE F 156 33.70 -10.39 46.70
CA PHE F 156 33.10 -11.27 47.70
C PHE F 156 31.97 -10.51 48.36
N LYS F 157 30.73 -10.96 48.13
CA LYS F 157 29.58 -10.40 48.82
C LYS F 157 29.34 -11.17 50.10
N ILE F 158 28.98 -10.45 51.16
CA ILE F 158 28.55 -11.10 52.40
C ILE F 158 27.12 -11.60 52.18
N LYS F 159 26.83 -12.78 52.72
CA LYS F 159 25.49 -13.34 52.60
C LYS F 159 24.78 -13.45 53.95
N GLU F 160 25.50 -13.82 55.00
CA GLU F 160 24.97 -13.85 56.34
C GLU F 160 26.05 -13.35 57.29
N TYR F 161 25.69 -12.68 58.35
CA TYR F 161 26.69 -12.27 59.38
C TYR F 161 25.93 -12.02 60.68
N SER F 162 26.66 -11.78 61.78
CA SER F 162 26.02 -11.57 63.10
C SER F 162 27.08 -11.47 64.19
N ILE F 163 26.80 -12.06 65.35
CA ILE F 163 27.77 -12.03 66.45
C ILE F 163 27.52 -13.27 67.31
N VAL F 164 28.58 -14.03 67.57
CA VAL F 164 28.48 -15.30 68.27
C VAL F 164 29.66 -15.42 69.23
N ASP F 165 29.63 -16.50 70.03
CA ASP F 165 30.71 -16.81 70.96
C ASP F 165 31.64 -17.83 70.32
N ILE F 166 32.92 -17.49 70.25
CA ILE F 166 33.92 -18.37 69.64
C ILE F 166 34.20 -19.58 70.54
N LEU F 176 47.27 -26.94 62.29
CA LEU F 176 46.03 -27.67 62.65
C LEU F 176 45.09 -27.69 61.45
N LEU F 177 44.06 -26.82 61.46
CA LEU F 177 43.09 -26.74 60.35
C LEU F 177 43.66 -25.85 59.24
N SER F 178 44.31 -24.75 59.63
CA SER F 178 44.91 -23.82 58.64
C SER F 178 46.42 -24.00 58.64
N ASP F 179 47.15 -23.12 57.95
CA ASP F 179 48.60 -23.22 58.04
C ASP F 179 49.11 -22.55 59.31
N ALA F 180 49.78 -23.31 60.15
CA ALA F 180 50.22 -22.86 61.47
C ALA F 180 51.74 -22.79 61.50
N ILE F 181 52.27 -21.69 62.04
CA ILE F 181 53.71 -21.50 62.16
C ILE F 181 54.22 -22.14 63.45
N ILE F 182 55.12 -23.11 63.31
CA ILE F 182 55.73 -23.77 64.45
C ILE F 182 57.20 -24.02 64.16
N ASP F 183 58.07 -23.16 64.70
CA ASP F 183 59.53 -23.21 64.57
C ASP F 183 60.03 -23.24 63.13
N GLU F 186 59.65 -28.57 57.76
CA GLU F 186 58.46 -27.72 57.76
C GLU F 186 58.15 -27.23 56.35
N LYS F 187 56.95 -26.67 56.18
CA LYS F 187 56.49 -26.16 54.90
C LYS F 187 56.69 -24.64 54.84
N ASP F 188 57.01 -24.14 53.65
CA ASP F 188 57.26 -22.72 53.47
C ASP F 188 55.96 -21.95 53.47
N ILE F 189 55.87 -20.92 54.32
CA ILE F 189 54.69 -20.06 54.40
C ILE F 189 55.15 -18.64 54.08
N VAL F 190 54.55 -18.04 53.05
CA VAL F 190 54.92 -16.71 52.60
C VAL F 190 53.71 -15.80 52.82
N PHE F 191 53.88 -14.78 53.67
CA PHE F 191 52.86 -13.76 53.86
C PHE F 191 53.54 -12.40 53.74
N SER F 192 52.80 -11.38 53.33
CA SER F 192 53.43 -10.11 53.04
C SER F 192 52.73 -8.97 53.76
N LYS F 193 53.49 -7.89 54.00
CA LYS F 193 53.01 -6.69 54.69
C LYS F 193 53.39 -5.48 53.85
N LYS F 194 52.53 -5.11 52.90
CA LYS F 194 52.75 -3.92 52.07
C LYS F 194 52.20 -2.72 52.84
N GLU F 195 53.10 -2.00 53.49
CA GLU F 195 52.71 -0.83 54.28
C GLU F 195 52.34 0.33 53.36
N ILE F 196 51.11 0.82 53.49
CA ILE F 196 50.68 2.00 52.75
C ILE F 196 51.22 3.23 53.47
N SER F 197 51.26 4.36 52.75
CA SER F 197 51.82 5.66 53.19
C SER F 197 53.31 5.56 53.54
N SER F 198 53.99 4.53 53.04
CA SER F 198 55.44 4.42 53.15
C SER F 198 56.01 3.89 51.85
N SER F 199 55.14 3.31 51.01
CA SER F 199 55.46 2.70 49.71
C SER F 199 56.55 1.63 49.85
N LYS F 200 56.24 0.59 50.62
CA LYS F 200 57.19 -0.45 50.97
C LYS F 200 56.46 -1.78 50.84
N PHE F 201 57.02 -2.69 50.05
CA PHE F 201 56.58 -4.09 50.00
C PHE F 201 57.69 -4.98 50.53
N GLU F 202 57.34 -5.87 51.46
CA GLU F 202 58.27 -6.85 52.00
C GLU F 202 57.46 -8.13 52.19
N ILE F 203 57.94 -9.22 51.60
CA ILE F 203 57.23 -10.50 51.61
C ILE F 203 57.97 -11.43 52.56
N ILE F 204 57.43 -11.59 53.77
CA ILE F 204 58.04 -12.45 54.78
C ILE F 204 57.88 -13.91 54.38
N ARG F 205 58.98 -14.65 54.40
CA ARG F 205 59.02 -16.08 54.12
C ARG F 205 59.50 -16.81 55.37
N LYS F 206 58.61 -17.59 55.98
CA LYS F 206 58.92 -18.34 57.19
C LYS F 206 58.57 -19.81 56.98
N ARG F 207 58.68 -20.59 58.05
CA ARG F 207 58.43 -22.03 58.01
C ARG F 207 57.38 -22.38 59.04
N GLY F 208 56.51 -23.32 58.71
CA GLY F 208 55.45 -23.69 59.61
C GLY F 208 54.92 -25.08 59.31
N LYS F 209 53.94 -25.49 60.12
CA LYS F 209 53.35 -26.81 59.99
C LYS F 209 52.35 -26.84 58.83
N ALA F 210 51.91 -28.05 58.48
CA ALA F 210 50.96 -28.26 57.39
C ALA F 210 49.64 -28.72 57.98
N LYS F 211 48.55 -28.09 57.55
CA LYS F 211 47.21 -28.42 58.04
C LYS F 211 46.76 -29.79 57.57
N MET G 1 8.53 26.65 3.15
CA MET G 1 8.36 25.35 2.52
C MET G 1 7.44 25.43 1.32
N ILE G 2 7.27 26.63 0.78
CA ILE G 2 6.32 26.89 -0.28
C ILE G 2 7.04 27.63 -1.41
N LYS G 3 6.88 27.16 -2.63
CA LYS G 3 7.53 27.72 -3.81
C LYS G 3 6.47 28.30 -4.74
N PHE G 4 6.69 29.53 -5.18
CA PHE G 4 5.77 30.25 -6.05
C PHE G 4 6.27 30.09 -7.48
N ILE G 5 5.78 29.05 -8.16
CA ILE G 5 6.24 28.69 -9.49
C ILE G 5 5.53 29.61 -10.48
N GLY G 6 6.20 30.69 -10.88
CA GLY G 6 5.63 31.67 -11.79
C GLY G 6 4.46 32.44 -11.21
N GLY G 7 4.49 32.73 -9.92
CA GLY G 7 3.38 33.40 -9.27
C GLY G 7 3.52 34.91 -9.20
N ALA G 8 3.75 35.54 -10.35
CA ALA G 8 3.83 36.99 -10.44
C ALA G 8 2.73 37.59 -11.32
N SER G 9 2.61 37.12 -12.56
CA SER G 9 1.59 37.60 -13.48
C SER G 9 0.66 36.50 -13.98
N LYS G 10 0.91 35.25 -13.57
CA LYS G 10 0.13 34.04 -13.88
C LYS G 10 0.16 33.64 -15.35
N VAL G 11 0.87 34.37 -16.19
CA VAL G 11 0.99 34.04 -17.60
C VAL G 11 2.12 33.03 -17.77
N THR G 12 1.99 32.22 -18.82
CA THR G 12 2.92 31.15 -19.20
C THR G 12 3.14 30.11 -18.09
N GLY G 13 2.18 29.94 -17.20
CA GLY G 13 2.29 28.99 -16.10
C GLY G 13 2.30 29.68 -14.75
N SER G 14 1.57 29.10 -13.80
CA SER G 14 1.52 29.57 -12.43
C SER G 14 1.15 28.40 -11.54
N ALA G 15 1.74 28.35 -10.35
CA ALA G 15 1.57 27.24 -9.43
C ALA G 15 2.06 27.63 -8.04
N PHE G 16 1.49 27.00 -7.03
CA PHE G 16 1.94 27.15 -5.64
C PHE G 16 2.27 25.76 -5.12
N LEU G 17 3.55 25.43 -5.00
CA LEU G 17 3.97 24.12 -4.56
C LEU G 17 4.31 24.18 -3.08
N LEU G 18 3.43 23.62 -2.25
CA LEU G 18 3.75 23.51 -0.83
C LEU G 18 4.33 22.12 -0.53
N GLU G 19 5.64 22.01 -0.67
CA GLU G 19 6.35 20.81 -0.27
C GLU G 19 6.49 20.73 1.24
N THR G 20 5.94 19.67 1.83
CA THR G 20 5.95 19.49 3.28
C THR G 20 6.74 18.24 3.67
N GLY G 21 7.76 17.90 2.88
CA GLY G 21 8.60 16.76 3.19
C GLY G 21 8.03 15.45 2.68
N ASN G 22 6.84 15.09 3.16
CA ASN G 22 6.19 13.85 2.79
C ASN G 22 5.16 14.03 1.68
N ALA G 23 4.94 15.25 1.21
CA ALA G 23 3.93 15.50 0.18
C ALA G 23 4.31 16.75 -0.60
N LYS G 24 4.23 16.67 -1.92
CA LYS G 24 4.43 17.83 -2.78
C LYS G 24 3.08 18.40 -3.22
N ILE G 25 2.37 19.00 -2.27
CA ILE G 25 1.02 19.52 -2.53
C ILE G 25 1.11 20.74 -3.42
N LEU G 26 0.28 20.78 -4.46
CA LEU G 26 0.33 21.81 -5.48
C LEU G 26 -1.00 22.56 -5.54
N ILE G 27 -0.93 23.89 -5.63
CA ILE G 27 -2.11 24.76 -5.63
C ILE G 27 -2.09 25.60 -6.90
N ASP G 28 -3.27 25.76 -7.52
CA ASP G 28 -3.54 26.76 -8.58
C ASP G 28 -2.65 26.57 -9.80
N CYS G 29 -2.57 25.34 -10.30
CA CYS G 29 -1.80 25.06 -11.50
C CYS G 29 -2.54 25.50 -12.74
N GLY G 30 -2.38 26.74 -13.16
CA GLY G 30 -3.15 27.27 -14.27
C GLY G 30 -2.33 28.17 -15.17
N ILE G 31 -2.97 28.58 -16.26
CA ILE G 31 -2.35 29.40 -17.29
C ILE G 31 -3.22 30.63 -17.53
N GLU G 32 -2.57 31.79 -17.62
CA GLU G 32 -3.25 33.00 -18.04
C GLU G 32 -2.77 33.34 -19.44
N GLN G 33 -3.71 33.72 -20.30
CA GLN G 33 -3.45 34.01 -21.69
C GLN G 33 -3.21 35.51 -21.86
N GLU G 34 -2.25 35.85 -22.73
CA GLU G 34 -1.99 37.25 -23.06
C GLU G 34 -2.82 37.76 -24.22
N LYS G 35 -2.91 36.97 -25.30
CA LYS G 35 -3.61 37.29 -26.55
C LYS G 35 -3.21 38.64 -27.16
N ASP G 40 5.12 30.65 -29.03
CA ASP G 40 6.49 30.38 -28.63
C ASP G 40 6.61 30.24 -27.12
N ASN G 41 5.61 30.76 -26.40
CA ASN G 41 5.63 30.71 -24.93
C ASN G 41 5.38 29.31 -24.39
N ASN G 42 4.80 28.42 -25.21
CA ASN G 42 4.41 27.07 -24.77
C ASN G 42 5.63 26.25 -24.34
N GLU G 43 6.79 26.48 -24.95
CA GLU G 43 8.01 25.78 -24.54
C GLU G 43 8.46 26.23 -23.15
N ILE G 44 8.32 27.51 -22.82
CA ILE G 44 8.64 27.98 -21.48
C ILE G 44 7.64 27.43 -20.45
N ILE G 45 6.37 27.28 -20.86
CA ILE G 45 5.40 26.59 -20.00
C ILE G 45 5.82 25.13 -19.77
N GLU G 46 6.28 24.46 -20.83
CA GLU G 46 6.69 23.06 -20.73
C GLU G 46 7.90 22.89 -19.83
N LYS G 47 8.87 23.81 -19.94
CA LYS G 47 10.02 23.82 -19.06
C LYS G 47 9.62 24.08 -17.61
N LYS G 48 8.60 24.91 -17.39
CA LYS G 48 8.18 25.15 -16.02
C LYS G 48 7.44 23.96 -15.40
N ILE G 49 6.62 23.23 -16.18
CA ILE G 49 5.99 22.03 -15.62
C ILE G 49 7.01 20.93 -15.38
N ASN G 50 8.02 20.80 -16.25
CA ASN G 50 9.10 19.87 -15.93
C ASN G 50 9.98 20.37 -14.78
N GLU G 51 9.96 21.68 -14.50
CA GLU G 51 10.62 22.23 -13.33
C GLU G 51 9.83 22.00 -12.04
N ILE G 52 8.50 21.83 -12.15
CA ILE G 52 7.67 21.53 -10.97
C ILE G 52 8.08 20.20 -10.34
N GLY G 53 8.24 19.17 -11.16
CA GLY G 53 8.56 17.86 -10.64
C GLY G 53 7.35 17.11 -10.16
N LYS G 54 7.62 16.00 -9.47
CA LYS G 54 6.56 15.12 -8.98
C LYS G 54 5.77 15.81 -7.87
N ALA G 55 4.47 16.00 -8.12
CA ALA G 55 3.57 16.60 -7.14
C ALA G 55 2.57 15.53 -6.71
N ASP G 56 2.45 15.34 -5.39
CA ASP G 56 1.55 14.29 -4.92
C ASP G 56 0.08 14.64 -5.09
N ILE G 57 -0.29 15.93 -5.08
CA ILE G 57 -1.67 16.33 -5.28
C ILE G 57 -1.76 17.77 -5.78
N CYS G 58 -2.75 17.84 -6.86
CA CYS G 58 -3.00 19.14 -7.54
C CYS G 58 -4.30 19.76 -7.05
N ILE G 59 -4.22 20.45 -5.81
CA ILE G 59 -5.42 21.06 -5.27
C ILE G 59 -5.88 22.14 -6.25
N LEU G 60 -7.19 22.30 -6.45
CA LEU G 60 -7.68 23.32 -7.36
C LEU G 60 -8.68 24.21 -6.64
N THR G 61 -8.47 25.53 -6.75
CA THR G 61 -9.36 26.48 -6.06
C THR G 61 -10.64 26.70 -6.87
N HIS G 62 -10.52 27.28 -8.05
CA HIS G 62 -11.68 27.58 -8.87
C HIS G 62 -11.45 27.11 -10.31
N ALA G 63 -12.52 27.22 -11.09
CA ALA G 63 -12.61 26.57 -12.40
C ALA G 63 -12.15 27.47 -13.54
N HIS G 64 -11.64 28.65 -13.26
CA HIS G 64 -11.04 29.48 -14.30
C HIS G 64 -9.73 28.87 -14.77
N LEU G 65 -9.29 29.33 -15.95
CA LEU G 65 -8.03 28.84 -16.51
C LEU G 65 -6.82 29.33 -15.72
N ALA G 66 -7.00 30.40 -14.97
CA ALA G 66 -5.90 30.94 -14.23
C ALA G 66 -5.45 29.91 -13.22
N ALA G 67 -6.38 29.26 -12.54
CA ALA G 67 -6.02 28.21 -11.59
C ALA G 67 -6.15 26.81 -12.18
N SER G 68 -7.01 26.61 -13.17
CA SER G 68 -7.24 25.29 -13.76
C SER G 68 -7.03 25.38 -15.27
N GLY G 69 -5.78 25.38 -15.70
CA GLY G 69 -5.53 25.35 -17.13
C GLY G 69 -4.40 24.41 -17.52
N LEU G 70 -3.63 23.95 -16.55
CA LEU G 70 -2.46 23.12 -16.79
C LEU G 70 -2.55 21.76 -16.13
N VAL G 71 -3.75 21.36 -15.70
CA VAL G 71 -3.96 20.09 -15.01
C VAL G 71 -3.77 18.88 -15.94
N PRO G 72 -4.35 18.81 -17.16
CA PRO G 72 -3.96 17.68 -18.04
C PRO G 72 -2.53 17.78 -18.57
N LEU G 73 -1.88 18.94 -18.47
CA LEU G 73 -0.47 19.01 -18.83
C LEU G 73 0.40 18.42 -17.73
N LEU G 74 0.00 18.59 -16.47
CA LEU G 74 0.66 17.86 -15.39
C LEU G 74 0.36 16.38 -15.45
N VAL G 75 -0.81 16.01 -15.98
CA VAL G 75 -1.12 14.61 -16.26
C VAL G 75 -0.26 14.09 -17.42
N LYS G 76 0.06 14.98 -18.38
CA LYS G 76 0.79 14.58 -19.58
C LYS G 76 2.22 14.17 -19.27
N LYS G 77 2.90 14.96 -18.45
CA LYS G 77 4.20 14.56 -17.95
C LYS G 77 4.12 13.74 -16.67
N ARG G 78 2.89 13.40 -16.26
CA ARG G 78 2.60 12.36 -15.27
C ARG G 78 3.19 12.71 -13.91
N LYS G 79 3.12 14.01 -13.59
CA LYS G 79 3.70 14.55 -12.39
C LYS G 79 2.73 14.64 -11.23
N VAL G 80 1.43 14.42 -11.47
CA VAL G 80 0.39 14.58 -10.46
C VAL G 80 -0.26 13.22 -10.20
N ASN G 81 -0.47 12.90 -8.92
CA ASN G 81 -1.17 11.67 -8.56
C ASN G 81 -2.68 11.87 -8.48
N LYS G 82 -3.12 12.85 -7.71
CA LYS G 82 -4.55 13.08 -7.53
C LYS G 82 -4.88 14.56 -7.72
N ILE G 83 -6.05 14.80 -8.32
CA ILE G 83 -6.53 16.14 -8.66
C ILE G 83 -7.86 16.31 -7.92
N ILE G 84 -7.92 17.23 -6.98
CA ILE G 84 -9.13 17.37 -6.20
C ILE G 84 -9.65 18.80 -6.27
N SER G 85 -10.97 18.93 -6.38
CA SER G 85 -11.68 20.20 -6.36
C SER G 85 -13.11 19.93 -5.88
N THR G 86 -13.98 20.91 -6.04
CA THR G 86 -15.40 20.67 -5.82
C THR G 86 -16.04 20.06 -7.07
N PRO G 87 -17.19 19.37 -6.94
CA PRO G 87 -17.84 18.80 -8.14
C PRO G 87 -18.27 19.83 -9.17
N ALA G 88 -18.70 21.02 -8.72
CA ALA G 88 -19.00 22.10 -9.64
C ALA G 88 -17.74 22.53 -10.40
N THR G 89 -16.61 22.62 -9.69
CA THR G 89 -15.34 22.93 -10.33
C THR G 89 -14.92 21.81 -11.27
N LYS G 90 -15.23 20.54 -10.93
CA LYS G 90 -14.85 19.41 -11.78
C LYS G 90 -15.59 19.43 -13.11
N GLU G 91 -16.91 19.62 -13.08
CA GLU G 91 -17.63 19.64 -14.36
C GLU G 91 -17.41 20.93 -15.14
N LEU G 92 -17.19 22.06 -14.44
CA LEU G 92 -16.81 23.27 -15.17
C LEU G 92 -15.41 23.15 -15.76
N CYS G 93 -14.51 22.39 -15.12
CA CYS G 93 -13.21 22.09 -15.70
C CYS G 93 -13.34 21.18 -16.91
N ARG G 94 -14.33 20.28 -16.91
CA ARG G 94 -14.61 19.48 -18.10
C ARG G 94 -14.97 20.37 -19.28
N LEU G 95 -15.88 21.32 -19.04
CA LEU G 95 -16.27 22.26 -20.11
C LEU G 95 -15.11 23.17 -20.52
N LEU G 96 -14.33 23.64 -19.55
CA LEU G 96 -13.14 24.48 -19.81
C LEU G 96 -12.09 23.75 -20.63
N PHE G 97 -11.75 22.52 -20.26
CA PHE G 97 -10.69 21.80 -20.95
C PHE G 97 -11.11 21.41 -22.35
N ASN G 98 -12.39 21.03 -22.54
CA ASN G 98 -12.90 20.74 -23.88
C ASN G 98 -12.88 21.97 -24.77
N ASP G 99 -13.33 23.12 -24.25
CA ASP G 99 -13.37 24.33 -25.05
C ASP G 99 -11.97 24.87 -25.33
N PHE G 100 -11.06 24.77 -24.36
CA PHE G 100 -9.69 25.23 -24.55
C PHE G 100 -8.96 24.37 -25.57
N GLN G 101 -9.17 23.06 -25.53
CA GLN G 101 -8.56 22.19 -26.54
C GLN G 101 -9.14 22.45 -27.92
N ARG G 102 -10.45 22.71 -28.02
CA ARG G 102 -11.04 23.05 -29.30
C ARG G 102 -10.48 24.38 -29.83
N ILE G 103 -10.18 25.31 -28.92
CA ILE G 103 -9.57 26.59 -29.32
C ILE G 103 -8.12 26.38 -29.79
N GLN G 104 -7.39 25.48 -29.13
CA GLN G 104 -6.02 25.16 -29.56
C GLN G 104 -6.00 24.50 -30.93
N GLU G 105 -6.98 23.64 -31.22
CA GLU G 105 -7.05 23.07 -32.57
C GLU G 105 -7.56 24.07 -33.60
N GLU G 106 -8.44 24.99 -33.22
CA GLU G 106 -8.98 25.95 -34.19
C GLU G 106 -7.95 27.04 -34.55
N ASN G 107 -7.19 27.53 -33.56
CA ASN G 107 -6.21 28.56 -33.83
C ASN G 107 -4.92 28.03 -34.45
N ASN G 108 -4.80 26.72 -34.61
CA ASN G 108 -3.67 25.96 -35.17
C ASN G 108 -2.39 26.10 -34.35
N ASP G 109 -2.46 26.64 -33.14
CA ASP G 109 -1.38 26.51 -32.17
C ASP G 109 -1.20 25.04 -31.83
N ILE G 110 0.06 24.64 -31.67
CA ILE G 110 0.44 23.28 -31.27
C ILE G 110 -0.25 22.94 -29.96
N PRO G 111 -1.01 21.83 -29.91
CA PRO G 111 -1.85 21.54 -28.74
C PRO G 111 -1.01 21.23 -27.51
N LEU G 112 -1.33 21.93 -26.42
CA LEU G 112 -0.61 21.81 -25.17
C LEU G 112 -0.81 20.41 -24.60
N TYR G 113 -2.02 20.03 -24.40
CA TYR G 113 -2.31 18.63 -24.02
C TYR G 113 -3.33 18.08 -25.03
N SER G 114 -3.88 16.93 -24.77
CA SER G 114 -4.78 16.24 -25.69
C SER G 114 -6.13 15.96 -25.03
N TYR G 115 -7.10 15.56 -25.86
CA TYR G 115 -8.42 15.17 -25.36
C TYR G 115 -8.34 13.94 -24.47
N ASP G 116 -7.54 12.95 -24.87
CA ASP G 116 -7.24 11.79 -24.03
C ASP G 116 -6.57 12.19 -22.73
N ASP G 117 -5.77 13.26 -22.77
CA ASP G 117 -5.11 13.77 -21.54
C ASP G 117 -6.18 14.32 -20.61
N ILE G 118 -7.12 15.10 -21.16
CA ILE G 118 -8.24 15.60 -20.37
C ILE G 118 -8.98 14.45 -19.68
N GLU G 119 -9.26 13.39 -20.45
CA GLU G 119 -9.91 12.21 -19.87
C GLU G 119 -9.08 11.59 -18.77
N SER G 120 -7.79 11.35 -19.01
CA SER G 120 -6.94 10.74 -17.99
C SER G 120 -6.65 11.67 -16.81
N SER G 121 -6.88 12.98 -16.97
CA SER G 121 -6.99 13.84 -15.79
C SER G 121 -8.25 13.50 -15.01
N PHE G 122 -9.35 13.22 -15.71
CA PHE G 122 -10.56 12.80 -15.00
C PHE G 122 -10.56 11.35 -14.53
N GLU G 123 -9.57 10.53 -14.92
CA GLU G 123 -9.39 9.25 -14.26
C GLU G 123 -9.01 9.42 -12.79
N ILE G 124 -8.11 10.35 -12.50
CA ILE G 124 -7.54 10.50 -11.17
C ILE G 124 -8.16 11.69 -10.43
N TRP G 125 -9.32 12.16 -10.86
CA TRP G 125 -9.92 13.38 -10.33
C TRP G 125 -10.87 13.03 -9.20
N ASP G 126 -10.39 13.11 -7.97
CA ASP G 126 -11.23 13.02 -6.78
C ASP G 126 -11.92 14.37 -6.56
N GLU G 127 -12.93 14.37 -5.68
CA GLU G 127 -13.65 15.60 -5.41
C GLU G 127 -14.24 15.58 -4.00
N ILE G 128 -14.19 16.73 -3.32
CA ILE G 128 -14.86 16.99 -2.06
C ILE G 128 -15.43 18.40 -2.12
N ASP G 129 -16.49 18.65 -1.35
CA ASP G 129 -16.98 20.01 -1.20
C ASP G 129 -16.39 20.69 0.03
N ASP G 130 -17.00 21.81 0.45
CA ASP G 130 -16.48 22.62 1.53
C ASP G 130 -16.65 21.93 2.89
N ARG G 131 -15.76 22.32 3.81
CA ARG G 131 -15.73 21.85 5.21
C ARG G 131 -15.66 20.32 5.31
N ASN G 132 -14.83 19.73 4.45
CA ASN G 132 -14.61 18.29 4.43
C ASN G 132 -13.10 18.08 4.59
N THR G 133 -12.67 17.83 5.81
CA THR G 133 -11.25 17.69 6.11
C THR G 133 -10.77 16.30 5.73
N ILE G 134 -9.73 16.22 4.91
CA ILE G 134 -9.15 14.97 4.47
C ILE G 134 -7.70 14.88 4.98
N GLU G 135 -7.31 13.69 5.43
CA GLU G 135 -6.00 13.46 6.05
C GLU G 135 -5.08 12.81 5.02
N LEU G 136 -4.39 13.65 4.26
CA LEU G 136 -3.54 13.19 3.16
C LEU G 136 -2.09 13.51 3.47
N PHE G 137 -1.28 12.45 3.66
CA PHE G 137 0.16 12.50 3.92
C PHE G 137 0.53 13.46 5.05
N ASP G 138 -0.02 13.16 6.23
CA ASP G 138 -0.08 13.97 7.46
C ASP G 138 -0.37 15.45 7.22
N THR G 139 -1.21 15.77 6.23
CA THR G 139 -1.68 17.14 6.00
C THR G 139 -3.20 17.08 6.00
N LYS G 140 -3.82 17.88 6.87
CA LYS G 140 -5.28 17.95 6.88
C LYS G 140 -5.74 19.07 5.96
N ILE G 141 -6.52 18.74 4.94
CA ILE G 141 -6.93 19.67 3.89
C ILE G 141 -8.42 19.92 4.02
N THR G 142 -8.80 21.21 4.03
CA THR G 142 -10.18 21.62 4.13
C THR G 142 -10.46 22.67 3.06
N PHE G 143 -11.69 22.67 2.55
CA PHE G 143 -12.13 23.62 1.53
C PHE G 143 -13.13 24.59 2.16
N TYR G 144 -13.04 25.86 1.77
CA TYR G 144 -13.99 26.86 2.23
C TYR G 144 -14.45 27.70 1.05
N ASN G 145 -15.68 28.20 1.09
CA ASN G 145 -16.16 29.01 -0.03
C ASN G 145 -15.53 30.40 0.02
N ASN G 146 -15.04 30.88 -1.13
CA ASN G 146 -14.54 32.25 -1.22
C ASN G 146 -15.34 33.12 -2.18
N SER G 147 -16.54 32.69 -2.59
CA SER G 147 -17.56 33.49 -3.28
C SER G 147 -17.17 33.98 -4.66
N HIS G 148 -16.09 33.44 -5.25
CA HIS G 148 -15.66 33.90 -6.57
C HIS G 148 -16.60 33.48 -7.68
N ILE G 149 -16.64 32.17 -7.94
CA ILE G 149 -17.57 31.54 -8.86
C ILE G 149 -18.15 30.34 -8.15
N ILE G 150 -18.98 29.57 -8.86
CA ILE G 150 -19.59 28.41 -8.25
C ILE G 150 -18.55 27.31 -8.10
N GLY G 151 -18.52 26.70 -6.91
CA GLY G 151 -17.52 25.71 -6.61
C GLY G 151 -16.15 26.25 -6.27
N SER G 152 -15.98 27.56 -6.19
CA SER G 152 -14.68 28.15 -5.89
C SER G 152 -14.39 28.04 -4.40
N VAL G 153 -13.17 27.63 -4.07
CA VAL G 153 -12.77 27.39 -2.68
C VAL G 153 -11.45 28.09 -2.38
N SER G 154 -11.24 28.34 -1.09
CA SER G 154 -9.97 28.63 -0.49
C SER G 154 -9.51 27.39 0.26
N VAL G 155 -8.23 27.11 0.19
CA VAL G 155 -7.67 25.85 0.66
C VAL G 155 -6.99 26.07 2.00
N PHE G 156 -7.29 25.19 2.97
CA PHE G 156 -6.71 25.25 4.30
C PHE G 156 -5.95 23.95 4.51
N ILE G 157 -4.62 24.02 4.48
CA ILE G 157 -3.78 22.84 4.65
C ILE G 157 -3.03 22.97 5.97
N GLU G 158 -3.31 22.05 6.88
CA GLU G 158 -2.61 21.97 8.16
C GLU G 158 -1.52 20.92 7.99
N THR G 159 -0.27 21.38 7.90
CA THR G 159 0.89 20.51 7.97
C THR G 159 1.49 20.64 9.36
N HIS G 160 2.37 19.68 9.70
CA HIS G 160 3.03 19.67 11.01
C HIS G 160 3.91 20.90 11.21
N ASN G 161 4.40 21.50 10.12
CA ASN G 161 5.12 22.76 10.19
C ASN G 161 4.26 23.96 9.81
N GLY G 162 2.96 23.93 10.09
CA GLY G 162 2.18 25.14 9.95
C GLY G 162 0.88 25.03 9.18
N ASN G 163 0.02 26.02 9.34
CA ASN G 163 -1.27 26.08 8.65
C ASN G 163 -1.20 27.11 7.53
N TYR G 164 -1.51 26.67 6.32
CA TYR G 164 -1.44 27.51 5.12
C TYR G 164 -2.83 27.70 4.57
N LEU G 165 -3.21 28.95 4.31
CA LEU G 165 -4.51 29.26 3.72
C LEU G 165 -4.24 29.88 2.35
N PHE G 166 -4.43 29.09 1.30
CA PHE G 166 -4.36 29.57 -0.08
C PHE G 166 -5.72 30.13 -0.42
N SER G 167 -5.84 31.46 -0.45
CA SER G 167 -7.16 32.10 -0.55
C SER G 167 -7.74 31.96 -1.95
N GLY G 168 -6.91 32.03 -2.99
CA GLY G 168 -7.45 32.06 -4.33
C GLY G 168 -8.11 33.38 -4.63
N ASP G 169 -9.10 33.34 -5.52
CA ASP G 169 -9.83 34.56 -5.88
C ASP G 169 -11.01 34.73 -4.95
N ILE G 170 -11.20 35.95 -4.46
CA ILE G 170 -12.23 36.27 -3.47
C ILE G 170 -13.36 37.03 -4.17
N GLY G 171 -14.60 36.69 -3.84
CA GLY G 171 -15.74 37.36 -4.43
C GLY G 171 -16.05 38.69 -3.79
N SER G 172 -16.95 39.43 -4.43
CA SER G 172 -17.35 40.76 -3.98
C SER G 172 -18.77 40.73 -3.44
N LYS G 173 -19.27 41.92 -3.08
CA LYS G 173 -20.66 42.04 -2.65
C LYS G 173 -21.62 41.94 -3.82
N LEU G 174 -21.16 42.25 -5.03
CA LEU G 174 -22.04 42.30 -6.18
C LEU G 174 -22.34 40.91 -6.73
N GLN G 175 -21.63 39.89 -6.27
CA GLN G 175 -21.95 38.51 -6.63
C GLN G 175 -23.27 38.10 -6.00
N GLN G 176 -24.24 37.74 -6.85
CA GLN G 176 -25.59 37.51 -6.40
C GLN G 176 -25.93 36.04 -6.17
N LEU G 177 -25.28 35.12 -6.88
CA LEU G 177 -25.62 33.71 -6.77
C LEU G 177 -24.93 33.01 -5.61
N MET G 178 -24.06 33.70 -4.88
CA MET G 178 -23.34 33.10 -3.77
C MET G 178 -23.54 33.93 -2.52
N ASP G 179 -23.16 33.34 -1.38
CA ASP G 179 -22.99 34.11 -0.15
C ASP G 179 -21.87 35.11 -0.35
N TYR G 180 -22.09 36.35 0.09
CA TYR G 180 -20.98 37.31 0.10
C TYR G 180 -19.86 36.93 1.06
N PRO G 181 -20.06 36.67 2.37
CA PRO G 181 -18.90 36.50 3.26
C PRO G 181 -18.16 35.20 2.98
N PRO G 182 -16.88 35.29 2.58
CA PRO G 182 -16.13 34.08 2.25
C PRO G 182 -15.84 33.28 3.51
N ASP G 183 -16.04 31.96 3.41
CA ASP G 183 -15.82 31.09 4.55
C ASP G 183 -14.34 30.99 4.88
N MET G 184 -14.03 30.91 6.16
CA MET G 184 -12.67 30.95 6.67
C MET G 184 -12.43 29.77 7.58
N PRO G 185 -11.17 29.38 7.78
CA PRO G 185 -10.86 28.39 8.82
C PRO G 185 -11.25 28.91 10.20
N ASP G 186 -11.79 28.01 11.01
CA ASP G 186 -12.15 28.35 12.38
C ASP G 186 -10.98 28.19 13.34
N GLY G 187 -9.81 27.77 12.84
CA GLY G 187 -8.63 27.63 13.65
C GLY G 187 -7.58 28.68 13.32
N ASN G 188 -6.35 28.37 13.72
CA ASN G 188 -5.25 29.30 13.56
C ASN G 188 -4.80 29.21 12.10
N VAL G 189 -4.54 30.37 11.49
CA VAL G 189 -3.92 30.44 10.18
C VAL G 189 -2.55 31.07 10.35
N ASP G 190 -1.51 30.35 9.97
CA ASP G 190 -0.14 30.85 10.08
C ASP G 190 0.25 31.67 8.87
N TYR G 191 0.13 31.10 7.68
CA TYR G 191 0.52 31.77 6.44
C TYR G 191 -0.72 31.86 5.56
N LEU G 192 -0.98 33.06 5.04
CA LEU G 192 -2.16 33.30 4.22
C LEU G 192 -1.69 33.78 2.85
N ILE G 193 -1.92 32.97 1.83
CA ILE G 193 -1.50 33.28 0.47
C ILE G 193 -2.72 33.92 -0.22
N LEU G 194 -2.68 35.24 -0.35
CA LEU G 194 -3.80 36.01 -0.86
C LEU G 194 -3.48 36.57 -2.24
N GLU G 195 -4.45 36.46 -3.15
CA GLU G 195 -4.29 36.99 -4.50
C GLU G 195 -4.87 38.40 -4.54
N SER G 196 -4.05 39.36 -4.97
CA SER G 196 -4.44 40.76 -4.94
C SER G 196 -5.44 41.09 -6.03
N THR G 197 -5.97 42.32 -5.97
CA THR G 197 -6.95 42.78 -6.93
C THR G 197 -6.30 43.09 -8.27
N TYR G 198 -7.15 43.27 -9.28
CA TYR G 198 -6.68 43.53 -10.64
C TYR G 198 -7.19 44.88 -11.12
N ARG G 208 -25.38 48.47 -11.75
CA ARG G 208 -26.27 47.40 -12.20
C ARG G 208 -27.58 47.97 -12.76
N ASP G 209 -27.98 49.12 -12.23
CA ASP G 209 -29.18 49.78 -12.74
C ASP G 209 -28.93 50.42 -14.10
N ARG G 210 -27.67 50.73 -14.41
CA ARG G 210 -27.29 51.31 -15.70
C ARG G 210 -27.59 50.36 -16.84
N LEU G 211 -27.31 49.07 -16.62
CA LEU G 211 -27.58 48.04 -17.62
C LEU G 211 -29.07 47.96 -17.95
N LEU G 212 -29.92 48.01 -16.92
CA LEU G 212 -31.35 47.96 -17.12
C LEU G 212 -31.88 49.22 -17.80
N GLU G 213 -31.37 50.40 -17.41
CA GLU G 213 -31.95 51.62 -17.97
C GLU G 213 -31.48 51.86 -19.41
N ILE G 214 -30.26 51.45 -19.76
CA ILE G 214 -29.92 51.49 -21.18
C ILE G 214 -30.56 50.35 -21.96
N ALA G 215 -30.97 49.27 -21.29
CA ALA G 215 -31.81 48.28 -21.95
C ALA G 215 -33.18 48.86 -22.28
N LYS G 216 -33.69 49.75 -21.41
CA LYS G 216 -34.87 50.54 -21.76
C LYS G 216 -34.62 51.48 -22.93
N THR G 217 -33.54 52.26 -22.87
CA THR G 217 -33.32 53.28 -23.90
C THR G 217 -32.86 52.70 -25.24
N THR G 218 -32.55 51.40 -25.31
CA THR G 218 -32.35 50.72 -26.58
C THR G 218 -33.55 49.88 -27.02
N CYS G 219 -34.21 49.17 -26.10
CA CYS G 219 -35.28 48.23 -26.46
C CYS G 219 -36.55 48.95 -26.89
N GLU G 220 -37.10 49.80 -26.01
CA GLU G 220 -38.34 50.50 -26.32
C GLU G 220 -38.14 51.56 -27.39
N ASN G 221 -36.91 52.06 -27.54
CA ASN G 221 -36.59 52.98 -28.62
C ASN G 221 -36.59 52.25 -29.96
N VAL G 225 -30.32 44.88 -27.06
CA VAL G 225 -28.97 45.25 -26.69
C VAL G 225 -28.06 44.11 -27.15
N LEU G 226 -26.76 44.24 -26.95
CA LEU G 226 -25.85 43.11 -27.07
C LEU G 226 -24.97 43.14 -25.83
N ILE G 227 -24.90 42.03 -25.10
CA ILE G 227 -24.13 41.96 -23.86
C ILE G 227 -23.04 40.91 -24.02
N PRO G 228 -21.77 41.29 -24.15
CA PRO G 228 -20.68 40.32 -24.04
C PRO G 228 -20.35 39.96 -22.61
N SER G 229 -20.63 38.72 -22.24
CA SER G 229 -20.37 38.24 -20.89
C SER G 229 -19.33 37.13 -20.92
N PHE G 230 -19.03 36.60 -19.74
CA PHE G 230 -18.13 35.49 -19.55
C PHE G 230 -18.98 34.30 -19.12
N ALA G 231 -18.67 33.10 -19.65
CA ALA G 231 -19.57 31.97 -19.46
C ALA G 231 -19.60 31.46 -18.04
N ILE G 232 -18.53 31.68 -17.27
CA ILE G 232 -18.47 31.24 -15.88
C ILE G 232 -18.71 32.44 -15.00
N GLY G 233 -19.83 32.45 -14.29
CA GLY G 233 -20.13 33.50 -13.34
C GLY G 233 -20.84 34.70 -13.95
N ARG G 234 -20.22 35.32 -14.96
CA ARG G 234 -20.65 36.64 -15.42
C ARG G 234 -21.98 36.57 -16.16
N LEU G 235 -22.11 35.63 -17.10
CA LEU G 235 -23.35 35.49 -17.87
C LEU G 235 -24.51 35.07 -16.98
N GLN G 236 -24.25 34.19 -16.02
CA GLN G 236 -25.31 33.74 -15.13
C GLN G 236 -25.73 34.85 -14.16
N GLU G 237 -24.81 35.74 -13.80
CA GLU G 237 -25.19 36.86 -12.95
C GLU G 237 -25.94 37.93 -13.73
N VAL G 238 -25.61 38.14 -15.00
CA VAL G 238 -26.43 39.01 -15.86
C VAL G 238 -27.83 38.42 -16.05
N LEU G 239 -27.90 37.09 -16.23
CA LEU G 239 -29.18 36.41 -16.37
C LEU G 239 -30.01 36.50 -15.09
N TYR G 240 -29.37 36.37 -13.94
CA TYR G 240 -30.10 36.45 -12.68
C TYR G 240 -30.51 37.88 -12.35
N THR G 241 -29.70 38.86 -12.77
CA THR G 241 -30.05 40.27 -12.64
C THR G 241 -31.28 40.59 -13.48
N PHE G 242 -31.34 40.06 -14.71
CA PHE G 242 -32.55 40.18 -15.52
C PHE G 242 -33.70 39.32 -15.01
N SER G 243 -33.41 38.29 -14.22
CA SER G 243 -34.47 37.47 -13.64
C SER G 243 -35.17 38.19 -12.50
N ASN G 244 -34.42 38.94 -11.68
CA ASN G 244 -35.03 39.66 -10.57
C ASN G 244 -35.87 40.85 -11.07
N TYR G 245 -35.40 41.55 -12.09
CA TYR G 245 -36.12 42.70 -12.64
C TYR G 245 -36.85 42.27 -13.91
N ASN G 246 -38.14 42.00 -13.77
CA ASN G 246 -38.96 41.58 -14.94
C ASN G 246 -39.46 42.86 -15.59
N PHE G 247 -38.92 43.21 -16.76
CA PHE G 247 -39.30 44.50 -17.32
C PHE G 247 -40.48 44.46 -18.28
N ASN G 248 -40.21 44.06 -19.53
CA ASN G 248 -41.26 43.95 -20.57
C ASN G 248 -40.72 43.13 -21.74
N PHE G 249 -39.52 43.45 -22.23
CA PHE G 249 -38.95 42.74 -23.40
C PHE G 249 -38.35 41.41 -22.97
N PRO G 250 -37.96 40.51 -23.90
CA PRO G 250 -37.45 39.19 -23.54
C PRO G 250 -35.92 39.07 -23.50
N VAL G 251 -35.40 37.96 -22.97
CA VAL G 251 -33.92 37.74 -22.91
C VAL G 251 -33.58 36.45 -23.66
N TYR G 252 -32.48 36.45 -24.41
CA TYR G 252 -32.06 35.29 -25.19
C TYR G 252 -30.63 34.96 -24.79
N ILE G 253 -30.36 33.67 -24.65
CA ILE G 253 -28.99 33.19 -24.44
C ILE G 253 -28.52 32.53 -25.73
N ASP G 254 -27.69 33.27 -26.48
CA ASP G 254 -27.12 32.79 -27.73
C ASP G 254 -25.68 32.32 -27.50
N SER G 255 -25.55 31.33 -26.63
CA SER G 255 -24.23 30.82 -26.26
C SER G 255 -24.35 29.36 -25.86
N PRO G 256 -23.70 28.44 -26.59
CA PRO G 256 -23.77 27.02 -26.20
C PRO G 256 -23.19 26.73 -24.83
N MET G 257 -21.90 27.02 -24.63
CA MET G 257 -21.24 26.67 -23.36
C MET G 257 -21.78 27.51 -22.21
N GLY G 258 -22.25 28.72 -22.49
CA GLY G 258 -22.95 29.49 -21.46
C GLY G 258 -24.25 28.86 -21.05
N SER G 259 -24.97 28.25 -22.00
CA SER G 259 -26.19 27.52 -21.68
C SER G 259 -25.90 26.27 -20.86
N LYS G 260 -24.81 25.54 -21.19
CA LYS G 260 -24.44 24.38 -20.38
C LYS G 260 -24.03 24.79 -18.97
N VAL G 261 -23.29 25.89 -18.82
CA VAL G 261 -22.90 26.35 -17.49
C VAL G 261 -24.12 26.80 -16.70
N THR G 262 -25.09 27.45 -17.38
CA THR G 262 -26.35 27.84 -16.74
C THR G 262 -27.12 26.62 -16.25
N ASN G 263 -27.18 25.57 -17.07
CA ASN G 263 -27.84 24.33 -16.66
C ASN G 263 -27.12 23.65 -15.51
N LEU G 264 -25.78 23.72 -15.47
CA LEU G 264 -25.05 23.09 -14.37
C LEU G 264 -25.20 23.85 -13.06
N ILE G 265 -25.22 25.19 -13.10
CA ILE G 265 -25.52 25.95 -11.88
C ILE G 265 -26.96 25.74 -11.44
N LYS G 266 -27.88 25.45 -12.38
CA LYS G 266 -29.19 24.97 -11.95
C LYS G 266 -29.11 23.58 -11.31
N GLU G 267 -28.24 22.70 -11.83
CA GLU G 267 -28.02 21.41 -11.19
C GLU G 267 -27.29 21.56 -9.86
N TYR G 268 -26.28 22.44 -9.82
CA TYR G 268 -25.47 22.65 -8.62
C TYR G 268 -25.96 23.83 -7.78
N ASN G 269 -27.29 24.02 -7.72
CA ASN G 269 -27.85 25.10 -6.92
C ASN G 269 -27.71 24.87 -5.41
N ILE G 270 -27.40 23.64 -4.99
CA ILE G 270 -27.12 23.37 -3.59
C ILE G 270 -25.76 23.95 -3.18
N TYR G 271 -24.89 24.24 -4.14
CA TYR G 271 -23.60 24.88 -3.88
C TYR G 271 -23.67 26.39 -3.90
N LEU G 272 -24.84 26.96 -4.07
CA LEU G 272 -25.04 28.39 -4.27
C LEU G 272 -25.40 29.09 -2.96
N LYS G 273 -25.87 30.32 -3.09
CA LYS G 273 -26.42 31.10 -1.98
C LYS G 273 -27.59 30.37 -1.34
N LYS G 274 -27.71 30.53 -0.02
CA LYS G 274 -28.66 29.77 0.81
C LYS G 274 -30.11 30.05 0.41
N LYS G 275 -30.41 31.31 0.08
CA LYS G 275 -31.73 31.72 -0.40
C LYS G 275 -32.07 31.02 -1.72
N LEU G 276 -31.07 30.79 -2.56
CA LEU G 276 -31.25 30.14 -3.86
C LEU G 276 -31.02 28.63 -3.79
N ARG G 277 -31.26 28.02 -2.63
CA ARG G 277 -31.14 26.56 -2.48
C ARG G 277 -32.50 25.87 -2.44
N ARG G 278 -33.56 26.54 -2.85
CA ARG G 278 -34.90 25.95 -2.87
C ARG G 278 -35.02 24.93 -4.01
N ASP G 284 -38.07 26.76 -9.86
CA ASP G 284 -36.71 26.86 -10.37
C ASP G 284 -35.99 28.09 -9.83
N LEU G 285 -34.86 28.43 -10.46
CA LEU G 285 -34.03 29.53 -9.99
C LEU G 285 -34.20 30.78 -10.85
N PHE G 286 -34.04 30.64 -12.16
CA PHE G 286 -34.12 31.75 -13.09
C PHE G 286 -35.53 32.07 -13.55
N ASN G 287 -36.54 31.50 -12.87
CA ASN G 287 -38.01 31.67 -13.03
C ASN G 287 -38.47 31.82 -14.49
N ASN G 288 -37.96 30.93 -15.35
CA ASN G 288 -38.26 30.77 -16.78
C ASN G 288 -37.92 32.08 -17.52
N LYS G 289 -38.61 32.29 -18.65
CA LYS G 289 -38.47 33.47 -19.53
C LYS G 289 -37.03 33.68 -19.99
N TYR G 290 -36.26 32.61 -20.20
CA TYR G 290 -34.91 32.85 -20.78
C TYR G 290 -34.74 31.95 -22.00
N ILE G 291 -35.31 32.39 -23.13
CA ILE G 291 -35.20 31.61 -24.40
C ILE G 291 -33.74 31.46 -24.79
N ALA G 292 -33.21 30.23 -24.75
CA ALA G 292 -31.82 29.99 -25.10
C ALA G 292 -31.75 29.42 -26.51
N ILE G 293 -30.91 30.02 -27.34
CA ILE G 293 -30.72 29.53 -28.70
C ILE G 293 -29.79 28.32 -28.62
N ASN G 294 -30.21 27.22 -29.25
CA ASN G 294 -29.46 25.97 -29.18
C ASN G 294 -28.53 25.76 -30.37
N THR G 295 -29.06 25.84 -31.58
CA THR G 295 -28.28 25.61 -32.79
C THR G 295 -27.94 26.92 -33.49
N SER G 296 -27.05 26.83 -34.48
CA SER G 296 -26.57 28.02 -35.18
C SER G 296 -27.61 28.62 -36.13
N ASN G 297 -28.61 27.85 -36.55
CA ASN G 297 -29.66 28.40 -37.40
C ASN G 297 -30.58 29.31 -36.60
N GLN G 298 -30.91 28.92 -35.36
CA GLN G 298 -31.63 29.81 -34.46
C GLN G 298 -30.80 31.04 -34.12
N SER G 299 -29.47 30.89 -34.10
CA SER G 299 -28.59 32.03 -33.91
C SER G 299 -28.64 32.99 -35.09
N LYS G 300 -28.64 32.47 -36.31
CA LYS G 300 -28.74 33.33 -37.49
C LYS G 300 -30.13 33.98 -37.57
N GLU G 301 -31.15 33.27 -37.11
CA GLU G 301 -32.50 33.82 -37.04
C GLU G 301 -32.57 34.97 -36.04
N LEU G 302 -32.02 34.78 -34.84
CA LEU G 302 -32.02 35.81 -33.82
C LEU G 302 -31.07 36.96 -34.15
N SER G 303 -30.03 36.71 -34.96
CA SER G 303 -29.22 37.77 -35.50
C SER G 303 -29.99 38.60 -36.50
N ASN G 304 -30.73 37.94 -37.40
CA ASN G 304 -31.57 38.62 -38.37
C ASN G 304 -32.91 39.05 -37.80
N SER G 305 -33.22 38.68 -36.57
CA SER G 305 -34.46 39.14 -35.93
C SER G 305 -34.34 40.61 -35.59
N LYS G 306 -35.28 41.41 -36.10
CA LYS G 306 -35.28 42.84 -35.88
C LYS G 306 -36.21 43.25 -34.73
N GLU G 307 -36.74 42.29 -34.00
CA GLU G 307 -37.58 42.60 -32.86
C GLU G 307 -36.74 43.18 -31.72
N PRO G 308 -37.29 44.11 -30.92
CA PRO G 308 -36.56 44.58 -29.75
C PRO G 308 -36.43 43.52 -28.67
N ALA G 309 -35.23 43.01 -28.48
CA ALA G 309 -34.99 41.97 -27.49
C ALA G 309 -33.55 42.11 -26.99
N VAL G 310 -33.30 41.53 -25.82
CA VAL G 310 -32.01 41.63 -25.15
C VAL G 310 -31.29 40.29 -25.35
N ILE G 311 -30.09 40.34 -25.90
CA ILE G 311 -29.34 39.13 -26.25
C ILE G 311 -28.13 39.08 -25.34
N ILE G 312 -28.18 38.25 -24.29
CA ILE G 312 -27.02 37.98 -23.48
C ILE G 312 -26.34 36.72 -24.00
N SER G 313 -25.02 36.76 -24.15
CA SER G 313 -24.27 35.64 -24.69
C SER G 313 -22.80 35.82 -24.37
N ALA G 314 -22.09 34.71 -24.28
CA ALA G 314 -20.71 34.69 -23.83
C ALA G 314 -19.79 34.31 -24.97
N SER G 315 -18.97 35.27 -25.41
CA SER G 315 -17.81 34.95 -26.23
C SER G 315 -16.55 35.41 -25.53
N GLY G 316 -16.69 36.19 -24.46
CA GLY G 316 -15.56 36.95 -23.97
C GLY G 316 -15.53 38.31 -24.63
N MET G 317 -14.36 38.64 -25.19
CA MET G 317 -14.04 39.99 -25.64
C MET G 317 -14.22 40.15 -27.15
N LEU G 318 -15.38 39.70 -27.66
CA LEU G 318 -15.82 39.89 -29.06
C LEU G 318 -14.86 39.30 -30.09
N GLU G 319 -14.08 38.30 -29.71
CA GLU G 319 -12.99 37.82 -30.56
C GLU G 319 -13.33 36.53 -31.29
N GLY G 320 -14.01 35.60 -30.63
CA GLY G 320 -14.50 34.39 -31.26
C GLY G 320 -15.63 33.84 -30.43
N GLY G 321 -16.60 33.19 -31.06
CA GLY G 321 -17.71 32.60 -30.33
C GLY G 321 -18.94 32.74 -31.17
N ARG G 322 -20.09 32.97 -30.56
CA ARG G 322 -21.29 33.20 -31.33
C ARG G 322 -21.53 34.68 -31.44
N ILE G 323 -21.18 35.43 -30.40
CA ILE G 323 -21.50 36.86 -30.44
C ILE G 323 -21.38 37.40 -31.86
N LEU G 324 -20.37 36.94 -32.60
CA LEU G 324 -20.00 37.51 -33.89
C LEU G 324 -21.06 37.27 -34.97
N ASN G 325 -22.04 36.39 -34.73
CA ASN G 325 -23.19 36.31 -35.61
C ASN G 325 -24.04 37.59 -35.52
N HIS G 326 -24.12 38.16 -34.32
CA HIS G 326 -24.98 39.35 -34.10
C HIS G 326 -24.15 40.64 -34.22
N LEU G 327 -22.84 40.55 -34.00
CA LEU G 327 -22.00 41.78 -34.01
C LEU G 327 -22.37 42.68 -35.19
N GLU G 328 -22.21 42.18 -36.42
CA GLU G 328 -22.46 43.04 -37.61
C GLU G 328 -23.83 43.70 -37.47
N GLN G 329 -24.87 42.91 -37.19
CA GLN G 329 -26.25 43.45 -37.07
C GLN G 329 -26.31 44.51 -35.99
N ILE G 330 -25.62 44.30 -34.86
CA ILE G 330 -25.74 45.21 -33.73
C ILE G 330 -24.91 46.47 -33.96
N LYS G 331 -23.70 46.32 -34.50
CA LYS G 331 -22.72 47.38 -34.76
C LYS G 331 -23.25 48.56 -35.56
N ASN G 332 -23.83 48.30 -36.73
CA ASN G 332 -24.27 49.38 -37.59
C ASN G 332 -25.57 50.00 -37.12
N ASP G 333 -26.33 49.26 -36.29
CA ASP G 333 -27.58 49.76 -35.72
C ASP G 333 -27.33 50.93 -34.79
N GLU G 334 -27.96 52.07 -35.08
CA GLU G 334 -27.81 53.29 -34.31
C GLU G 334 -28.73 53.32 -33.08
N ASN G 335 -29.66 52.37 -32.99
CA ASN G 335 -30.52 52.24 -31.82
C ASN G 335 -30.01 51.24 -30.81
N SER G 336 -29.13 50.32 -31.23
CA SER G 336 -28.65 49.26 -30.36
C SER G 336 -27.53 49.79 -29.47
N THR G 337 -27.12 48.95 -28.52
CA THR G 337 -26.04 49.30 -27.61
C THR G 337 -25.28 48.03 -27.25
N LEU G 338 -24.07 48.21 -26.75
CA LEU G 338 -23.17 47.10 -26.46
C LEU G 338 -22.63 47.27 -25.04
N ILE G 339 -22.97 46.33 -24.15
CA ILE G 339 -22.85 46.52 -22.71
C ILE G 339 -21.69 45.67 -22.20
N PHE G 340 -20.54 46.28 -22.00
CA PHE G 340 -19.35 45.57 -21.53
C PHE G 340 -19.45 45.40 -20.02
N VAL G 341 -19.79 44.19 -19.58
CA VAL G 341 -19.94 43.90 -18.17
C VAL G 341 -18.68 43.20 -17.64
N GLY G 342 -17.70 43.01 -18.52
CA GLY G 342 -16.46 42.38 -18.14
C GLY G 342 -15.27 43.18 -18.64
N TYR G 343 -14.11 42.88 -18.04
CA TYR G 343 -12.87 43.53 -18.44
C TYR G 343 -12.44 43.05 -19.82
N GLN G 344 -11.92 43.97 -20.62
CA GLN G 344 -11.39 43.67 -21.94
C GLN G 344 -9.87 43.66 -21.88
N ALA G 345 -9.26 42.52 -22.19
CA ALA G 345 -7.81 42.42 -22.16
C ALA G 345 -7.20 42.99 -23.44
N GLN G 346 -5.88 43.10 -23.42
CA GLN G 346 -5.15 43.78 -24.49
C GLN G 346 -5.20 42.99 -25.79
N ASN G 347 -5.32 43.71 -26.91
CA ASN G 347 -5.35 43.19 -28.28
C ASN G 347 -6.49 42.20 -28.48
N THR G 348 -7.70 42.65 -28.14
CA THR G 348 -8.94 41.93 -28.41
C THR G 348 -9.87 42.88 -29.12
N ARG G 349 -10.83 42.32 -29.88
CA ARG G 349 -11.78 43.14 -30.63
C ARG G 349 -12.69 43.93 -29.69
N GLY G 350 -13.08 43.32 -28.57
CA GLY G 350 -13.86 43.97 -27.53
C GLY G 350 -13.20 45.21 -26.94
N ARG G 351 -11.90 45.13 -26.68
CA ARG G 351 -11.15 46.30 -26.26
C ARG G 351 -11.08 47.33 -27.39
N LYS G 352 -10.96 46.87 -28.63
CA LYS G 352 -10.90 47.77 -29.78
C LYS G 352 -12.23 48.45 -30.06
N ILE G 353 -13.34 47.90 -29.57
CA ILE G 353 -14.62 48.57 -29.70
C ILE G 353 -14.99 49.37 -28.46
N LEU G 354 -14.40 49.05 -27.31
CA LEU G 354 -14.68 49.79 -26.08
C LEU G 354 -13.94 51.12 -26.02
N ASP G 355 -12.67 51.13 -26.45
CA ASP G 355 -11.89 52.37 -26.41
C ASP G 355 -12.35 53.36 -27.47
N GLY G 356 -12.81 52.87 -28.61
CA GLY G 356 -13.30 53.70 -29.70
C GLY G 356 -12.66 53.44 -31.05
N GLU G 357 -11.51 52.78 -31.08
CA GLU G 357 -10.81 52.51 -32.34
C GLU G 357 -11.51 51.41 -33.13
N ARG G 363 -24.70 52.43 -28.92
CA ARG G 363 -23.99 53.08 -27.83
C ARG G 363 -22.97 52.13 -27.19
N ILE G 364 -21.94 52.70 -26.57
CA ILE G 364 -20.89 51.92 -25.91
C ILE G 364 -20.97 52.26 -24.43
N GLU G 365 -21.27 51.26 -23.61
CA GLU G 365 -21.29 51.41 -22.16
C GLU G 365 -20.47 50.31 -21.51
N LYS G 366 -19.83 50.63 -20.40
CA LYS G 366 -19.02 49.68 -19.64
C LYS G 366 -19.50 49.68 -18.19
N LEU G 367 -19.82 48.50 -17.69
CA LEU G 367 -20.28 48.34 -16.31
C LEU G 367 -19.17 47.74 -15.47
N ASN G 368 -18.88 48.37 -14.34
CA ASN G 368 -17.81 47.92 -13.45
C ASN G 368 -18.32 47.18 -12.21
N SER G 369 -19.63 47.16 -11.99
CA SER G 369 -20.17 46.45 -10.83
C SER G 369 -20.11 44.94 -11.02
N PHE G 370 -20.26 44.45 -12.25
CA PHE G 370 -20.18 43.02 -12.53
C PHE G 370 -18.72 42.60 -12.53
N SER G 371 -18.18 42.43 -11.32
CA SER G 371 -16.79 42.05 -11.14
C SER G 371 -16.74 40.92 -10.13
N ALA G 372 -16.23 39.76 -10.56
CA ALA G 372 -16.12 38.63 -9.66
C ALA G 372 -15.01 38.83 -8.65
N HIS G 373 -13.91 39.46 -9.07
CA HIS G 373 -12.79 39.71 -8.18
C HIS G 373 -13.12 40.81 -7.17
N ALA G 374 -12.72 40.59 -5.93
CA ALA G 374 -12.94 41.54 -4.86
C ALA G 374 -11.97 42.73 -4.99
N ASP G 375 -12.37 43.85 -4.39
CA ASP G 375 -11.50 45.01 -4.33
C ASP G 375 -10.53 44.86 -3.15
N GLN G 376 -9.79 45.93 -2.85
CA GLN G 376 -8.77 45.85 -1.80
C GLN G 376 -9.41 45.82 -0.41
N ASP G 377 -10.49 46.58 -0.22
CA ASP G 377 -11.13 46.67 1.09
C ASP G 377 -11.79 45.35 1.49
N GLU G 378 -12.31 44.60 0.52
CA GLU G 378 -12.81 43.26 0.82
C GLU G 378 -11.69 42.30 1.20
N LEU G 379 -10.47 42.52 0.68
CA LEU G 379 -9.35 41.69 1.11
C LEU G 379 -8.90 42.05 2.52
N ILE G 380 -8.98 43.33 2.89
CA ILE G 380 -8.72 43.74 4.26
C ILE G 380 -9.75 43.12 5.21
N ASP G 381 -11.01 43.10 4.77
CA ASP G 381 -12.06 42.42 5.52
C ASP G 381 -11.79 40.92 5.63
N TYR G 382 -11.26 40.31 4.56
CA TYR G 382 -10.93 38.89 4.56
C TYR G 382 -9.85 38.55 5.57
N ILE G 383 -8.81 39.38 5.66
CA ILE G 383 -7.77 39.14 6.66
C ILE G 383 -8.24 39.47 8.07
N GLU G 384 -9.08 40.50 8.25
CA GLU G 384 -9.43 40.96 9.60
C GLU G 384 -10.35 39.98 10.34
N ARG G 385 -11.21 39.26 9.63
CA ARG G 385 -12.08 38.28 10.29
C ARG G 385 -11.47 36.89 10.36
N LEU G 386 -10.16 36.76 10.20
CA LEU G 386 -9.47 35.59 10.69
C LEU G 386 -9.49 35.57 12.22
N LYS G 387 -9.41 34.37 12.80
CA LYS G 387 -9.39 34.25 14.25
C LYS G 387 -8.11 34.83 14.83
N TYR G 388 -6.97 34.52 14.23
CA TYR G 388 -5.69 35.10 14.58
C TYR G 388 -5.13 35.87 13.39
N THR G 389 -4.36 36.90 13.68
CA THR G 389 -3.63 37.60 12.63
C THR G 389 -2.58 36.67 12.05
N PRO G 390 -2.51 36.52 10.73
CA PRO G 390 -1.53 35.60 10.14
C PRO G 390 -0.10 36.09 10.34
N TYR G 391 0.84 35.14 10.30
CA TYR G 391 2.23 35.50 10.47
C TYR G 391 2.75 36.25 9.24
N LYS G 392 2.37 35.82 8.06
CA LYS G 392 2.92 36.41 6.84
C LYS G 392 1.91 36.27 5.72
N VAL G 393 1.56 37.39 5.10
CA VAL G 393 0.59 37.43 4.01
C VAL G 393 1.36 37.43 2.69
N PHE G 394 1.21 36.38 1.91
CA PHE G 394 1.97 36.23 0.66
C PHE G 394 1.08 36.70 -0.48
N LEU G 395 1.24 37.97 -0.86
CA LEU G 395 0.59 38.47 -2.07
C LEU G 395 1.21 37.83 -3.30
N VAL G 396 0.38 37.36 -4.23
CA VAL G 396 0.90 36.58 -5.35
C VAL G 396 0.56 37.15 -6.74
N HIS G 397 -0.72 37.20 -7.10
CA HIS G 397 -1.10 37.64 -8.44
C HIS G 397 -1.78 39.00 -8.38
N GLY G 398 -2.19 39.47 -9.54
CA GLY G 398 -2.74 40.81 -9.65
C GLY G 398 -1.74 41.72 -10.34
N GLU G 399 -2.15 42.94 -10.67
CA GLU G 399 -1.25 43.88 -11.30
C GLU G 399 -0.25 44.41 -10.27
N LYS G 400 0.89 44.95 -10.74
CA LYS G 400 1.99 45.33 -9.81
C LYS G 400 1.59 46.46 -8.86
N GLU G 401 1.08 47.57 -9.38
CA GLU G 401 0.85 48.74 -8.54
C GLU G 401 -0.25 48.50 -7.52
N GLN G 402 -1.30 47.75 -7.89
CA GLN G 402 -2.35 47.40 -6.94
C GLN G 402 -1.82 46.48 -5.86
N ARG G 403 -0.94 45.55 -6.23
CA ARG G 403 -0.27 44.70 -5.24
C ARG G 403 0.62 45.52 -4.32
N GLU G 404 1.26 46.56 -4.85
CA GLU G 404 2.11 47.43 -4.03
C GLU G 404 1.31 48.20 -3.00
N ILE G 405 0.24 48.88 -3.43
CA ILE G 405 -0.58 49.67 -2.51
C ILE G 405 -1.32 48.77 -1.52
N LEU G 406 -1.75 47.59 -1.98
CA LEU G 406 -2.36 46.63 -1.06
C LEU G 406 -1.36 46.15 -0.03
N ALA G 407 -0.10 45.90 -0.43
CA ALA G 407 0.94 45.47 0.50
C ALA G 407 1.26 46.55 1.53
N LYS G 408 1.24 47.82 1.11
CA LYS G 408 1.39 48.92 2.06
C LYS G 408 0.23 48.97 3.05
N ARG G 409 -1.00 48.67 2.59
CA ARG G 409 -2.11 48.68 3.54
C ARG G 409 -2.12 47.43 4.42
N ILE G 410 -1.48 46.34 4.00
CA ILE G 410 -1.26 45.21 4.91
C ILE G 410 -0.24 45.59 5.98
N ILE G 411 0.84 46.28 5.58
CA ILE G 411 1.88 46.73 6.51
C ILE G 411 1.32 47.74 7.51
N SER G 412 0.37 48.59 7.08
CA SER G 412 -0.31 49.49 8.00
C SER G 412 -1.18 48.74 9.01
N LYS G 413 -1.61 47.52 8.69
CA LYS G 413 -2.28 46.65 9.64
C LYS G 413 -1.30 45.75 10.39
N LYS G 414 0.01 46.04 10.29
CA LYS G 414 1.10 45.40 11.03
C LYS G 414 1.25 43.90 10.71
N ILE G 415 1.00 43.48 9.48
CA ILE G 415 1.15 42.09 9.07
C ILE G 415 2.26 42.00 8.04
N ARG G 416 3.06 40.93 8.12
CA ARG G 416 4.18 40.73 7.20
C ARG G 416 3.69 40.42 5.78
N VAL G 417 4.42 40.96 4.80
CA VAL G 417 4.13 40.77 3.38
C VAL G 417 5.38 40.22 2.70
N GLU G 418 5.21 39.22 1.84
CA GLU G 418 6.25 38.80 0.91
C GLU G 418 5.68 38.85 -0.50
N LEU G 419 6.09 39.86 -1.27
CA LEU G 419 5.75 39.95 -2.67
C LEU G 419 6.62 38.96 -3.46
N PRO G 420 6.14 38.49 -4.62
CA PRO G 420 6.92 37.47 -5.34
C PRO G 420 8.17 38.02 -6.00
N GLU G 421 8.24 39.34 -6.14
CA GLU G 421 9.47 39.97 -6.70
C GLU G 421 10.53 40.02 -5.60
N ASN G 422 10.18 40.58 -4.44
CA ASN G 422 11.15 40.75 -3.34
C ASN G 422 11.66 39.38 -2.87
N TYR G 423 10.76 38.44 -2.63
CA TYR G 423 11.17 37.11 -2.10
C TYR G 423 12.54 36.74 -2.67
N GLU G 428 11.58 34.17 8.97
CA GLU G 428 11.31 32.76 8.76
C GLU G 428 11.48 31.96 10.04
N ILE G 429 10.41 31.91 10.85
CA ILE G 429 10.44 31.13 12.11
C ILE G 429 10.11 29.69 11.78
N LEU G 430 9.92 28.85 12.80
CA LEU G 430 9.48 27.45 12.54
C LEU G 430 8.27 27.18 13.43
N ILE G 431 7.16 26.73 12.84
CA ILE G 431 5.92 26.54 13.63
C ILE G 431 5.65 25.04 13.74
N GLU G 432 6.15 24.39 14.79
CA GLU G 432 5.99 22.95 14.97
C GLU G 432 4.76 22.67 15.81
N LYS G 433 3.87 21.83 15.28
CA LYS G 433 2.70 21.38 16.04
C LYS G 433 3.13 20.13 16.80
N LYS G 434 3.56 20.33 18.04
CA LYS G 434 4.09 19.24 18.83
C LYS G 434 2.98 18.50 19.55
N VAL G 435 3.23 17.23 19.85
CA VAL G 435 2.29 16.38 20.57
C VAL G 435 2.92 16.07 21.91
N VAL G 436 2.22 16.38 23.00
CA VAL G 436 2.75 16.22 24.35
C VAL G 436 1.96 15.11 25.04
N LEU G 437 2.66 14.33 25.88
CA LEU G 437 2.01 13.22 26.56
C LEU G 437 1.19 13.72 27.75
N ASN G 438 1.80 14.53 28.63
CA ASN G 438 1.19 15.16 29.80
C ASN G 438 0.58 14.15 30.78
N ILE G 439 1.08 12.92 30.79
CA ILE G 439 0.62 11.89 31.71
C ILE G 439 1.85 11.17 32.27
N ASN G 440 1.63 10.37 33.29
CA ASN G 440 2.73 9.63 33.90
C ASN G 440 3.19 8.49 33.00
N THR G 441 4.52 8.30 32.93
CA THR G 441 5.12 7.24 32.13
C THR G 441 6.05 6.36 32.96
N ASP G 442 5.99 6.48 34.28
CA ASP G 442 6.84 5.65 35.15
C ASP G 442 6.31 4.23 35.24
N ASN G 443 4.99 4.07 35.24
CA ASN G 443 4.36 2.75 35.41
C ASN G 443 4.23 2.07 34.04
N MET G 444 5.35 1.52 33.58
CA MET G 444 5.45 0.89 32.27
C MET G 444 6.02 -0.52 32.43
N CYS G 445 5.63 -1.41 31.51
CA CYS G 445 6.01 -2.82 31.62
C CYS G 445 6.47 -3.33 30.25
N ASN G 446 6.78 -4.63 30.21
CA ASN G 446 7.24 -5.29 28.99
C ASN G 446 6.46 -6.58 28.78
N PHE G 447 5.98 -6.79 27.56
CA PHE G 447 5.36 -8.05 27.17
C PHE G 447 6.03 -8.69 25.96
N ALA G 448 6.28 -7.91 24.91
CA ALA G 448 6.82 -8.41 23.65
C ALA G 448 7.97 -7.54 23.20
N SER G 449 8.88 -7.26 24.15
CA SER G 449 9.94 -6.24 24.05
C SER G 449 9.39 -4.88 23.64
N TYR G 450 8.26 -4.52 24.23
CA TYR G 450 7.63 -3.22 24.04
C TYR G 450 7.41 -2.59 25.41
N ARG G 451 7.68 -1.29 25.51
CA ARG G 451 7.42 -0.55 26.74
C ARG G 451 5.99 0.00 26.73
N LEU G 452 5.03 -0.90 26.85
CA LEU G 452 3.63 -0.55 26.77
C LEU G 452 3.03 -0.29 28.14
N MET G 453 2.05 0.61 28.19
CA MET G 453 1.25 0.83 29.39
C MET G 453 -0.15 1.23 28.95
N PRO G 454 -1.19 0.59 29.49
CA PRO G 454 -2.56 0.97 29.14
C PRO G 454 -2.97 2.25 29.86
N PHE G 455 -3.59 3.16 29.12
CA PHE G 455 -4.04 4.43 29.68
C PHE G 455 -5.38 4.80 29.07
N SER G 456 -6.24 5.40 29.89
CA SER G 456 -7.51 5.98 29.43
C SER G 456 -7.43 7.47 29.66
N GLY G 457 -7.48 8.24 28.58
CA GLY G 457 -7.28 9.68 28.66
C GLY G 457 -8.11 10.34 27.57
N PHE G 458 -7.75 11.57 27.22
CA PHE G 458 -8.55 12.41 26.35
C PHE G 458 -7.60 13.15 25.43
N ILE G 459 -7.76 12.98 24.11
CA ILE G 459 -6.80 13.61 23.16
C ILE G 459 -7.26 15.03 22.87
N VAL G 460 -7.13 15.94 23.84
CA VAL G 460 -7.53 17.36 23.61
C VAL G 460 -6.69 17.91 22.47
N GLU G 461 -7.29 18.71 21.60
CA GLU G 461 -6.57 19.22 20.41
C GLU G 461 -6.57 20.75 20.43
N LYS G 462 -5.46 21.36 20.86
CA LYS G 462 -5.35 22.84 20.85
C LYS G 462 -4.96 23.26 19.43
N ASP G 463 -4.63 24.54 19.23
CA ASP G 463 -4.33 25.06 17.86
C ASP G 463 -2.82 25.01 17.63
N ARG G 465 -1.06 22.14 19.14
CA ARG G 465 -0.21 21.32 20.05
C ARG G 465 -1.05 20.18 20.61
N ILE G 466 -1.50 19.26 19.75
CA ILE G 466 -2.32 18.15 20.21
C ILE G 466 -1.85 17.69 21.59
N GLU G 467 -2.78 17.60 22.54
CA GLU G 467 -2.45 17.30 23.93
C GLU G 467 -3.23 16.08 24.39
N ILE G 468 -2.53 15.08 24.92
CA ILE G 468 -3.19 14.01 25.65
C ILE G 468 -3.28 14.40 27.11
N ASN G 469 -4.44 14.19 27.73
CA ASN G 469 -4.64 14.59 29.12
C ASN G 469 -5.55 13.60 29.83
N ASP G 470 -5.25 13.31 31.10
CA ASP G 470 -5.98 12.29 31.84
C ASP G 470 -7.39 12.76 32.19
N LYS G 471 -8.16 11.85 32.81
CA LYS G 471 -9.57 12.13 33.13
C LYS G 471 -9.73 13.15 34.25
N ASN G 472 -8.68 13.36 35.05
CA ASN G 472 -8.69 14.40 36.08
C ASN G 472 -8.75 15.76 35.39
N TRP G 473 -8.06 15.90 34.25
CA TRP G 473 -8.12 17.14 33.48
C TRP G 473 -9.52 17.35 32.90
N PHE G 474 -10.20 16.27 32.49
CA PHE G 474 -11.57 16.41 32.00
C PHE G 474 -12.53 16.80 33.12
N ASP G 475 -12.31 16.27 34.32
CA ASP G 475 -13.11 16.69 35.46
C ASP G 475 -12.83 18.15 35.83
N MET G 476 -11.61 18.62 35.59
CA MET G 476 -11.32 20.04 35.71
C MET G 476 -12.08 20.86 34.67
N ILE G 477 -12.19 20.35 33.44
CA ILE G 477 -13.02 21.02 32.44
C ILE G 477 -14.51 20.88 32.79
N TRP G 478 -14.95 19.68 33.13
CA TRP G 478 -16.36 19.45 33.45
C TRP G 478 -16.65 19.72 34.92
N ALA G 504 -32.62 22.32 7.29
CA ALA G 504 -33.14 22.04 5.96
C ALA G 504 -33.58 20.57 5.84
N LEU G 505 -32.76 19.68 6.38
CA LEU G 505 -33.04 18.26 6.27
C LEU G 505 -34.14 17.84 7.24
N PRO G 506 -35.04 16.93 6.82
CA PRO G 506 -36.06 16.42 7.73
C PRO G 506 -35.34 15.73 8.90
N ASP G 507 -36.10 15.08 9.77
CA ASP G 507 -35.47 14.36 10.91
C ASP G 507 -36.28 13.09 11.20
N MET G 508 -35.61 11.94 11.17
CA MET G 508 -36.28 10.69 11.48
C MET G 508 -35.48 9.95 12.56
N SER G 509 -36.17 9.10 13.31
CA SER G 509 -35.48 8.28 14.30
C SER G 509 -34.65 7.20 13.63
N HIS G 510 -33.70 6.65 14.39
CA HIS G 510 -32.76 5.67 13.86
C HIS G 510 -33.47 4.37 13.47
N ASP G 511 -34.42 3.92 14.28
CA ASP G 511 -35.15 2.69 13.99
C ASP G 511 -36.07 2.87 12.78
N LYS G 512 -36.63 4.07 12.61
CA LYS G 512 -37.45 4.36 11.43
C LYS G 512 -36.61 4.35 10.16
N ILE G 513 -35.38 4.88 10.23
CA ILE G 513 -34.47 4.83 9.10
C ILE G 513 -34.09 3.39 8.77
N ILE G 514 -33.83 2.58 9.82
CA ILE G 514 -33.50 1.16 9.65
C ILE G 514 -34.63 0.41 8.97
N GLU G 515 -35.87 0.62 9.44
CA GLU G 515 -37.01 -0.11 8.90
C GLU G 515 -37.37 0.37 7.49
N ASN G 516 -37.25 1.67 7.22
CA ASN G 516 -37.57 2.16 5.88
C ASN G 516 -36.54 1.71 4.85
N ILE G 517 -35.25 1.72 5.21
CA ILE G 517 -34.24 1.25 4.26
C ILE G 517 -34.36 -0.26 4.05
N GLU G 518 -34.71 -1.01 5.11
CA GLU G 518 -34.95 -2.45 4.95
C GLU G 518 -36.16 -2.74 4.06
N TYR G 519 -37.23 -1.96 4.23
CA TYR G 519 -38.43 -2.12 3.40
C TYR G 519 -38.15 -1.79 1.94
N LEU G 520 -37.48 -0.67 1.68
CA LEU G 520 -37.21 -0.28 0.31
C LEU G 520 -36.09 -1.11 -0.31
N PHE G 521 -35.27 -1.78 0.50
CA PHE G 521 -34.32 -2.74 -0.04
C PHE G 521 -35.03 -4.02 -0.46
N ASN G 522 -36.01 -4.48 0.33
CA ASN G 522 -36.79 -5.63 -0.08
C ASN G 522 -37.70 -5.32 -1.27
N ILE G 523 -38.09 -4.06 -1.41
CA ILE G 523 -38.98 -3.63 -2.50
C ILE G 523 -38.18 -3.32 -3.77
N LYS G 524 -36.83 -3.31 -3.66
CA LYS G 524 -35.80 -3.15 -4.68
C LYS G 524 -35.66 -1.70 -5.15
N ILE G 525 -36.33 -0.77 -4.47
CA ILE G 525 -36.11 0.64 -4.76
C ILE G 525 -34.71 1.06 -4.32
N LEU G 526 -34.33 0.72 -3.09
CA LEU G 526 -32.98 0.91 -2.62
C LEU G 526 -32.16 -0.33 -2.95
N SER G 527 -30.95 -0.13 -3.45
CA SER G 527 -30.14 -1.22 -3.96
C SER G 527 -28.73 -1.11 -3.40
N LYS G 528 -27.95 -2.18 -3.59
CA LYS G 528 -26.55 -2.16 -3.19
C LYS G 528 -25.77 -1.15 -4.02
N ASN G 529 -26.09 -1.04 -5.31
CA ASN G 529 -25.49 0.00 -6.16
C ASN G 529 -25.94 1.39 -5.71
N ARG G 530 -27.22 1.53 -5.35
CA ARG G 530 -27.73 2.81 -4.86
C ARG G 530 -27.07 3.21 -3.54
N ILE G 531 -26.94 2.24 -2.61
CA ILE G 531 -26.32 2.53 -1.32
C ILE G 531 -24.83 2.82 -1.48
N LYS G 532 -24.16 2.12 -2.41
CA LYS G 532 -22.75 2.38 -2.69
C LYS G 532 -22.54 3.77 -3.30
N GLU G 533 -23.38 4.15 -4.27
CA GLU G 533 -23.27 5.48 -4.87
C GLU G 533 -23.61 6.58 -3.88
N PHE G 534 -24.62 6.35 -3.03
CA PHE G 534 -24.98 7.33 -2.01
C PHE G 534 -23.87 7.45 -0.97
N TRP G 535 -23.19 6.36 -0.64
CA TRP G 535 -22.07 6.42 0.29
C TRP G 535 -20.88 7.15 -0.33
N GLU G 536 -20.66 6.99 -1.63
CA GLU G 536 -19.59 7.76 -2.28
C GLU G 536 -19.91 9.25 -2.32
N GLU G 537 -21.15 9.61 -2.65
CA GLU G 537 -21.56 11.01 -2.62
C GLU G 537 -21.63 11.58 -1.20
N PHE G 538 -21.78 10.73 -0.19
CA PHE G 538 -21.81 11.21 1.19
C PHE G 538 -20.41 11.34 1.77
N CYS G 539 -19.50 10.45 1.40
CA CYS G 539 -18.08 10.64 1.72
C CYS G 539 -17.50 11.84 0.98
N LYS G 540 -18.08 12.21 -0.16
CA LYS G 540 -17.77 13.50 -0.75
C LYS G 540 -18.19 14.63 0.18
N GLY G 541 -19.37 14.53 0.76
CA GLY G 541 -19.87 15.53 1.68
C GLY G 541 -21.38 15.48 1.74
N GLN G 542 -21.94 16.35 2.58
CA GLN G 542 -23.39 16.35 2.75
C GLN G 542 -24.10 16.96 1.55
N LYS G 543 -23.58 18.06 1.01
CA LYS G 543 -24.27 18.77 -0.07
C LYS G 543 -24.23 18.00 -1.38
N ALA G 544 -23.14 17.28 -1.64
CA ALA G 544 -23.06 16.44 -2.84
C ALA G 544 -24.06 15.30 -2.77
N ALA G 545 -24.24 14.72 -1.58
CA ALA G 545 -25.25 13.68 -1.40
C ALA G 545 -26.67 14.24 -1.48
N ILE G 546 -26.86 15.48 -1.03
CA ILE G 546 -28.15 16.17 -1.19
C ILE G 546 -28.48 16.34 -2.67
N LYS G 547 -27.49 16.77 -3.45
CA LYS G 547 -27.67 16.92 -4.89
C LYS G 547 -27.93 15.59 -5.57
N TYR G 548 -27.22 14.54 -5.15
CA TYR G 548 -27.42 13.22 -5.74
C TYR G 548 -28.82 12.68 -5.46
N ILE G 549 -29.28 12.83 -4.22
CA ILE G 549 -30.60 12.32 -3.85
C ILE G 549 -31.71 13.14 -4.49
N THR G 550 -31.53 14.46 -4.58
CA THR G 550 -32.49 15.31 -5.27
C THR G 550 -32.53 15.01 -6.77
N GLN G 551 -31.38 14.71 -7.37
CA GLN G 551 -31.31 14.38 -8.78
C GLN G 551 -31.96 13.02 -9.08
N VAL G 552 -31.82 12.06 -8.17
CA VAL G 552 -32.48 10.78 -8.34
C VAL G 552 -33.99 10.92 -8.18
N HIS G 553 -34.43 11.64 -7.14
CA HIS G 553 -35.86 11.70 -6.84
C HIS G 553 -36.63 12.63 -7.78
N ARG G 554 -35.96 13.52 -8.51
CA ARG G 554 -36.64 14.51 -9.32
C ARG G 554 -37.36 13.88 -10.50
N LYS G 555 -38.62 14.23 -10.67
CA LYS G 555 -39.47 13.70 -11.73
C LYS G 555 -39.27 14.55 -12.97
N ASN G 556 -38.87 13.91 -14.07
CA ASN G 556 -38.69 14.56 -15.35
C ASN G 556 -40.06 14.95 -15.89
N PRO G 557 -40.30 16.24 -16.15
CA PRO G 557 -41.65 16.65 -16.58
C PRO G 557 -42.03 16.19 -17.98
N ASN G 558 -41.05 15.97 -18.86
CA ASN G 558 -41.39 15.54 -20.21
C ASN G 558 -41.75 14.06 -20.28
N THR G 559 -41.14 13.23 -19.45
CA THR G 559 -41.35 11.78 -19.51
C THR G 559 -42.09 11.21 -18.30
N GLY G 560 -42.03 11.86 -17.15
CA GLY G 560 -42.66 11.31 -15.97
C GLY G 560 -41.91 10.17 -15.32
N ARG G 561 -40.58 10.16 -15.44
CA ARG G 561 -39.75 9.10 -14.89
C ARG G 561 -38.82 9.68 -13.83
N ARG G 562 -38.71 8.97 -12.71
CA ARG G 562 -37.72 9.28 -11.68
C ARG G 562 -36.60 8.26 -11.78
N ASN G 563 -35.40 8.66 -11.35
CA ASN G 563 -34.22 7.80 -11.47
C ASN G 563 -34.16 6.73 -10.39
N TRP G 564 -35.14 6.65 -9.49
CA TRP G 564 -35.24 5.57 -8.53
C TRP G 564 -35.47 4.24 -9.25
N ASN G 565 -34.98 3.17 -8.65
CA ASN G 565 -35.26 1.84 -9.18
C ASN G 565 -36.74 1.51 -8.94
N PRO G 566 -37.44 0.94 -9.93
CA PRO G 566 -38.87 0.72 -9.77
C PRO G 566 -39.15 -0.36 -8.76
N PRO G 567 -40.25 -0.27 -8.02
CA PRO G 567 -40.55 -1.28 -7.00
C PRO G 567 -41.02 -2.58 -7.61
N GLU G 568 -40.68 -3.68 -6.94
CA GLU G 568 -41.09 -5.01 -7.36
C GLU G 568 -42.31 -5.43 -6.54
N GLY G 569 -43.43 -5.61 -7.22
CA GLY G 569 -44.66 -5.96 -6.53
C GLY G 569 -45.87 -5.55 -7.35
N ASP G 570 -47.00 -5.47 -6.67
CA ASP G 570 -48.29 -5.19 -7.28
C ASP G 570 -48.75 -3.80 -6.81
N PHE G 571 -47.82 -2.85 -6.76
CA PHE G 571 -48.12 -1.51 -6.27
C PHE G 571 -48.73 -0.66 -7.38
N THR G 572 -49.76 0.10 -7.01
CA THR G 572 -50.41 1.03 -7.98
C THR G 572 -49.69 2.38 -7.92
N ASP G 573 -49.66 3.11 -9.04
CA ASP G 573 -48.93 4.40 -9.10
C ASP G 573 -48.87 5.10 -7.73
N ASN G 574 -50.01 5.46 -7.16
CA ASN G 574 -50.01 6.25 -5.93
C ASN G 574 -49.11 5.62 -4.87
N GLU G 575 -49.15 4.29 -4.75
CA GLU G 575 -48.27 3.59 -3.82
C GLU G 575 -46.82 3.69 -4.25
N ILE G 576 -46.57 3.66 -5.57
CA ILE G 576 -45.21 3.79 -6.09
C ILE G 576 -44.65 5.18 -5.81
N GLU G 577 -45.45 6.23 -6.00
CA GLU G 577 -44.99 7.58 -5.71
C GLU G 577 -44.84 7.82 -4.22
N LYS G 578 -45.69 7.21 -3.38
CA LYS G 578 -45.52 7.31 -1.94
C LYS G 578 -44.27 6.59 -1.45
N LEU G 579 -43.93 5.45 -2.09
CA LEU G 579 -42.69 4.76 -1.77
C LEU G 579 -41.47 5.58 -2.21
N TYR G 580 -41.58 6.28 -3.35
CA TYR G 580 -40.50 7.15 -3.79
C TYR G 580 -40.28 8.33 -2.84
N GLU G 581 -41.38 8.93 -2.37
CA GLU G 581 -41.26 10.00 -1.37
C GLU G 581 -40.74 9.49 -0.04
N THR G 582 -41.09 8.24 0.32
CA THR G 582 -40.53 7.61 1.51
C THR G 582 -39.02 7.43 1.39
N ALA G 583 -38.55 6.99 0.21
CA ALA G 583 -37.12 6.84 -0.03
C ALA G 583 -36.39 8.19 0.02
N TYR G 584 -37.02 9.22 -0.57
CA TYR G 584 -36.47 10.58 -0.54
C TYR G 584 -36.30 11.09 0.88
N ASN G 585 -37.36 11.00 1.68
CA ASN G 585 -37.32 11.53 3.05
C ASN G 585 -36.41 10.68 3.94
N THR G 586 -36.38 9.37 3.73
CA THR G 586 -35.53 8.49 4.51
C THR G 586 -34.06 8.75 4.24
N LEU G 587 -33.68 8.94 2.97
CA LEU G 587 -32.27 9.17 2.72
C LEU G 587 -31.85 10.61 3.01
N LEU G 588 -32.77 11.58 3.00
CA LEU G 588 -32.42 12.90 3.52
C LEU G 588 -32.23 12.88 5.04
N SER G 589 -33.08 12.13 5.75
CA SER G 589 -32.88 11.96 7.18
C SER G 589 -31.61 11.19 7.50
N LEU G 590 -31.20 10.29 6.61
CA LEU G 590 -29.91 9.63 6.73
C LEU G 590 -28.77 10.61 6.47
N ILE G 591 -28.97 11.55 5.54
CA ILE G 591 -27.97 12.57 5.23
C ILE G 591 -27.71 13.44 6.45
N LYS G 592 -28.77 13.74 7.21
CA LYS G 592 -28.63 14.53 8.44
C LYS G 592 -27.81 13.85 9.54
N TYR G 593 -27.59 12.54 9.46
CA TYR G 593 -26.88 11.82 10.50
C TYR G 593 -25.36 11.96 10.34
N ASP G 594 -24.63 11.43 11.32
CA ASP G 594 -23.16 11.46 11.31
C ASP G 594 -22.61 10.37 10.40
N LYS G 595 -21.38 10.60 9.92
CA LYS G 595 -20.78 9.78 8.87
C LYS G 595 -20.52 8.35 9.33
N ASN G 596 -20.00 8.17 10.54
CA ASN G 596 -19.80 6.83 11.08
C ASN G 596 -21.14 6.13 11.32
N LYS G 597 -22.14 6.88 11.76
CA LYS G 597 -23.48 6.32 11.94
C LYS G 597 -24.10 5.92 10.60
N VAL G 598 -23.88 6.71 9.55
CA VAL G 598 -24.34 6.36 8.21
C VAL G 598 -23.64 5.09 7.72
N TYR G 599 -22.35 4.96 8.02
CA TYR G 599 -21.61 3.76 7.63
C TYR G 599 -22.14 2.53 8.35
N ASN G 600 -22.43 2.65 9.65
CA ASN G 600 -22.95 1.51 10.40
C ASN G 600 -24.38 1.16 10.02
N ILE G 601 -25.17 2.15 9.55
CA ILE G 601 -26.49 1.83 9.02
C ILE G 601 -26.37 1.12 7.66
N LEU G 602 -25.56 1.66 6.76
CA LEU G 602 -25.51 1.15 5.40
C LEU G 602 -24.68 -0.12 5.25
N ILE G 603 -23.87 -0.48 6.25
CA ILE G 603 -23.12 -1.73 6.17
C ILE G 603 -24.00 -2.95 6.41
N ASN G 604 -25.19 -2.78 6.99
CA ASN G 604 -26.07 -3.90 7.21
C ASN G 604 -26.70 -4.35 5.88
N PHE G 605 -27.12 -3.39 5.07
CA PHE G 605 -27.84 -3.73 3.84
C PHE G 605 -26.90 -4.00 2.69
N ASN G 606 -25.92 -3.14 2.47
CA ASN G 606 -24.83 -3.41 1.55
C ASN G 606 -23.59 -3.73 2.37
N PRO G 607 -23.10 -4.98 2.36
CA PRO G 607 -21.96 -5.34 3.22
C PRO G 607 -20.66 -4.64 2.87
N LYS G 608 -20.53 -4.11 1.65
CA LYS G 608 -19.36 -3.37 1.23
C LYS G 608 -19.79 -1.95 0.91
N LEU G 609 -19.21 -0.99 1.64
CA LEU G 609 -19.48 0.46 1.52
C LEU G 609 -20.96 0.82 1.67
N VAL H 435 -3.36 -14.88 46.24
CA VAL H 435 -3.27 -15.13 44.80
C VAL H 435 -4.22 -16.25 44.35
N VAL H 436 -5.04 -15.92 43.35
CA VAL H 436 -6.04 -16.90 42.85
C VAL H 436 -6.05 -16.90 41.32
N LEU H 437 -5.72 -18.03 40.70
CA LEU H 437 -5.75 -18.14 39.22
C LEU H 437 -7.21 -18.15 38.75
N ASN H 438 -7.51 -17.37 37.71
CA ASN H 438 -8.90 -17.28 37.20
C ASN H 438 -8.94 -17.97 35.83
N ILE H 439 -8.05 -18.95 35.63
CA ILE H 439 -7.97 -19.68 34.37
C ILE H 439 -8.06 -21.16 34.68
N ASN H 440 -8.90 -21.88 33.92
CA ASN H 440 -8.92 -23.33 34.05
C ASN H 440 -7.69 -23.93 33.39
N THR H 441 -7.07 -24.87 34.09
CA THR H 441 -5.77 -25.44 33.68
C THR H 441 -5.92 -26.68 32.79
N ASP H 442 -6.47 -26.48 31.60
CA ASP H 442 -6.64 -27.57 30.64
C ASP H 442 -5.49 -27.63 29.63
N ASN H 443 -5.57 -28.63 28.74
CA ASN H 443 -4.65 -28.85 27.60
C ASN H 443 -3.20 -29.00 28.04
N MET H 444 -3.01 -29.67 29.16
CA MET H 444 -1.88 -29.43 30.04
C MET H 444 -0.75 -30.40 29.73
N CYS H 445 0.26 -29.95 28.97
CA CYS H 445 1.27 -30.82 28.38
C CYS H 445 2.20 -31.43 29.45
N ASN H 446 2.91 -32.48 29.04
CA ASN H 446 3.70 -33.35 29.92
C ASN H 446 5.15 -33.34 29.44
N PHE H 447 5.91 -32.37 29.94
CA PHE H 447 7.35 -32.27 29.70
C PHE H 447 8.00 -32.79 30.97
N ALA H 448 8.45 -34.05 30.94
CA ALA H 448 9.13 -34.73 32.05
C ALA H 448 8.24 -34.77 33.28
N SER H 449 8.84 -34.78 34.47
CA SER H 449 8.08 -34.48 35.68
C SER H 449 7.89 -32.98 35.87
N TYR H 450 7.29 -32.29 34.89
CA TYR H 450 6.91 -30.88 34.96
C TYR H 450 5.67 -30.72 34.08
N ARG H 451 4.51 -30.85 34.71
CA ARG H 451 3.24 -30.54 34.05
C ARG H 451 3.19 -29.07 33.64
N LEU H 452 2.78 -28.80 32.41
CA LEU H 452 3.12 -27.53 31.80
C LEU H 452 1.95 -26.97 30.99
N MET H 453 1.89 -25.63 30.92
CA MET H 453 1.00 -24.85 30.05
C MET H 453 1.64 -23.53 29.63
N PRO H 454 1.79 -23.22 28.32
CA PRO H 454 2.23 -21.90 27.92
C PRO H 454 1.01 -21.03 28.25
N PHE H 455 1.19 -19.94 29.01
CA PHE H 455 0.01 -19.15 29.46
C PHE H 455 0.28 -17.64 29.37
N SER H 456 -0.51 -16.93 28.56
CA SER H 456 -0.37 -15.46 28.44
C SER H 456 -1.51 -14.80 29.22
N GLY H 457 -1.28 -13.65 29.87
CA GLY H 457 -2.37 -13.14 30.70
C GLY H 457 -1.89 -11.89 31.45
N PHE H 458 -2.67 -11.49 32.45
CA PHE H 458 -2.41 -10.29 33.25
C PHE H 458 -2.39 -10.65 34.72
N ILE H 459 -1.38 -10.16 35.44
CA ILE H 459 -1.35 -10.30 36.90
C ILE H 459 -2.03 -9.09 37.54
N VAL H 460 -3.34 -9.21 37.79
CA VAL H 460 -4.07 -8.14 38.44
C VAL H 460 -3.81 -8.20 39.94
N GLU H 461 -3.46 -7.05 40.53
CA GLU H 461 -3.26 -6.96 41.96
C GLU H 461 -4.49 -6.29 42.57
N LYS H 462 -5.58 -7.05 42.67
CA LYS H 462 -6.82 -6.56 43.26
C LYS H 462 -6.98 -7.10 44.67
N ILE H 466 -4.55 -11.17 44.48
CA ILE H 466 -3.63 -11.01 43.36
C ILE H 466 -4.12 -11.98 42.28
N GLU H 467 -5.04 -11.51 41.45
CA GLU H 467 -5.73 -12.40 40.52
C GLU H 467 -5.00 -12.45 39.18
N ILE H 468 -5.12 -13.59 38.48
CA ILE H 468 -4.40 -13.77 37.17
C ILE H 468 -5.43 -14.10 36.10
N ASN H 469 -5.97 -13.08 35.42
CA ASN H 469 -7.06 -13.34 34.43
C ASN H 469 -6.47 -13.41 33.02
N ASP H 470 -7.31 -13.75 32.02
CA ASP H 470 -6.83 -13.89 30.62
C ASP H 470 -7.24 -12.66 29.80
N LYS H 471 -7.10 -12.71 28.47
CA LYS H 471 -7.35 -11.53 27.65
C LYS H 471 -8.83 -11.16 27.64
N ASN H 472 -9.72 -12.14 27.85
CA ASN H 472 -11.16 -11.92 27.75
C ASN H 472 -11.66 -10.90 28.77
N TRP H 473 -11.21 -11.04 30.03
CA TRP H 473 -11.42 -10.04 31.08
C TRP H 473 -10.96 -8.66 30.66
N PHE H 474 -9.87 -8.58 29.92
CA PHE H 474 -9.33 -7.32 29.42
C PHE H 474 -10.28 -6.67 28.43
N ASP H 475 -10.85 -7.46 27.51
CA ASP H 475 -11.75 -6.89 26.52
C ASP H 475 -13.03 -6.42 27.18
N MET H 476 -13.57 -7.22 28.10
CA MET H 476 -14.69 -6.80 28.93
C MET H 476 -14.31 -5.63 29.83
N ILE H 477 -13.03 -5.49 30.17
CA ILE H 477 -12.59 -4.27 30.82
C ILE H 477 -12.57 -3.11 29.83
N TRP H 478 -11.98 -3.35 28.64
CA TRP H 478 -11.63 -2.25 27.73
C TRP H 478 -12.88 -1.58 27.17
N ASN H 479 -13.82 -2.39 26.67
CA ASN H 479 -15.11 -1.91 26.19
C ASN H 479 -15.88 -1.20 27.30
N GLU H 480 -15.68 -1.64 28.56
CA GLU H 480 -16.15 -0.96 29.77
C GLU H 480 -15.76 0.50 29.76
N GLU H 481 -14.45 0.78 29.70
CA GLU H 481 -14.02 2.17 29.59
C GLU H 481 -14.43 2.77 28.26
N TYR H 482 -14.54 1.95 27.22
CA TYR H 482 -14.92 2.49 25.92
C TYR H 482 -16.41 2.79 25.86
N ASN H 483 -17.20 2.35 26.85
CA ASN H 483 -18.53 2.95 26.93
C ASN H 483 -18.66 3.90 28.12
N LYS H 484 -17.65 3.92 29.01
CA LYS H 484 -17.77 4.76 30.20
C LYS H 484 -17.26 6.17 29.94
N MET H 485 -16.04 6.27 29.40
CA MET H 485 -15.43 7.57 29.09
C MET H 485 -16.24 8.32 28.04
N ARG H 486 -16.72 7.59 27.03
CA ARG H 486 -17.66 8.13 26.05
C ARG H 486 -18.92 8.67 26.70
N SER H 487 -19.37 8.02 27.78
CA SER H 487 -20.54 8.53 28.51
C SER H 487 -20.21 9.82 29.23
N GLN H 488 -18.94 10.00 29.65
CA GLN H 488 -18.60 11.16 30.45
C GLN H 488 -18.54 12.43 29.60
N ILE H 489 -18.25 12.31 28.31
CA ILE H 489 -18.26 13.46 27.42
C ILE H 489 -19.66 13.67 26.85
N LEU H 505 -25.59 -19.90 21.03
CA LEU H 505 -24.66 -20.76 20.29
C LEU H 505 -25.04 -22.23 20.44
N PRO H 506 -24.95 -22.99 19.34
CA PRO H 506 -25.32 -24.42 19.39
C PRO H 506 -24.31 -25.26 20.15
N ASP H 507 -24.67 -26.49 20.45
CA ASP H 507 -23.82 -27.40 21.22
C ASP H 507 -23.49 -28.62 20.39
N MET H 508 -22.20 -28.92 20.27
CA MET H 508 -21.72 -30.13 19.63
C MET H 508 -20.64 -30.76 20.51
N SER H 509 -20.58 -32.08 20.51
CA SER H 509 -19.55 -32.79 21.26
C SER H 509 -18.20 -32.62 20.58
N HIS H 510 -17.14 -32.70 21.39
CA HIS H 510 -15.78 -32.53 20.90
C HIS H 510 -15.36 -33.66 19.96
N ASP H 511 -15.93 -34.85 20.09
CA ASP H 511 -15.71 -35.91 19.12
C ASP H 511 -16.42 -35.60 17.80
N LYS H 512 -17.64 -35.08 17.89
CA LYS H 512 -18.43 -34.77 16.70
C LYS H 512 -17.79 -33.64 15.90
N ILE H 513 -17.19 -32.66 16.58
CA ILE H 513 -16.54 -31.54 15.90
C ILE H 513 -15.32 -32.00 15.11
N ILE H 514 -14.46 -32.84 15.72
CA ILE H 514 -13.27 -33.27 15.00
C ILE H 514 -13.63 -34.25 13.88
N GLU H 515 -14.68 -35.07 14.09
CA GLU H 515 -15.15 -35.95 13.01
C GLU H 515 -15.73 -35.14 11.84
N ASN H 516 -16.50 -34.09 12.14
CA ASN H 516 -17.09 -33.29 11.09
C ASN H 516 -16.04 -32.45 10.36
N ILE H 517 -15.05 -31.94 11.08
CA ILE H 517 -13.99 -31.15 10.46
C ILE H 517 -13.12 -32.05 9.59
N GLU H 518 -12.88 -33.30 10.02
CA GLU H 518 -12.16 -34.26 9.19
C GLU H 518 -12.94 -34.60 7.93
N TYR H 519 -14.26 -34.80 8.05
CA TYR H 519 -15.08 -35.10 6.88
C TYR H 519 -15.13 -33.94 5.90
N LEU H 520 -15.27 -32.71 6.41
CA LEU H 520 -15.32 -31.54 5.53
C LEU H 520 -13.95 -31.20 4.95
N PHE H 521 -12.87 -31.58 5.65
CA PHE H 521 -11.54 -31.42 5.09
C PHE H 521 -11.28 -32.40 3.97
N ASN H 522 -11.87 -33.61 4.06
CA ASN H 522 -11.68 -34.59 2.99
C ASN H 522 -12.43 -34.20 1.72
N ILE H 523 -13.55 -33.49 1.84
CA ILE H 523 -14.31 -33.07 0.65
C ILE H 523 -14.02 -31.62 0.33
N LYS H 524 -13.03 -31.04 1.01
CA LYS H 524 -12.48 -29.71 0.78
C LYS H 524 -13.49 -28.58 0.95
N ILE H 525 -14.53 -28.77 1.78
CA ILE H 525 -15.35 -27.63 2.19
C ILE H 525 -14.57 -26.77 3.18
N LEU H 526 -13.97 -27.41 4.19
CA LEU H 526 -13.12 -26.73 5.15
C LEU H 526 -11.68 -26.87 4.67
N SER H 527 -11.20 -25.86 3.97
CA SER H 527 -9.84 -25.87 3.46
C SER H 527 -8.87 -25.34 4.51
N LYS H 528 -7.58 -25.32 4.16
CA LYS H 528 -6.57 -24.77 5.05
C LYS H 528 -6.72 -23.26 5.19
N ASN H 529 -7.13 -22.67 3.95
CA ASN H 529 -7.35 -21.20 3.87
C ASN H 529 -8.51 -20.84 4.80
N ARG H 530 -9.53 -21.60 4.81
CA ARG H 530 -10.76 -21.38 5.59
C ARG H 530 -10.53 -21.56 7.08
N ILE H 531 -9.78 -22.59 7.46
CA ILE H 531 -9.45 -22.83 8.86
C ILE H 531 -8.54 -21.71 9.38
N LYS H 532 -7.62 -21.23 8.55
CA LYS H 532 -6.74 -20.13 8.93
C LYS H 532 -7.51 -18.83 9.14
N GLU H 533 -8.41 -18.49 8.20
CA GLU H 533 -9.20 -17.27 8.32
C GLU H 533 -10.18 -17.34 9.48
N PHE H 534 -10.75 -18.52 9.74
CA PHE H 534 -11.59 -18.71 10.91
C PHE H 534 -10.78 -18.56 12.20
N TRP H 535 -9.51 -18.97 12.17
CA TRP H 535 -8.65 -18.82 13.34
C TRP H 535 -8.31 -17.36 13.60
N GLU H 536 -7.99 -16.59 12.55
CA GLU H 536 -7.75 -15.15 12.74
C GLU H 536 -9.01 -14.41 13.16
N GLU H 537 -10.17 -14.82 12.66
CA GLU H 537 -11.41 -14.18 13.09
C GLU H 537 -11.81 -14.60 14.51
N PHE H 538 -11.44 -15.80 14.91
CA PHE H 538 -11.71 -16.25 16.27
C PHE H 538 -10.76 -15.62 17.27
N CYS H 539 -9.54 -15.28 16.85
CA CYS H 539 -8.60 -14.59 17.72
C CYS H 539 -9.02 -13.15 18.00
N LYS H 540 -9.84 -12.56 17.14
CA LYS H 540 -10.34 -11.20 17.35
C LYS H 540 -11.58 -11.14 18.24
N GLY H 541 -12.08 -12.29 18.69
CA GLY H 541 -13.24 -12.33 19.55
C GLY H 541 -14.28 -13.31 19.03
N GLN H 542 -15.27 -13.57 19.89
CA GLN H 542 -16.34 -14.49 19.53
C GLN H 542 -17.30 -13.84 18.53
N LYS H 543 -17.56 -12.55 18.69
CA LYS H 543 -18.53 -11.86 17.84
C LYS H 543 -18.02 -11.70 16.41
N ALA H 544 -16.72 -11.45 16.25
CA ALA H 544 -16.13 -11.33 14.92
C ALA H 544 -16.15 -12.68 14.19
N ALA H 545 -15.89 -13.77 14.90
CA ALA H 545 -15.97 -15.09 14.29
C ALA H 545 -17.41 -15.47 13.95
N ILE H 546 -18.36 -15.06 14.81
CA ILE H 546 -19.78 -15.27 14.53
C ILE H 546 -20.20 -14.53 13.27
N LYS H 547 -19.76 -13.27 13.12
CA LYS H 547 -20.09 -12.47 11.95
C LYS H 547 -19.42 -13.02 10.69
N TYR H 548 -18.18 -13.50 10.81
CA TYR H 548 -17.48 -14.07 9.66
C TYR H 548 -18.14 -15.36 9.19
N ILE H 549 -18.51 -16.23 10.13
CA ILE H 549 -19.14 -17.50 9.76
C ILE H 549 -20.55 -17.25 9.21
N THR H 550 -21.26 -16.26 9.76
CA THR H 550 -22.57 -15.88 9.21
C THR H 550 -22.44 -15.30 7.80
N GLN H 551 -21.37 -14.53 7.56
CA GLN H 551 -21.09 -14.01 6.22
C GLN H 551 -20.76 -15.12 5.24
N VAL H 552 -19.97 -16.11 5.67
CA VAL H 552 -19.56 -17.20 4.79
C VAL H 552 -20.74 -18.10 4.45
N HIS H 553 -21.56 -18.42 5.45
CA HIS H 553 -22.70 -19.31 5.25
C HIS H 553 -23.87 -18.65 4.52
N ARG H 554 -23.87 -17.32 4.39
CA ARG H 554 -25.06 -16.59 3.95
C ARG H 554 -25.37 -16.87 2.49
N LYS H 555 -26.57 -17.39 2.24
CA LYS H 555 -27.05 -17.62 0.88
C LYS H 555 -27.50 -16.28 0.30
N ASN H 556 -26.83 -15.86 -0.76
CA ASN H 556 -27.17 -14.60 -1.41
C ASN H 556 -28.50 -14.77 -2.15
N PRO H 557 -29.51 -13.93 -1.89
CA PRO H 557 -30.81 -14.12 -2.56
C PRO H 557 -30.79 -13.91 -4.06
N ASN H 558 -29.80 -13.21 -4.60
CA ASN H 558 -29.72 -12.98 -6.04
C ASN H 558 -29.02 -14.13 -6.76
N THR H 559 -27.78 -14.41 -6.41
CA THR H 559 -27.01 -15.46 -7.09
C THR H 559 -27.42 -16.86 -6.63
N GLY H 560 -27.84 -17.01 -5.38
CA GLY H 560 -28.10 -18.34 -4.85
C GLY H 560 -26.87 -19.09 -4.41
N ARG H 561 -25.75 -18.40 -4.20
CA ARG H 561 -24.49 -19.02 -3.85
C ARG H 561 -24.14 -18.74 -2.39
N ARG H 562 -23.40 -19.67 -1.79
CA ARG H 562 -22.76 -19.48 -0.50
C ARG H 562 -21.26 -19.33 -0.71
N ASN H 563 -20.60 -18.76 0.29
CA ASN H 563 -19.16 -18.52 0.19
C ASN H 563 -18.32 -19.74 0.58
N TRP H 564 -18.96 -20.86 0.90
CA TRP H 564 -18.23 -22.10 1.15
C TRP H 564 -17.61 -22.61 -0.14
N ASN H 565 -16.49 -23.31 0.01
CA ASN H 565 -15.91 -24.04 -1.11
C ASN H 565 -16.84 -25.21 -1.44
N PRO H 566 -17.10 -25.47 -2.73
CA PRO H 566 -18.00 -26.57 -3.08
C PRO H 566 -17.38 -27.92 -2.74
N PRO H 567 -18.20 -28.93 -2.46
CA PRO H 567 -17.65 -30.24 -2.08
C PRO H 567 -17.02 -30.95 -3.28
N GLU H 568 -15.94 -31.68 -2.99
CA GLU H 568 -15.30 -32.53 -3.99
C GLU H 568 -15.91 -33.93 -3.87
N GLY H 569 -16.56 -34.38 -4.93
CA GLY H 569 -17.22 -35.67 -4.94
C GLY H 569 -18.61 -35.54 -5.52
N ASP H 570 -19.14 -36.66 -6.01
CA ASP H 570 -20.47 -36.69 -6.62
C ASP H 570 -21.52 -36.63 -5.52
N PHE H 571 -22.16 -35.48 -5.38
CA PHE H 571 -23.17 -35.26 -4.35
C PHE H 571 -24.41 -34.66 -5.00
N THR H 572 -25.57 -34.95 -4.40
CA THR H 572 -26.82 -34.32 -4.79
C THR H 572 -26.94 -32.98 -4.07
N ASP H 573 -27.73 -32.07 -4.63
CA ASP H 573 -27.84 -30.68 -4.19
C ASP H 573 -28.32 -30.55 -2.75
N ASN H 574 -29.31 -31.37 -2.37
CA ASN H 574 -29.81 -31.43 -1.00
C ASN H 574 -28.70 -31.84 -0.02
N GLU H 575 -27.91 -32.85 -0.40
CA GLU H 575 -26.79 -33.25 0.43
C GLU H 575 -25.71 -32.18 0.50
N ILE H 576 -25.54 -31.40 -0.57
CA ILE H 576 -24.60 -30.29 -0.56
C ILE H 576 -25.06 -29.21 0.41
N GLU H 577 -26.37 -28.93 0.45
CA GLU H 577 -26.91 -27.98 1.41
C GLU H 577 -26.80 -28.50 2.84
N LYS H 578 -26.98 -29.82 3.03
CA LYS H 578 -26.75 -30.43 4.34
C LYS H 578 -25.30 -30.32 4.78
N LEU H 579 -24.36 -30.48 3.86
CA LEU H 579 -22.94 -30.33 4.18
C LEU H 579 -22.60 -28.88 4.53
N TYR H 580 -23.23 -27.92 3.84
CA TYR H 580 -23.02 -26.52 4.17
C TYR H 580 -23.55 -26.19 5.56
N GLU H 581 -24.74 -26.70 5.89
CA GLU H 581 -25.27 -26.49 7.23
C GLU H 581 -24.49 -27.24 8.30
N THR H 582 -23.90 -28.39 7.94
CA THR H 582 -23.02 -29.11 8.85
C THR H 582 -21.76 -28.31 9.15
N ALA H 583 -21.17 -27.69 8.12
CA ALA H 583 -20.02 -26.82 8.32
C ALA H 583 -20.37 -25.61 9.17
N TYR H 584 -21.55 -25.03 8.92
CA TYR H 584 -22.03 -23.88 9.70
C TYR H 584 -22.20 -24.25 11.17
N ASN H 585 -22.85 -25.38 11.44
CA ASN H 585 -23.10 -25.80 12.83
C ASN H 585 -21.82 -26.21 13.54
N THR H 586 -20.89 -26.87 12.82
CA THR H 586 -19.64 -27.31 13.41
C THR H 586 -18.76 -26.13 13.79
N LEU H 587 -18.62 -25.14 12.90
CA LEU H 587 -17.79 -23.99 13.24
C LEU H 587 -18.49 -23.07 14.23
N LEU H 588 -19.83 -23.00 14.18
CA LEU H 588 -20.60 -22.26 15.19
C LEU H 588 -20.45 -22.86 16.57
N SER H 589 -20.32 -24.19 16.66
CA SER H 589 -19.99 -24.81 17.95
C SER H 589 -18.52 -24.60 18.31
N LEU H 590 -17.66 -24.45 17.31
CA LEU H 590 -16.25 -24.15 17.60
C LEU H 590 -16.06 -22.76 18.18
N ILE H 591 -16.95 -21.81 17.88
CA ILE H 591 -16.85 -20.50 18.53
C ILE H 591 -17.08 -20.63 20.04
N LYS H 592 -17.93 -21.59 20.47
CA LYS H 592 -18.30 -21.73 21.88
C LYS H 592 -17.13 -22.15 22.77
N TYR H 593 -16.22 -22.99 22.27
CA TYR H 593 -15.08 -23.41 23.07
C TYR H 593 -14.07 -22.29 23.26
N ASP H 594 -13.26 -22.42 24.29
CA ASP H 594 -12.16 -21.49 24.53
C ASP H 594 -11.03 -21.74 23.53
N LYS H 595 -10.12 -20.77 23.47
CA LYS H 595 -9.15 -20.65 22.38
C LYS H 595 -8.17 -21.82 22.32
N ASN H 596 -7.78 -22.34 23.48
CA ASN H 596 -6.76 -23.36 23.57
C ASN H 596 -7.22 -24.72 23.06
N LYS H 597 -8.52 -25.02 23.16
CA LYS H 597 -9.06 -26.23 22.56
C LYS H 597 -9.37 -26.05 21.08
N VAL H 598 -9.72 -24.82 20.67
CA VAL H 598 -10.09 -24.54 19.26
C VAL H 598 -8.82 -24.48 18.41
N TYR H 599 -7.65 -24.42 19.04
CA TYR H 599 -6.37 -24.46 18.29
C TYR H 599 -5.93 -25.93 18.25
N ASN H 600 -6.10 -26.63 19.36
CA ASN H 600 -5.77 -28.05 19.43
C ASN H 600 -6.66 -28.90 18.52
N ILE H 601 -7.86 -28.43 18.21
CA ILE H 601 -8.64 -29.07 17.15
C ILE H 601 -8.07 -28.72 15.78
N LEU H 602 -7.79 -27.43 15.55
CA LEU H 602 -7.41 -26.96 14.22
C LEU H 602 -5.92 -27.10 13.90
N ILE H 603 -5.09 -27.56 14.84
CA ILE H 603 -3.66 -27.71 14.54
C ILE H 603 -3.43 -28.95 13.67
N ASN H 604 -4.33 -29.95 13.76
CA ASN H 604 -4.16 -31.19 13.03
C ASN H 604 -4.44 -30.99 11.54
N PHE H 605 -5.25 -30.00 11.19
CA PHE H 605 -5.72 -29.81 9.83
C PHE H 605 -4.96 -28.71 9.09
N ASN H 606 -4.63 -27.61 9.75
CA ASN H 606 -3.80 -26.56 9.17
C ASN H 606 -2.66 -26.25 10.14
N PRO H 607 -1.52 -26.95 10.01
CA PRO H 607 -0.35 -26.70 10.87
C PRO H 607 0.27 -25.32 10.66
N LYS I 3 13.01 -29.52 -29.55
CA LYS I 3 11.71 -29.06 -29.07
C LYS I 3 11.20 -27.90 -29.92
N THR I 4 9.94 -28.00 -30.34
CA THR I 4 9.31 -26.98 -31.18
C THR I 4 8.22 -26.25 -30.40
N MET I 5 7.77 -25.14 -30.97
CA MET I 5 6.63 -24.36 -30.47
C MET I 5 5.77 -23.97 -31.65
N LYS I 6 4.49 -23.70 -31.36
CA LYS I 6 3.52 -23.41 -32.40
C LYS I 6 3.04 -21.98 -32.29
N LYS I 7 3.09 -21.24 -33.38
CA LYS I 7 2.61 -19.86 -33.43
C LYS I 7 1.40 -19.79 -34.35
N ILE I 8 0.30 -19.27 -33.83
CA ILE I 8 -0.97 -19.20 -34.54
C ILE I 8 -1.33 -17.72 -34.58
N TYR I 9 -0.98 -17.03 -35.66
CA TYR I 9 -1.30 -15.63 -35.83
C TYR I 9 -2.72 -15.52 -36.34
N VAL I 10 -3.63 -15.06 -35.49
CA VAL I 10 -5.03 -14.90 -35.86
C VAL I 10 -5.32 -13.42 -36.05
N THR I 11 -6.20 -13.14 -37.00
CA THR I 11 -6.58 -11.80 -37.39
C THR I 11 -8.10 -11.74 -37.46
N MET I 12 -8.70 -10.93 -36.61
CA MET I 12 -10.15 -10.79 -36.56
C MET I 12 -10.60 -9.60 -37.41
N LYS I 13 -11.58 -9.84 -38.28
CA LYS I 13 -12.32 -8.78 -38.92
C LYS I 13 -13.73 -8.75 -38.34
N THR I 14 -14.16 -7.59 -37.88
CA THR I 14 -15.45 -7.43 -37.25
C THR I 14 -16.53 -7.22 -38.33
N LEU I 15 -17.58 -8.03 -38.28
CA LEU I 15 -18.65 -7.97 -39.28
C LEU I 15 -19.95 -7.38 -38.76
N SER I 16 -20.28 -7.61 -37.50
CA SER I 16 -21.37 -7.01 -36.74
C SER I 16 -20.76 -6.31 -35.54
N PRO I 17 -21.33 -5.18 -35.08
CA PRO I 17 -20.64 -4.30 -34.12
C PRO I 17 -20.27 -4.99 -32.81
N LEU I 18 -19.08 -4.68 -32.31
CA LEU I 18 -18.48 -5.44 -31.22
C LEU I 18 -18.55 -4.63 -29.94
N TYR I 19 -18.93 -5.29 -28.84
CA TYR I 19 -18.94 -4.62 -27.51
C TYR I 19 -18.33 -5.49 -26.42
N THR I 20 -17.17 -5.14 -25.89
CA THR I 20 -16.58 -5.85 -24.72
C THR I 20 -16.49 -4.78 -23.64
N GLY I 21 -17.08 -5.01 -22.46
CA GLY I 21 -17.16 -3.94 -21.50
C GLY I 21 -15.83 -3.64 -20.82
N GLU I 22 -15.66 -2.38 -20.45
CA GLU I 22 -14.44 -1.97 -19.76
C GLU I 22 -14.45 -2.52 -18.35
N VAL I 23 -13.31 -3.09 -17.94
CA VAL I 23 -13.24 -3.81 -16.68
C VAL I 23 -12.59 -2.94 -15.61
N ARG I 24 -11.78 -1.97 -16.04
CA ARG I 24 -11.02 -1.16 -15.10
C ARG I 24 -11.95 -0.18 -14.40
N ARG I 25 -11.94 -0.22 -13.07
CA ARG I 25 -12.93 0.50 -12.27
C ARG I 25 -12.74 2.01 -12.38
N GLU I 26 -11.49 2.45 -12.50
CA GLU I 26 -11.20 3.89 -12.67
C GLU I 26 -11.71 4.35 -14.03
N ASP I 27 -11.37 3.63 -15.10
CA ASP I 27 -11.80 4.01 -16.47
C ASP I 27 -13.31 3.86 -16.58
N LYS I 28 -13.90 2.97 -15.79
CA LYS I 28 -15.36 2.86 -15.80
C LYS I 28 -15.98 4.10 -15.17
N GLU I 29 -15.65 4.40 -13.91
CA GLU I 29 -16.24 5.56 -13.24
C GLU I 29 -15.81 6.89 -13.83
N ALA I 30 -14.70 6.94 -14.57
CA ALA I 30 -14.42 8.13 -15.37
C ALA I 30 -15.31 8.19 -16.59
N ALA I 31 -15.69 7.04 -17.13
CA ALA I 31 -16.49 7.01 -18.36
C ALA I 31 -17.98 6.80 -18.14
N GLN I 32 -18.45 6.55 -16.91
CA GLN I 32 -19.87 6.38 -16.66
C GLN I 32 -20.62 7.70 -16.46
N LYS I 33 -20.03 8.83 -16.82
CA LYS I 33 -20.78 10.07 -16.93
C LYS I 33 -21.07 10.46 -18.36
N ARG I 34 -20.44 9.82 -19.34
CA ARG I 34 -20.69 10.07 -20.75
C ARG I 34 -21.37 8.88 -21.44
N VAL I 35 -20.91 7.66 -21.17
CA VAL I 35 -21.51 6.45 -21.72
C VAL I 35 -21.91 5.53 -20.58
N ASN I 36 -23.06 4.88 -20.71
CA ASN I 36 -23.48 3.91 -19.71
C ASN I 36 -22.77 2.57 -19.89
N PHE I 37 -22.21 2.29 -21.06
CA PHE I 37 -21.53 1.03 -21.32
C PHE I 37 -20.20 1.31 -22.03
N PRO I 38 -19.14 1.54 -21.28
CA PRO I 38 -17.82 1.74 -21.90
C PRO I 38 -17.29 0.44 -22.51
N VAL I 39 -16.49 0.60 -23.54
CA VAL I 39 -15.86 -0.54 -24.21
C VAL I 39 -14.46 -0.70 -23.63
N ARG I 40 -13.92 -1.93 -23.71
CA ARG I 40 -12.63 -2.23 -23.11
C ARG I 40 -11.51 -1.60 -23.91
N LYS I 41 -10.69 -0.79 -23.25
CA LYS I 41 -9.74 0.09 -23.92
C LYS I 41 -8.41 0.05 -23.19
N THR I 42 -7.33 0.14 -23.96
CA THR I 42 -6.00 0.25 -23.39
C THR I 42 -5.73 1.68 -22.94
N ALA I 43 -4.64 1.84 -22.18
CA ALA I 43 -4.14 3.17 -21.88
C ALA I 43 -3.47 3.81 -23.09
N THR I 44 -3.08 3.01 -24.08
CA THR I 44 -2.55 3.50 -25.34
C THR I 44 -3.64 3.68 -26.39
N ASN I 45 -4.91 3.69 -25.96
CA ASN I 45 -6.09 3.93 -26.79
C ASN I 45 -6.23 2.90 -27.91
N LYS I 46 -6.06 1.63 -27.57
CA LYS I 46 -6.41 0.52 -28.44
C LYS I 46 -7.56 -0.23 -27.78
N VAL I 47 -8.08 -1.25 -28.46
CA VAL I 47 -9.27 -1.98 -27.99
C VAL I 47 -8.84 -3.36 -27.55
N LEU I 48 -9.27 -3.77 -26.36
CA LEU I 48 -8.89 -5.02 -25.72
C LEU I 48 -10.06 -6.00 -25.73
N ILE I 49 -9.82 -7.22 -26.18
CA ILE I 49 -10.79 -8.31 -26.05
C ILE I 49 -10.13 -9.49 -25.36
N PRO I 50 -10.74 -10.06 -24.32
CA PRO I 50 -10.25 -11.35 -23.82
C PRO I 50 -10.48 -12.46 -24.83
N PHE I 51 -9.54 -13.41 -24.87
CA PHE I 51 -9.52 -14.40 -25.93
C PHE I 51 -9.39 -15.81 -25.40
N LYS I 52 -8.73 -15.97 -24.25
CA LYS I 52 -8.51 -17.30 -23.70
C LYS I 52 -9.81 -17.91 -23.18
N GLY I 53 -10.63 -17.11 -22.50
CA GLY I 53 -11.87 -17.62 -21.95
C GLY I 53 -12.88 -18.02 -23.00
N ALA I 54 -12.98 -17.24 -24.09
CA ALA I 54 -13.90 -17.57 -25.16
C ALA I 54 -13.47 -18.82 -25.92
N LEU I 55 -12.16 -18.96 -26.14
CA LEU I 55 -11.62 -20.15 -26.79
C LEU I 55 -11.85 -21.40 -25.95
N ARG I 56 -11.58 -21.29 -24.64
CA ARG I 56 -11.80 -22.41 -23.72
C ARG I 56 -13.27 -22.75 -23.60
N SER I 57 -14.14 -21.74 -23.59
CA SER I 57 -15.58 -21.99 -23.52
C SER I 57 -16.09 -22.67 -24.79
N ALA I 58 -15.61 -22.25 -25.95
CA ALA I 58 -16.00 -22.87 -27.21
C ALA I 58 -15.58 -24.33 -27.26
N LEU I 59 -14.32 -24.61 -26.89
CA LEU I 59 -13.84 -25.99 -26.91
C LEU I 59 -14.51 -26.84 -25.84
N GLU I 60 -14.83 -26.26 -24.68
CA GLU I 60 -15.49 -27.01 -23.62
C GLU I 60 -16.91 -27.38 -24.00
N ILE I 61 -17.67 -26.44 -24.59
CA ILE I 61 -19.03 -26.72 -25.03
C ILE I 61 -19.04 -27.77 -26.14
N MET I 62 -18.14 -27.63 -27.11
CA MET I 62 -18.13 -28.56 -28.24
C MET I 62 -17.64 -29.95 -27.85
N LEU I 63 -16.61 -30.03 -27.00
CA LEU I 63 -16.11 -31.34 -26.59
C LEU I 63 -17.02 -32.01 -25.58
N LYS I 64 -17.78 -31.23 -24.81
CA LYS I 64 -18.82 -31.81 -23.98
C LYS I 64 -19.96 -32.35 -24.83
N ALA I 65 -20.28 -31.66 -25.93
CA ALA I 65 -21.31 -32.15 -26.84
C ALA I 65 -20.85 -33.38 -27.62
N LYS I 66 -19.54 -33.49 -27.90
CA LYS I 66 -19.04 -34.64 -28.65
C LYS I 66 -19.07 -35.93 -27.83
N GLY I 67 -18.97 -35.84 -26.51
CA GLY I 67 -18.93 -37.02 -25.68
C GLY I 67 -17.53 -37.35 -25.22
N GLU I 68 -16.75 -36.33 -24.93
CA GLU I 68 -15.41 -36.48 -24.37
C GLU I 68 -15.46 -36.19 -22.87
N ASN I 69 -14.39 -36.57 -22.19
CA ASN I 69 -14.35 -36.50 -20.72
C ASN I 69 -13.74 -35.18 -20.25
N VAL I 70 -14.31 -34.08 -20.75
CA VAL I 70 -13.78 -32.75 -20.45
C VAL I 70 -14.50 -32.15 -19.25
N CYS I 71 -13.76 -31.38 -18.47
CA CYS I 71 -14.31 -30.70 -17.32
C CYS I 71 -15.02 -29.41 -17.73
N ASP I 72 -15.97 -28.99 -16.90
CA ASP I 72 -16.69 -27.74 -17.09
C ASP I 72 -16.12 -26.76 -16.07
N THR I 73 -15.29 -25.83 -16.54
CA THR I 73 -14.73 -24.79 -15.70
C THR I 73 -15.60 -23.54 -15.64
N GLY I 74 -16.77 -23.55 -16.29
CA GLY I 74 -17.68 -22.43 -16.20
C GLY I 74 -18.55 -22.43 -14.97
N GLU I 75 -18.77 -23.60 -14.37
CA GLU I 75 -19.51 -23.72 -13.12
C GLU I 75 -18.76 -22.99 -12.02
N SER I 76 -19.51 -22.49 -11.03
CA SER I 76 -18.95 -21.62 -10.00
C SER I 76 -17.98 -22.40 -9.11
N ARG I 77 -16.75 -21.86 -8.98
CA ARG I 77 -15.65 -22.44 -8.21
C ARG I 77 -15.31 -23.86 -8.66
N ALA I 78 -15.38 -24.09 -9.97
CA ALA I 78 -15.12 -25.42 -10.51
C ALA I 78 -13.61 -25.67 -10.58
N ARG I 79 -13.21 -26.84 -10.11
CA ARG I 79 -11.81 -27.24 -10.19
C ARG I 79 -11.58 -28.00 -11.49
N PRO I 80 -10.66 -27.56 -12.35
CA PRO I 80 -10.34 -28.32 -13.55
C PRO I 80 -9.69 -29.65 -13.22
N CYS I 81 -9.95 -30.65 -14.06
CA CYS I 81 -9.55 -32.03 -13.75
C CYS I 81 -8.06 -32.26 -13.95
N GLY I 82 -7.45 -31.62 -14.94
CA GLY I 82 -6.05 -31.86 -15.22
C GLY I 82 -5.78 -33.06 -16.09
N ARG I 83 -6.82 -33.73 -16.58
CA ARG I 83 -6.68 -34.92 -17.39
C ARG I 83 -7.24 -34.77 -18.81
N CYS I 84 -8.10 -33.79 -19.04
CA CYS I 84 -8.79 -33.66 -20.32
C CYS I 84 -7.94 -32.91 -21.32
N VAL I 85 -8.48 -32.75 -22.52
CA VAL I 85 -7.79 -32.04 -23.59
C VAL I 85 -7.73 -30.54 -23.29
N THR I 86 -8.81 -30.00 -22.75
CA THR I 86 -8.89 -28.57 -22.46
C THR I 86 -7.96 -28.16 -21.32
N CYS I 87 -7.77 -29.05 -20.34
CA CYS I 87 -6.79 -28.80 -19.28
C CYS I 87 -5.36 -28.87 -19.81
N SER I 88 -5.12 -29.72 -20.81
CA SER I 88 -3.80 -29.77 -21.43
C SER I 88 -3.54 -28.51 -22.25
N LEU I 89 -4.58 -27.99 -22.90
CA LEU I 89 -4.39 -26.84 -23.77
C LEU I 89 -4.39 -25.53 -22.98
N PHE I 90 -5.43 -25.30 -22.17
CA PHE I 90 -5.61 -23.99 -21.57
C PHE I 90 -5.23 -23.91 -20.10
N GLY I 91 -5.25 -25.00 -19.37
CA GLY I 91 -4.68 -25.01 -18.03
C GLY I 91 -5.51 -25.77 -17.02
N SER I 92 -4.81 -26.17 -15.96
CA SER I 92 -5.48 -26.90 -14.85
C SER I 92 -4.92 -26.31 -13.57
N MET I 93 -5.25 -26.89 -12.43
CA MET I 93 -4.79 -26.27 -11.18
C MET I 93 -3.38 -26.77 -10.88
N GLY I 94 -3.03 -27.99 -11.33
CA GLY I 94 -1.64 -28.31 -11.15
C GLY I 94 -0.73 -27.79 -12.24
N ARG I 95 -1.09 -28.03 -13.50
CA ARG I 95 -0.26 -27.67 -14.63
C ARG I 95 -0.79 -26.43 -15.31
N ALA I 96 0.11 -25.57 -15.75
CA ALA I 96 -0.29 -24.43 -16.57
C ALA I 96 -0.60 -24.91 -17.99
N GLY I 97 -1.32 -24.07 -18.73
CA GLY I 97 -1.71 -24.44 -20.08
C GLY I 97 -0.59 -24.21 -21.07
N ARG I 98 -0.55 -25.08 -22.09
CA ARG I 98 0.46 -24.94 -23.13
C ARG I 98 0.16 -23.79 -24.06
N ALA I 99 -1.11 -23.50 -24.32
CA ALA I 99 -1.50 -22.46 -25.27
C ALA I 99 -1.63 -21.14 -24.53
N SER I 100 -0.60 -20.31 -24.64
CA SER I 100 -0.65 -18.95 -24.10
C SER I 100 -1.35 -18.05 -25.12
N VAL I 101 -2.54 -17.55 -24.75
CA VAL I 101 -3.43 -16.87 -25.67
C VAL I 101 -3.45 -15.39 -25.33
N ASP I 102 -3.14 -14.54 -26.31
CA ASP I 102 -3.02 -13.12 -26.06
C ASP I 102 -4.34 -12.39 -26.21
N PHE I 103 -4.40 -11.19 -25.63
CA PHE I 103 -5.51 -10.28 -25.84
C PHE I 103 -5.58 -9.86 -27.29
N LEU I 104 -6.77 -9.50 -27.73
CA LEU I 104 -6.97 -9.14 -29.13
C LEU I 104 -6.75 -7.64 -29.26
N ILE I 105 -5.50 -7.26 -29.53
CA ILE I 105 -5.13 -5.87 -29.69
C ILE I 105 -5.61 -5.41 -31.07
N SER I 106 -6.40 -4.33 -31.09
CA SER I 106 -6.85 -3.77 -32.35
C SER I 106 -5.71 -3.09 -33.07
N ASN I 107 -5.80 -3.06 -34.40
CA ASN I 107 -4.79 -2.39 -35.20
C ASN I 107 -5.00 -0.88 -35.28
N ASP I 108 -6.15 -0.41 -34.79
CA ASP I 108 -6.48 1.03 -34.92
C ASP I 108 -6.80 1.64 -33.56
N THR I 109 -6.82 2.98 -33.48
CA THR I 109 -7.06 3.69 -32.20
C THR I 109 -8.56 3.77 -31.93
N LYS I 110 -8.94 4.07 -30.70
CA LYS I 110 -10.37 4.16 -30.34
C LYS I 110 -11.11 5.13 -31.26
N GLU I 111 -10.53 6.27 -31.63
CA GLU I 111 -11.28 7.29 -32.39
C GLU I 111 -11.50 6.84 -33.83
N GLN I 112 -10.90 5.73 -34.23
CA GLN I 112 -10.99 5.29 -35.64
C GLN I 112 -11.93 4.08 -35.73
N ILE I 113 -12.15 3.37 -34.61
CA ILE I 113 -12.96 2.12 -34.67
C ILE I 113 -14.05 2.12 -33.61
N VAL I 114 -14.05 3.07 -32.68
CA VAL I 114 -14.98 3.03 -31.58
C VAL I 114 -15.90 4.24 -31.67
N ARG I 115 -17.21 3.98 -31.74
CA ARG I 115 -18.21 5.03 -31.69
C ARG I 115 -19.11 4.84 -30.48
N GLU I 116 -20.02 5.81 -30.32
CA GLU I 116 -20.88 5.92 -29.15
C GLU I 116 -22.32 5.84 -29.64
N SER I 117 -22.95 4.69 -29.44
CA SER I 117 -24.31 4.45 -29.89
C SER I 117 -25.30 4.67 -28.75
N THR I 118 -26.54 4.95 -29.12
CA THR I 118 -27.63 5.07 -28.16
C THR I 118 -28.65 3.97 -28.40
N HIS I 119 -28.92 3.19 -27.37
CA HIS I 119 -29.88 2.11 -27.43
C HIS I 119 -31.10 2.47 -26.60
N LEU I 120 -32.20 1.77 -26.86
CA LEU I 120 -33.50 2.12 -26.31
C LEU I 120 -34.11 0.93 -25.57
N ARG I 121 -35.20 1.21 -24.88
CA ARG I 121 -36.11 0.20 -24.34
C ARG I 121 -37.51 0.75 -24.49
N ILE I 122 -38.33 0.06 -25.27
CA ILE I 122 -39.63 0.55 -25.73
C ILE I 122 -40.74 -0.27 -25.08
N GLU I 123 -41.75 0.43 -24.57
CA GLU I 123 -42.92 -0.23 -24.01
C GLU I 123 -43.70 -0.97 -25.09
N ARG I 124 -44.22 -2.14 -24.74
CA ARG I 124 -44.85 -3.01 -25.71
C ARG I 124 -46.26 -2.54 -26.06
N GLN I 125 -46.95 -1.90 -25.12
CA GLN I 125 -48.30 -1.38 -25.34
C GLN I 125 -48.27 0.03 -25.90
N THR I 126 -47.42 0.90 -25.35
CA THR I 126 -47.34 2.30 -25.72
C THR I 126 -46.57 2.55 -27.01
N LYS I 127 -45.64 1.65 -27.36
CA LYS I 127 -44.71 1.81 -28.49
C LYS I 127 -43.93 3.12 -28.40
N SER I 128 -43.51 3.50 -27.20
CA SER I 128 -42.77 4.71 -26.94
C SER I 128 -41.47 4.36 -26.22
N ALA I 129 -40.43 5.15 -26.49
CA ALA I 129 -39.09 4.90 -25.95
C ALA I 129 -39.09 5.20 -24.46
N SER I 130 -39.17 4.14 -23.65
CA SER I 130 -39.22 4.32 -22.21
C SER I 130 -37.85 4.64 -21.64
N ASP I 131 -36.88 3.76 -21.89
CA ASP I 131 -35.52 3.94 -21.38
C ASP I 131 -34.57 4.24 -22.54
N THR I 132 -33.53 5.01 -22.24
CA THR I 132 -32.49 5.34 -23.22
C THR I 132 -31.15 5.18 -22.53
N PHE I 133 -30.15 4.68 -23.26
CA PHE I 133 -28.80 4.60 -22.73
C PHE I 133 -27.81 4.69 -23.88
N LYS I 134 -26.55 4.93 -23.53
CA LYS I 134 -25.48 5.06 -24.50
C LYS I 134 -24.37 4.08 -24.17
N GLY I 135 -23.84 3.44 -25.20
CA GLY I 135 -22.73 2.51 -25.03
C GLY I 135 -21.75 2.64 -26.15
N GLU I 136 -20.47 2.42 -25.82
CA GLU I 136 -19.43 2.41 -26.83
C GLU I 136 -19.40 1.07 -27.55
N GLU I 137 -19.23 1.11 -28.86
CA GLU I 137 -19.15 -0.10 -29.65
C GLU I 137 -18.06 0.03 -30.71
N VAL I 138 -17.54 -1.10 -31.13
CA VAL I 138 -16.49 -1.17 -32.14
C VAL I 138 -17.15 -1.36 -33.49
N ILE I 139 -16.76 -0.55 -34.48
CA ILE I 139 -17.37 -0.59 -35.80
C ILE I 139 -16.96 -1.84 -36.56
N GLU I 140 -17.62 -2.08 -37.69
CA GLU I 140 -17.40 -3.25 -38.51
C GLU I 140 -16.31 -2.97 -39.54
N GLY I 141 -15.49 -3.99 -39.80
CA GLY I 141 -14.27 -3.81 -40.56
C GLY I 141 -13.05 -3.52 -39.72
N ALA I 142 -13.21 -3.36 -38.41
CA ALA I 142 -12.07 -3.18 -37.52
C ALA I 142 -11.27 -4.47 -37.43
N THR I 143 -9.95 -4.33 -37.35
CA THR I 143 -9.04 -5.47 -37.41
C THR I 143 -8.34 -5.64 -36.08
N PHE I 144 -8.45 -6.84 -35.50
CA PHE I 144 -7.80 -7.21 -34.26
C PHE I 144 -6.79 -8.30 -34.55
N THR I 145 -5.80 -8.48 -33.68
CA THR I 145 -4.80 -9.51 -33.92
C THR I 145 -4.43 -10.20 -32.60
N ALA I 146 -3.95 -11.44 -32.73
CA ALA I 146 -3.42 -12.19 -31.60
C ALA I 146 -2.43 -13.22 -32.11
N THR I 147 -1.54 -13.66 -31.23
CA THR I 147 -0.44 -14.56 -31.62
C THR I 147 -0.41 -15.75 -30.67
N ILE I 148 -1.31 -16.71 -30.87
CA ILE I 148 -1.52 -17.81 -29.92
C ILE I 148 -0.30 -18.72 -29.93
N THR I 149 0.33 -18.86 -28.78
CA THR I 149 1.62 -19.53 -28.65
C THR I 149 1.43 -20.83 -27.86
N ILE I 150 1.79 -21.95 -28.48
CA ILE I 150 1.68 -23.26 -27.86
C ILE I 150 3.09 -23.78 -27.57
N SER I 151 3.35 -24.08 -26.31
CA SER I 151 4.71 -24.36 -25.85
C SER I 151 5.13 -25.79 -26.16
N ASN I 152 4.31 -26.77 -25.78
CA ASN I 152 4.58 -28.18 -26.06
C ASN I 152 3.46 -28.65 -26.98
N PRO I 153 3.65 -28.56 -28.29
CA PRO I 153 2.54 -28.84 -29.22
C PRO I 153 2.40 -30.32 -29.52
N GLN I 154 1.15 -30.73 -29.72
CA GLN I 154 0.82 -32.01 -30.33
C GLN I 154 0.23 -31.75 -31.71
N GLU I 155 -0.25 -32.81 -32.36
CA GLU I 155 -0.75 -32.68 -33.72
C GLU I 155 -2.14 -32.05 -33.77
N LYS I 156 -2.97 -32.26 -32.75
CA LYS I 156 -4.37 -31.87 -32.82
C LYS I 156 -4.67 -30.48 -32.28
N ASP I 157 -3.67 -29.75 -31.76
CA ASP I 157 -3.95 -28.51 -31.05
C ASP I 157 -4.37 -27.39 -32.00
N LEU I 158 -3.74 -27.32 -33.18
CA LEU I 158 -4.11 -26.32 -34.18
C LEU I 158 -5.52 -26.57 -34.71
N SER I 159 -5.89 -27.85 -34.88
CA SER I 159 -7.25 -28.19 -35.30
C SER I 159 -8.28 -27.81 -34.25
N LEU I 160 -7.95 -28.00 -32.97
CA LEU I 160 -8.86 -27.60 -31.90
C LEU I 160 -8.98 -26.08 -31.82
N ILE I 161 -7.88 -25.36 -32.05
CA ILE I 161 -7.94 -23.89 -32.05
C ILE I 161 -8.77 -23.39 -33.22
N GLN I 162 -8.65 -24.01 -34.40
CA GLN I 162 -9.46 -23.62 -35.54
C GLN I 162 -10.93 -23.96 -35.36
N SER I 163 -11.22 -25.09 -34.70
CA SER I 163 -12.60 -25.44 -34.38
C SER I 163 -13.21 -24.47 -33.38
N ALA I 164 -12.44 -24.07 -32.37
CA ALA I 164 -12.90 -23.07 -31.43
C ALA I 164 -13.12 -21.72 -32.09
N LEU I 165 -12.25 -21.35 -33.04
CA LEU I 165 -12.42 -20.10 -33.78
C LEU I 165 -13.66 -20.13 -34.66
N LYS I 166 -13.96 -21.29 -35.26
CA LYS I 166 -15.20 -21.43 -36.02
C LYS I 166 -16.42 -21.36 -35.11
N PHE I 167 -16.31 -21.85 -33.87
CA PHE I 167 -17.41 -21.67 -32.92
C PHE I 167 -17.56 -20.22 -32.47
N ILE I 168 -16.46 -19.46 -32.38
CA ILE I 168 -16.57 -18.03 -32.06
C ILE I 168 -17.21 -17.28 -33.23
N GLU I 169 -16.87 -17.65 -34.47
CA GLU I 169 -17.55 -17.08 -35.63
C GLU I 169 -19.04 -17.46 -35.68
N GLU I 170 -19.38 -18.65 -35.17
CA GLU I 170 -20.78 -19.04 -35.03
C GLU I 170 -21.50 -18.19 -33.99
N ASN I 171 -20.94 -18.08 -32.79
CA ASN I 171 -21.63 -17.49 -31.65
C ASN I 171 -21.29 -16.01 -31.48
N GLY I 172 -20.01 -15.69 -31.27
CA GLY I 172 -19.63 -14.31 -31.05
C GLY I 172 -18.63 -14.13 -29.93
N ILE I 173 -17.92 -13.00 -29.94
CA ILE I 173 -16.97 -12.68 -28.89
C ILE I 173 -17.42 -11.38 -28.23
N GLY I 174 -16.96 -11.18 -27.00
CA GLY I 174 -17.40 -10.03 -26.24
C GLY I 174 -18.78 -10.23 -25.64
N GLY I 175 -19.49 -9.13 -25.41
CA GLY I 175 -20.79 -9.15 -24.81
C GLY I 175 -21.89 -8.82 -25.81
N TRP I 176 -23.12 -8.83 -25.28
CA TRP I 176 -24.37 -8.54 -26.01
C TRP I 176 -24.55 -9.47 -27.21
N LEU I 177 -24.20 -10.74 -27.03
CA LEU I 177 -24.16 -11.68 -28.15
C LEU I 177 -25.57 -12.04 -28.64
N ASN I 178 -26.56 -12.03 -27.76
CA ASN I 178 -27.91 -12.40 -28.17
C ASN I 178 -28.57 -11.30 -28.99
N LYS I 179 -28.15 -10.05 -28.81
CA LYS I 179 -28.72 -8.96 -29.61
C LYS I 179 -28.09 -8.87 -30.98
N GLY I 180 -27.06 -9.65 -31.27
CA GLY I 180 -26.39 -9.63 -32.56
C GLY I 180 -25.00 -9.05 -32.56
N TYR I 181 -24.47 -8.70 -31.40
CA TYR I 181 -23.14 -8.10 -31.34
C TYR I 181 -22.06 -9.16 -31.39
N GLY I 182 -20.93 -8.82 -31.99
CA GLY I 182 -19.76 -9.67 -31.94
C GLY I 182 -19.67 -10.74 -32.99
N ARG I 183 -20.45 -10.66 -34.06
CA ARG I 183 -20.36 -11.65 -35.15
C ARG I 183 -19.16 -11.28 -36.01
N VAL I 184 -18.09 -12.08 -35.92
CA VAL I 184 -16.78 -11.73 -36.46
C VAL I 184 -16.28 -12.85 -37.37
N SER I 185 -15.14 -12.59 -38.00
CA SER I 185 -14.47 -13.56 -38.87
C SER I 185 -12.99 -13.61 -38.51
N PHE I 186 -12.40 -14.79 -38.68
CA PHE I 186 -11.01 -15.02 -38.30
C PHE I 186 -10.19 -15.51 -39.49
N GLU I 187 -8.96 -15.02 -39.57
CA GLU I 187 -7.96 -15.52 -40.52
C GLU I 187 -6.78 -16.06 -39.73
N VAL I 188 -6.31 -17.25 -40.10
CA VAL I 188 -5.33 -18.00 -39.33
C VAL I 188 -4.09 -18.21 -40.18
N LYS I 189 -2.93 -17.85 -39.63
CA LYS I 189 -1.64 -18.21 -40.19
C LYS I 189 -0.86 -18.99 -39.15
N SER I 190 -0.60 -20.26 -39.42
CA SER I 190 0.05 -21.15 -38.47
C SER I 190 1.47 -21.45 -38.92
N GLU I 191 2.37 -21.59 -37.94
CA GLU I 191 3.79 -21.96 -38.26
C GLU I 191 4.43 -22.61 -37.03
N ASP I 192 5.30 -23.60 -37.22
CA ASP I 192 6.04 -24.20 -36.08
C ASP I 192 7.40 -23.52 -35.99
N VAL I 193 7.79 -23.05 -34.80
CA VAL I 193 9.05 -22.27 -34.70
C VAL I 193 9.95 -22.94 -33.67
N ALA I 194 11.25 -23.06 -33.94
CA ALA I 194 12.13 -23.58 -32.90
C ALA I 194 12.16 -22.59 -31.75
N THR I 195 12.15 -23.12 -30.53
CA THR I 195 12.20 -22.26 -29.35
C THR I 195 13.61 -21.80 -28.98
N ASP I 196 14.61 -22.20 -29.76
CA ASP I 196 15.97 -21.68 -29.64
C ASP I 196 16.31 -20.66 -30.72
N ARG I 197 15.30 -20.07 -31.36
CA ARG I 197 15.54 -19.28 -32.56
C ARG I 197 15.98 -17.85 -32.28
N PHE I 198 15.85 -17.35 -31.05
CA PHE I 198 16.41 -16.05 -30.73
C PHE I 198 17.86 -16.13 -30.27
N LEU I 199 18.41 -17.33 -30.14
CA LEU I 199 19.78 -17.51 -29.71
C LEU I 199 20.74 -17.16 -30.84
N LYS I 200 21.71 -16.32 -30.56
CA LYS I 200 22.68 -15.90 -31.57
C LYS I 200 24.11 -16.03 -31.04
N MET J 1 14.36 27.43 20.98
CA MET J 1 13.16 27.45 21.80
C MET J 1 13.47 27.95 23.21
N ILE J 2 12.43 28.33 23.94
CA ILE J 2 12.57 28.93 25.26
C ILE J 2 12.03 27.97 26.32
N LYS J 3 12.83 27.72 27.34
CA LYS J 3 12.45 26.86 28.46
C LYS J 3 12.33 27.70 29.71
N PHE J 4 11.20 27.58 30.41
CA PHE J 4 10.97 28.33 31.64
C PHE J 4 11.21 27.46 32.86
N PHE J 16 15.42 32.89 31.59
CA PHE J 16 14.87 32.11 30.47
C PHE J 16 16.01 31.63 29.59
N LEU J 17 16.06 30.32 29.34
CA LEU J 17 17.09 29.75 28.47
C LEU J 17 16.54 29.67 27.06
N LEU J 18 17.22 30.32 26.11
CA LEU J 18 16.80 30.37 24.72
C LEU J 18 17.98 29.92 23.85
N GLU J 19 18.01 28.63 23.56
CA GLU J 19 19.07 28.06 22.73
C GLU J 19 18.97 28.56 21.30
N THR J 20 20.11 29.02 20.77
CA THR J 20 20.28 29.62 19.44
C THR J 20 19.33 30.80 19.19
N ALA J 23 25.18 27.41 22.03
CA ALA J 23 24.63 28.73 22.30
C ALA J 23 24.07 28.81 23.72
N LYS J 24 22.76 28.52 23.83
CA LYS J 24 22.02 28.46 25.10
C LYS J 24 22.09 29.78 25.88
N ILE J 25 21.72 30.87 25.22
CA ILE J 25 21.77 32.19 25.84
C ILE J 25 20.68 32.30 26.90
N LEU J 26 21.07 32.74 28.10
CA LEU J 26 20.15 32.94 29.20
C LEU J 26 19.80 34.41 29.27
N ILE J 27 18.51 34.72 29.35
CA ILE J 27 18.02 36.08 29.55
C ILE J 27 17.51 36.16 30.98
N ASP J 28 18.24 36.88 31.83
CA ASP J 28 17.99 37.02 33.27
C ASP J 28 17.87 35.68 33.99
N ILE J 52 20.35 25.11 34.36
CA ILE J 52 20.96 26.06 33.43
C ILE J 52 22.45 25.78 33.33
N GLY J 53 23.04 26.18 32.21
CA GLY J 53 24.47 26.01 32.00
C GLY J 53 24.83 26.35 30.58
N LYS J 54 26.14 26.64 30.39
CA LYS J 54 26.75 27.01 29.11
C LYS J 54 26.06 28.22 28.49
N ALA J 55 26.12 29.36 29.15
CA ALA J 55 25.19 30.44 28.82
C ALA J 55 25.96 31.75 28.69
N ASP J 56 25.30 32.71 28.04
CA ASP J 56 25.71 34.11 28.00
C ASP J 56 24.59 34.93 28.63
N ILE J 57 24.69 35.18 29.94
CA ILE J 57 23.56 35.72 30.67
C ILE J 57 23.43 37.23 30.40
N CYS J 58 22.19 37.68 30.29
CA CYS J 58 21.83 39.09 30.08
C CYS J 58 20.82 39.45 31.15
N ILE J 59 21.30 40.07 32.23
CA ILE J 59 20.44 40.40 33.35
C ILE J 59 19.49 41.55 32.99
N LEU J 60 18.37 41.61 33.70
CA LEU J 60 17.36 42.63 33.47
C LEU J 60 17.10 43.37 34.78
N THR J 61 16.09 44.24 34.78
CA THR J 61 15.79 45.12 35.92
C THR J 61 14.30 45.26 36.16
N HIS J 62 13.94 46.32 36.90
CA HIS J 62 12.58 46.79 37.18
C HIS J 62 11.78 45.79 38.01
N VAL J 80 27.84 30.21 33.36
CA VAL J 80 27.86 31.25 32.35
C VAL J 80 29.28 31.44 31.84
N ASN J 81 29.40 32.03 30.65
CA ASN J 81 30.70 32.35 30.08
C ASN J 81 30.92 33.85 29.87
N LYS J 82 29.86 34.65 29.82
CA LYS J 82 29.98 36.09 29.62
C LYS J 82 28.70 36.75 30.09
N ILE J 83 28.81 37.92 30.71
CA ILE J 83 27.67 38.68 31.19
C ILE J 83 27.57 39.97 30.38
N ILE J 84 26.44 40.15 29.70
CA ILE J 84 26.23 41.30 28.80
C ILE J 84 25.15 42.18 29.40
N SER J 85 25.50 43.43 29.71
CA SER J 85 24.55 44.41 30.24
C SER J 85 25.09 45.82 30.06
N THR J 86 24.21 46.79 30.28
CA THR J 86 24.61 48.20 30.33
C THR J 86 25.23 48.52 31.69
N GLU J 127 30.26 45.70 28.45
CA GLU J 127 29.27 46.77 28.51
C GLU J 127 28.76 47.08 27.11
N ILE J 128 27.46 47.33 27.00
CA ILE J 128 26.85 47.88 25.79
C ILE J 128 25.58 48.63 26.20
N ASP J 129 25.42 49.86 25.71
CA ASP J 129 24.29 50.69 26.07
C ASP J 129 23.14 50.40 25.08
N ASP J 130 22.04 51.15 25.20
CA ASP J 130 20.93 51.00 24.28
C ASP J 130 21.29 51.57 22.90
N ARG J 131 20.56 51.10 21.88
CA ARG J 131 20.76 51.59 20.49
C ARG J 131 22.01 50.97 19.84
N ASN J 132 22.76 50.15 20.58
CA ASN J 132 23.96 49.52 20.06
C ASN J 132 23.78 48.01 20.01
N THR J 133 24.33 47.40 18.96
CA THR J 133 24.14 45.99 18.72
C THR J 133 25.41 45.22 19.06
N ILE J 134 25.23 43.98 19.48
CA ILE J 134 26.34 43.08 19.80
C ILE J 134 26.10 41.75 19.13
N GLU J 135 27.18 40.99 18.95
CA GLU J 135 27.14 39.71 18.29
C GLU J 135 27.55 38.60 19.25
N LEU J 136 27.12 37.39 18.95
CA LEU J 136 27.44 36.23 19.77
C LEU J 136 27.45 34.96 18.93
N THR J 139 23.79 35.98 15.79
CA THR J 139 22.76 36.33 16.75
C THR J 139 22.94 37.76 17.24
N LYS J 140 22.30 38.71 16.56
CA LYS J 140 22.50 40.12 16.86
C LYS J 140 21.67 40.51 18.08
N ILE J 141 22.34 40.93 19.15
CA ILE J 141 21.67 41.25 20.42
C ILE J 141 21.68 42.76 20.61
N THR J 142 20.52 43.32 20.92
CA THR J 142 20.38 44.75 21.14
C THR J 142 19.53 44.98 22.39
N PHE J 143 19.89 45.81 23.26
CA PHE J 143 19.09 46.08 24.48
C PHE J 143 18.31 47.38 24.33
N TYR J 144 17.15 47.45 24.82
CA TYR J 144 16.23 48.57 24.78
C TYR J 144 15.78 48.89 26.20
N ASN J 145 15.64 50.18 26.47
CA ASN J 145 15.35 50.65 27.82
C ASN J 145 13.89 50.42 28.20
N ASN J 146 13.67 50.00 29.44
CA ASN J 146 12.33 49.82 29.99
C ASN J 146 12.13 50.81 31.12
N SER J 147 10.93 51.39 31.19
CA SER J 147 10.60 52.33 32.26
C SER J 147 9.11 52.31 32.56
N SER J 154 14.77 45.73 27.52
CA SER J 154 14.27 44.75 26.57
C SER J 154 15.41 44.17 25.75
N VAL J 155 15.54 42.85 25.79
CA VAL J 155 16.56 42.14 25.02
C VAL J 155 15.97 41.75 23.68
N PHE J 156 16.66 42.08 22.59
CA PHE J 156 16.20 41.81 21.23
C PHE J 156 17.27 40.99 20.54
N ILE J 157 17.00 39.70 20.34
CA ILE J 157 17.93 38.79 19.70
C ILE J 157 17.42 38.44 18.32
N GLU J 158 18.12 38.92 17.30
CA GLU J 158 17.86 38.55 15.92
C GLU J 158 18.70 37.33 15.60
N THR J 159 18.06 36.17 15.58
CA THR J 159 18.72 34.92 15.25
C THR J 159 18.54 34.60 13.77
N HIS J 160 18.95 33.39 13.38
CA HIS J 160 18.74 32.94 12.00
C HIS J 160 17.26 32.69 11.74
N ASN J 161 16.58 32.06 12.69
CA ASN J 161 15.14 31.77 12.60
C ASN J 161 14.44 32.34 13.83
N GLY J 162 13.82 33.49 13.66
CA GLY J 162 13.06 34.12 14.74
C GLY J 162 13.80 35.28 15.36
N ASN J 163 13.06 36.36 15.63
CA ASN J 163 13.59 37.55 16.29
C ASN J 163 12.87 37.66 17.63
N TYR J 164 13.59 37.37 18.71
CA TYR J 164 12.99 37.22 20.03
C TYR J 164 13.11 38.52 20.80
N LEU J 165 12.06 38.86 21.54
CA LEU J 165 12.01 40.07 22.35
C LEU J 165 11.62 39.69 23.77
N PHE J 166 12.52 39.89 24.72
CA PHE J 166 12.21 39.81 26.14
C PHE J 166 11.98 41.22 26.66
N SER J 167 10.78 41.45 27.21
CA SER J 167 10.38 42.80 27.57
C SER J 167 10.92 43.24 28.93
N GLY J 168 10.73 42.41 29.95
CA GLY J 168 10.97 42.84 31.31
C GLY J 168 9.78 43.62 31.84
N ASP J 169 9.92 44.09 33.08
CA ASP J 169 8.82 44.79 33.73
C ASP J 169 8.65 46.19 33.18
N ILE J 170 7.40 46.61 33.03
CA ILE J 170 7.04 47.86 32.39
C ILE J 170 6.33 48.74 33.40
N GLY J 171 6.81 49.97 33.56
CA GLY J 171 6.19 50.92 34.47
C GLY J 171 5.59 52.12 33.74
N TYR J 180 4.12 55.56 32.10
CA TYR J 180 5.41 55.85 31.50
C TYR J 180 5.53 55.21 30.12
N PRO J 181 6.08 55.93 29.16
CA PRO J 181 6.21 55.39 27.79
C PRO J 181 7.45 54.52 27.65
N PRO J 182 7.27 53.28 27.19
CA PRO J 182 8.43 52.38 27.03
C PRO J 182 9.19 52.61 25.74
N ASP J 183 10.18 51.76 25.48
CA ASP J 183 10.98 51.86 24.26
C ASP J 183 10.97 50.51 23.55
N MET J 184 10.60 50.51 22.28
CA MET J 184 10.38 49.31 21.50
C MET J 184 11.19 49.34 20.21
N PRO J 185 11.61 48.17 19.69
CA PRO J 185 12.32 48.14 18.41
C PRO J 185 11.42 48.50 17.23
N ASP J 186 12.05 49.02 16.17
CA ASP J 186 11.35 49.41 14.95
C ASP J 186 11.65 48.47 13.79
N GLY J 187 11.95 47.20 14.07
CA GLY J 187 12.29 46.26 13.03
C GLY J 187 11.24 45.20 12.79
N ASN J 188 11.48 44.00 13.27
CA ASN J 188 10.58 42.87 13.07
C ASN J 188 10.66 41.97 14.29
N VAL J 189 9.53 41.72 14.93
CA VAL J 189 9.46 40.89 16.13
C VAL J 189 8.66 39.62 15.81
N ASP J 190 9.18 38.48 16.24
CA ASP J 190 8.52 37.20 16.06
C ASP J 190 7.95 36.63 17.34
N TYR J 191 8.64 36.80 18.47
CA TYR J 191 8.17 36.36 19.77
C TYR J 191 8.31 37.50 20.76
N LEU J 192 7.31 37.65 21.62
CA LEU J 192 7.26 38.76 22.57
C LEU J 192 7.02 38.20 23.96
N ILE J 193 8.08 38.14 24.76
CA ILE J 193 8.03 37.51 26.08
C ILE J 193 7.67 38.62 27.06
N LEU J 194 6.45 38.58 27.58
CA LEU J 194 5.89 39.68 28.36
C LEU J 194 5.50 39.20 29.74
N GLU J 195 5.85 40.00 30.75
CA GLU J 195 5.44 39.72 32.11
C GLU J 195 4.01 40.19 32.34
N SER J 196 3.34 39.58 33.32
CA SER J 196 1.95 39.88 33.62
C SER J 196 1.73 39.73 35.12
N THR J 197 1.61 40.84 35.84
CA THR J 197 1.32 40.79 37.26
C THR J 197 0.32 41.87 37.67
N GLN J 376 -2.75 46.75 33.21
CA GLN J 376 -3.14 45.78 32.19
C GLN J 376 -3.20 46.46 30.82
N ASP J 377 -3.66 47.71 30.81
CA ASP J 377 -3.73 48.46 29.56
C ASP J 377 -2.35 48.93 29.11
N GLU J 378 -1.40 49.03 30.03
CA GLU J 378 -0.03 49.42 29.69
C GLU J 378 0.62 48.37 28.82
N LEU J 379 0.39 47.09 29.13
CA LEU J 379 0.90 46.02 28.28
C LEU J 379 0.19 46.00 26.93
N ILE J 380 -1.07 46.34 26.91
CA ILE J 380 -1.79 46.37 25.66
C ILE J 380 -1.10 47.29 24.67
N ASP J 381 -1.03 48.58 24.97
CA ASP J 381 -0.48 49.54 23.96
C ASP J 381 1.01 49.24 23.76
N TYR J 382 1.71 48.70 24.97
CA TYR J 382 3.08 48.31 24.65
C TYR J 382 3.12 47.30 23.50
N ILE J 383 2.13 46.44 23.40
CA ILE J 383 2.02 45.52 22.27
C ILE J 383 1.55 46.23 21.01
N GLU J 384 0.48 47.04 21.14
CA GLU J 384 -0.20 47.62 19.98
C GLU J 384 0.64 48.65 19.24
N ARG J 385 1.45 49.44 19.96
CA ARG J 385 2.23 50.50 19.35
C ARG J 385 3.53 50.02 18.73
N LEU J 386 3.75 48.71 18.68
CA LEU J 386 4.92 48.10 18.07
C LEU J 386 4.56 47.63 16.67
N LYS J 387 5.36 48.05 15.68
CA LYS J 387 5.16 47.63 14.30
C LYS J 387 5.43 46.13 14.15
N TYR J 388 4.73 45.51 13.20
CA TYR J 388 4.89 44.10 12.81
C TYR J 388 4.65 43.17 13.99
N THR J 389 3.38 43.15 14.42
CA THR J 389 2.94 42.53 15.67
C THR J 389 3.32 41.05 15.71
N PRO J 390 3.79 40.53 16.86
CA PRO J 390 4.51 39.25 16.86
C PRO J 390 3.62 38.05 16.59
N TYR J 391 4.28 36.96 16.21
CA TYR J 391 3.60 35.72 15.89
C TYR J 391 2.93 35.12 17.13
N LYS J 392 3.72 34.91 18.19
CA LYS J 392 3.20 34.39 19.44
C LYS J 392 3.81 35.14 20.60
N VAL J 393 2.99 35.57 21.55
CA VAL J 393 3.47 36.20 22.76
C VAL J 393 3.51 35.16 23.88
N PHE J 394 4.30 35.45 24.91
CA PHE J 394 4.50 34.56 26.05
C PHE J 394 4.22 35.32 27.33
N LEU J 395 3.36 34.78 28.18
CA LEU J 395 3.06 35.36 29.48
C LEU J 395 3.81 34.60 30.57
N VAL J 396 4.39 35.33 31.51
CA VAL J 396 5.33 34.76 32.47
C VAL J 396 5.28 35.64 33.73
N HIS J 397 5.60 35.02 34.88
CA HIS J 397 5.76 35.69 36.18
C HIS J 397 4.47 36.35 36.66
N GLY J 398 3.48 35.51 36.93
CA GLY J 398 2.23 35.98 37.48
C GLY J 398 1.39 34.83 37.98
N GLU J 399 0.23 35.17 38.53
CA GLU J 399 -0.71 34.17 39.03
C GLU J 399 -1.54 33.63 37.86
N LYS J 400 -2.58 32.86 38.18
CA LYS J 400 -3.39 32.25 37.14
C LYS J 400 -4.47 33.20 36.62
N GLU J 401 -5.09 33.99 37.51
CA GLU J 401 -6.24 34.80 37.12
C GLU J 401 -5.83 35.99 36.26
N GLN J 402 -4.75 36.69 36.65
CA GLN J 402 -4.28 37.83 35.86
C GLN J 402 -3.74 37.40 34.51
N ARG J 403 -3.01 36.28 34.47
CA ARG J 403 -2.51 35.75 33.21
C ARG J 403 -3.66 35.30 32.31
N GLU J 404 -4.71 34.71 32.89
CA GLU J 404 -5.86 34.30 32.09
C GLU J 404 -6.63 35.49 31.55
N ILE J 405 -6.79 36.55 32.36
CA ILE J 405 -7.50 37.75 31.92
C ILE J 405 -6.73 38.46 30.81
N LEU J 406 -5.40 38.58 30.96
CA LEU J 406 -4.59 39.19 29.91
C LEU J 406 -4.54 38.31 28.66
N ALA J 407 -4.52 36.98 28.84
CA ALA J 407 -4.55 36.06 27.71
C ALA J 407 -5.84 36.20 26.92
N LYS J 408 -6.99 36.28 27.61
CA LYS J 408 -8.26 36.47 26.92
C LYS J 408 -8.32 37.82 26.21
N ARG J 409 -7.71 38.85 26.82
CA ARG J 409 -7.65 40.15 26.17
C ARG J 409 -6.76 40.14 24.93
N ILE J 410 -5.75 39.26 24.88
CA ILE J 410 -4.89 39.20 23.71
C ILE J 410 -5.49 38.31 22.59
N ILE J 411 -6.23 37.25 22.94
CA ILE J 411 -6.99 36.53 21.91
C ILE J 411 -8.10 37.40 21.33
N SER J 412 -8.71 38.28 22.14
CA SER J 412 -9.63 39.23 21.53
C SER J 412 -8.94 40.31 20.70
N LYS J 413 -7.59 40.38 20.76
CA LYS J 413 -6.85 41.34 19.88
C LYS J 413 -6.35 40.55 18.68
N LYS J 414 -6.63 39.25 18.64
CA LYS J 414 -6.27 38.34 17.55
C LYS J 414 -4.76 38.10 17.48
N ILE J 415 -4.13 37.97 18.64
CA ILE J 415 -2.75 37.50 18.77
C ILE J 415 -2.78 36.30 19.71
N ARG J 416 -2.14 35.20 19.30
CA ARG J 416 -2.17 33.99 20.09
C ARG J 416 -1.26 34.10 21.31
N VAL J 417 -1.59 33.35 22.35
CA VAL J 417 -0.82 33.35 23.60
C VAL J 417 -0.38 31.92 23.90
N GLU J 418 0.66 31.82 24.72
CA GLU J 418 1.07 30.56 25.33
C GLU J 418 1.25 30.80 26.82
N LEU J 419 0.76 29.87 27.64
CA LEU J 419 0.77 30.00 29.10
C LEU J 419 1.60 28.86 29.68
N PRO J 420 2.91 29.07 29.87
CA PRO J 420 3.75 28.02 30.43
C PRO J 420 3.50 27.81 31.92
N GLU J 421 3.85 26.61 32.38
CA GLU J 421 3.69 26.26 33.78
C GLU J 421 5.05 26.02 34.44
N LYS J 433 13.93 14.74 25.41
CA LYS J 433 12.50 14.52 25.22
C LYS J 433 12.24 13.81 23.90
N LYS J 434 11.72 12.58 23.99
CA LYS J 434 11.37 11.82 22.80
C LYS J 434 10.10 12.37 22.17
N VAL J 435 10.09 12.42 20.84
CA VAL J 435 8.94 12.95 20.12
C VAL J 435 7.81 11.93 20.16
N VAL J 436 6.57 12.41 20.17
CA VAL J 436 5.40 11.58 20.39
C VAL J 436 4.58 11.52 19.10
N LEU J 437 4.12 10.32 18.75
CA LEU J 437 3.46 10.08 17.47
C LEU J 437 2.07 9.51 17.71
N ASN J 438 1.04 10.27 17.32
CA ASN J 438 -0.33 9.75 17.30
C ASN J 438 -0.51 8.89 16.06
N ILE J 439 -0.74 7.59 16.25
CA ILE J 439 -1.08 6.69 15.17
C ILE J 439 -2.59 6.40 15.16
N ASN J 440 -3.38 7.33 15.68
CA ASN J 440 -4.81 7.16 15.85
C ASN J 440 -5.53 7.56 14.56
N THR J 441 -6.85 7.73 14.65
CA THR J 441 -7.65 8.20 13.52
C THR J 441 -8.64 9.27 13.99
N ASN J 443 -12.99 10.95 13.89
CA ASN J 443 -13.99 11.23 14.91
C ASN J 443 -13.46 12.25 15.92
N MET J 444 -14.26 13.29 16.18
CA MET J 444 -13.85 14.36 17.08
C MET J 444 -15.09 14.78 17.85
N CYS J 445 -14.93 15.73 18.78
CA CYS J 445 -16.07 16.28 19.51
C CYS J 445 -15.84 17.77 19.69
N ASN J 446 -16.80 18.45 20.33
CA ASN J 446 -16.65 19.89 20.57
C ASN J 446 -17.20 20.26 21.95
N PHE J 447 -16.85 19.50 22.98
CA PHE J 447 -17.37 19.75 24.31
C PHE J 447 -16.63 20.91 24.99
N ALA J 448 -17.40 21.91 25.43
CA ALA J 448 -16.93 23.07 26.20
C ALA J 448 -15.86 23.88 25.46
N SER J 449 -16.00 23.97 24.13
CA SER J 449 -15.06 24.64 23.21
C SER J 449 -13.65 24.06 23.31
N TYR J 450 -13.57 22.73 23.39
CA TYR J 450 -12.35 21.99 23.10
C TYR J 450 -12.69 20.86 22.13
N ARG J 451 -11.80 20.61 21.18
CA ARG J 451 -11.97 19.51 20.24
C ARG J 451 -11.47 18.24 20.92
N LEU J 452 -12.37 17.31 21.24
CA LEU J 452 -12.06 16.22 22.15
C LEU J 452 -12.30 14.86 21.51
N MET J 453 -11.58 13.87 22.01
CA MET J 453 -11.76 12.50 21.54
C MET J 453 -11.70 11.51 22.70
N PRO J 454 -12.77 10.73 22.93
CA PRO J 454 -12.64 9.73 23.98
C PRO J 454 -11.83 8.54 23.48
N PHE J 455 -10.61 8.34 23.97
CA PHE J 455 -9.70 7.29 23.55
C PHE J 455 -8.98 6.72 24.76
N SER J 456 -8.89 5.46 24.86
CA SER J 456 -8.10 4.81 25.88
C SER J 456 -7.22 3.94 25.00
N GLY J 457 -5.98 3.75 25.29
CA GLY J 457 -5.01 3.12 24.43
C GLY J 457 -3.75 2.73 25.17
N PHE J 458 -2.68 2.54 24.39
CA PHE J 458 -1.37 2.21 24.91
C PHE J 458 -0.35 3.26 24.47
N ILE J 459 0.61 3.53 25.35
CA ILE J 459 1.79 4.32 25.01
C ILE J 459 2.99 3.38 24.96
N VAL J 460 3.72 3.39 23.85
CA VAL J 460 4.91 2.57 23.70
C VAL J 460 6.12 3.47 23.58
N GLU J 461 7.23 3.05 24.19
CA GLU J 461 8.43 3.86 24.34
C GLU J 461 9.59 3.10 23.72
N LYS J 462 10.08 3.59 22.58
CA LYS J 462 11.30 3.08 21.98
C LYS J 462 12.45 4.05 22.30
N ASP J 463 13.60 3.81 21.68
CA ASP J 463 14.77 4.63 21.97
C ASP J 463 14.70 6.00 21.32
N ASP J 464 13.87 6.19 20.30
CA ASP J 464 13.82 7.44 19.57
C ASP J 464 12.46 8.13 19.59
N ARG J 465 11.39 7.43 19.93
CA ARG J 465 10.05 7.99 19.83
C ARG J 465 9.11 7.28 20.80
N ILE J 466 7.99 7.93 21.09
CA ILE J 466 6.92 7.36 21.89
C ILE J 466 5.65 7.38 21.05
N GLU J 467 5.09 6.22 20.79
CA GLU J 467 3.91 6.14 19.94
C GLU J 467 2.65 5.86 20.75
N ILE J 468 1.52 6.23 20.17
CA ILE J 468 0.20 6.05 20.78
C ILE J 468 -0.55 5.05 19.92
N ASN J 469 -0.89 3.89 20.48
CA ASN J 469 -1.56 2.84 19.72
C ASN J 469 -2.88 2.45 20.36
N ASP J 470 -3.73 1.84 19.55
CA ASP J 470 -5.07 1.39 19.94
C ASP J 470 -5.06 -0.13 20.16
N LYS J 471 -6.24 -0.71 20.33
CA LYS J 471 -6.35 -2.14 20.63
C LYS J 471 -5.97 -3.05 19.48
N ASN J 472 -5.96 -2.56 18.24
CA ASN J 472 -5.59 -3.41 17.11
C ASN J 472 -4.12 -3.81 17.17
N TRP J 473 -3.26 -2.87 17.57
CA TRP J 473 -1.84 -3.18 17.75
C TRP J 473 -1.62 -4.19 18.88
N PHE J 474 -2.36 -4.02 19.99
CA PHE J 474 -2.21 -4.93 21.12
C PHE J 474 -2.75 -6.32 20.78
N ASP J 475 -3.84 -6.39 20.02
CA ASP J 475 -4.35 -7.67 19.52
C ASP J 475 -3.35 -8.35 18.61
N MET J 476 -2.71 -7.57 17.72
CA MET J 476 -1.74 -8.13 16.78
C MET J 476 -0.52 -8.69 17.51
N ILE J 477 0.04 -7.92 18.46
CA ILE J 477 1.19 -8.41 19.19
C ILE J 477 0.82 -9.53 20.17
N TRP J 478 -0.43 -9.57 20.65
CA TRP J 478 -0.86 -10.65 21.52
C TRP J 478 -1.02 -11.94 20.73
N ASN J 479 -1.54 -11.86 19.51
CA ASN J 479 -1.63 -13.04 18.65
C ASN J 479 -0.25 -13.54 18.25
N GLU J 480 0.68 -12.61 17.97
CA GLU J 480 2.06 -12.98 17.64
C GLU J 480 2.74 -13.66 18.81
N GLU J 481 2.56 -13.14 20.03
CA GLU J 481 3.21 -13.76 21.18
C GLU J 481 2.54 -15.06 21.60
N TYR J 482 1.22 -15.18 21.36
CA TYR J 482 0.55 -16.45 21.61
C TYR J 482 1.02 -17.51 20.63
N ASN J 483 1.26 -17.13 19.36
CA ASN J 483 1.81 -18.06 18.39
C ASN J 483 3.24 -18.42 18.73
N LYS J 484 4.02 -17.50 19.30
CA LYS J 484 5.38 -17.82 19.71
C LYS J 484 5.41 -18.70 20.95
N MET J 485 4.44 -18.51 21.86
CA MET J 485 4.39 -19.30 23.08
C MET J 485 3.92 -20.72 22.81
N ARG J 486 2.92 -20.87 21.94
CA ARG J 486 2.42 -22.20 21.63
C ARG J 486 3.37 -23.00 20.74
N SER J 487 4.25 -22.33 20.00
CA SER J 487 5.24 -23.02 19.17
C SER J 487 6.52 -23.32 19.94
N GLN J 488 6.49 -23.21 21.26
CA GLN J 488 7.65 -23.50 22.11
C GLN J 488 7.60 -24.91 22.70
N ILE J 489 6.43 -25.53 22.76
CA ILE J 489 6.27 -26.81 23.44
C ILE J 489 5.59 -27.78 22.47
N VAL J 490 5.95 -29.06 22.56
CA VAL J 490 5.15 -30.16 22.06
C VAL J 490 4.85 -31.00 23.29
N ALA J 491 3.73 -31.76 23.24
CA ALA J 491 3.08 -32.29 24.45
C ALA J 491 3.96 -33.25 25.24
N GLU J 492 4.84 -34.01 24.57
CA GLU J 492 5.67 -34.99 25.26
C GLU J 492 7.14 -34.85 24.88
N ASP J 493 7.67 -33.63 24.91
CA ASP J 493 9.11 -33.45 24.77
C ASP J 493 9.82 -33.80 26.07
N PHE J 494 10.96 -34.50 25.94
CA PHE J 494 11.91 -34.76 27.03
C PHE J 494 11.25 -35.51 28.19
N SER J 495 10.61 -36.61 27.85
CA SER J 495 9.67 -37.27 28.76
C SER J 495 9.92 -38.78 28.69
N THR J 496 8.95 -39.55 29.18
CA THR J 496 9.07 -41.01 29.21
C THR J 496 9.12 -41.58 27.79
N ASP J 497 9.96 -42.60 27.63
CA ASP J 497 10.26 -43.16 26.30
C ASP J 497 9.08 -44.00 25.83
N GLN J 498 8.50 -43.62 24.69
CA GLN J 498 7.38 -44.35 24.12
C GLN J 498 7.87 -45.61 23.40
N ALA J 504 5.58 -50.20 18.31
CA ALA J 504 4.81 -50.04 17.08
C ALA J 504 5.71 -49.58 15.94
N LEU J 505 6.92 -50.13 15.90
CA LEU J 505 7.96 -49.73 14.98
C LEU J 505 8.55 -50.92 14.24
N PRO J 506 8.92 -50.75 12.97
CA PRO J 506 9.72 -51.77 12.29
C PRO J 506 11.08 -51.93 12.92
N ASP J 507 11.63 -53.14 12.85
CA ASP J 507 12.92 -53.46 13.41
C ASP J 507 13.86 -53.91 12.31
N MET J 508 15.12 -53.48 12.40
CA MET J 508 16.11 -53.82 11.39
C MET J 508 17.49 -53.82 12.05
N SER J 509 18.42 -54.57 11.46
CA SER J 509 19.72 -54.79 12.06
C SER J 509 20.59 -53.54 11.96
N HIS J 510 21.68 -53.57 12.73
CA HIS J 510 22.60 -52.43 12.80
C HIS J 510 23.40 -52.28 11.51
N ASP J 511 23.81 -53.40 10.91
CA ASP J 511 24.59 -53.35 9.67
C ASP J 511 23.74 -52.87 8.51
N LYS J 512 22.47 -53.26 8.47
CA LYS J 512 21.57 -52.76 7.44
C LYS J 512 21.27 -51.28 7.61
N ILE J 513 21.20 -50.80 8.86
CA ILE J 513 21.04 -49.37 9.11
C ILE J 513 22.27 -48.60 8.66
N ILE J 514 23.47 -49.16 8.89
CA ILE J 514 24.71 -48.58 8.39
C ILE J 514 24.72 -48.49 6.87
N GLU J 515 24.33 -49.58 6.21
CA GLU J 515 24.30 -49.64 4.75
C GLU J 515 23.30 -48.65 4.15
N ASN J 516 22.09 -48.61 4.72
CA ASN J 516 21.05 -47.73 4.19
C ASN J 516 21.36 -46.26 4.46
N ILE J 517 21.87 -45.94 5.64
CA ILE J 517 22.19 -44.56 5.98
C ILE J 517 23.38 -44.07 5.15
N GLU J 518 24.36 -44.94 4.89
CA GLU J 518 25.48 -44.57 4.02
C GLU J 518 25.03 -44.37 2.57
N TYR J 519 24.11 -45.22 2.10
CA TYR J 519 23.62 -45.08 0.73
C TYR J 519 22.75 -43.84 0.55
N LEU J 520 21.97 -43.48 1.55
CA LEU J 520 21.18 -42.25 1.49
C LEU J 520 21.95 -41.03 1.98
N PHE J 521 23.22 -41.20 2.38
CA PHE J 521 24.11 -40.08 2.59
C PHE J 521 24.99 -39.79 1.38
N ASN J 522 25.26 -40.81 0.55
CA ASN J 522 26.02 -40.57 -0.67
C ASN J 522 25.14 -39.75 -1.63
N ILE J 523 24.00 -40.30 -2.04
CA ILE J 523 23.00 -39.47 -2.70
C ILE J 523 22.33 -38.60 -1.65
N LYS J 524 21.80 -37.46 -2.08
CA LYS J 524 21.42 -36.41 -1.14
C LYS J 524 19.94 -36.56 -0.77
N ILE J 525 19.66 -37.56 0.06
CA ILE J 525 18.37 -37.70 0.73
C ILE J 525 18.52 -37.50 2.23
N LEU J 526 19.37 -38.31 2.87
CA LEU J 526 19.75 -38.12 4.27
C LEU J 526 21.00 -37.25 4.29
N SER J 527 20.86 -36.00 4.69
CA SER J 527 21.93 -35.04 4.67
C SER J 527 22.32 -34.63 6.09
N LYS J 528 23.23 -33.65 6.18
CA LYS J 528 23.75 -33.26 7.49
C LYS J 528 22.72 -32.47 8.29
N ASN J 529 21.93 -31.60 7.64
CA ASN J 529 20.84 -30.95 8.34
C ASN J 529 19.74 -31.94 8.69
N ARG J 530 19.51 -32.95 7.84
CA ARG J 530 18.51 -33.96 8.15
C ARG J 530 18.90 -34.79 9.38
N ILE J 531 20.16 -35.20 9.46
CA ILE J 531 20.67 -35.91 10.63
C ILE J 531 20.70 -34.99 11.86
N LYS J 532 20.99 -33.70 11.67
CA LYS J 532 20.99 -32.74 12.77
C LYS J 532 19.61 -32.56 13.38
N GLU J 533 18.59 -32.31 12.55
CA GLU J 533 17.23 -32.18 13.09
C GLU J 533 16.68 -33.52 13.57
N PHE J 534 17.14 -34.64 12.98
CA PHE J 534 16.73 -35.95 13.48
C PHE J 534 17.28 -36.21 14.87
N TRP J 535 18.54 -35.83 15.12
CA TRP J 535 19.12 -36.00 16.45
C TRP J 535 18.50 -35.04 17.45
N GLU J 536 18.20 -33.80 17.03
CA GLU J 536 17.55 -32.85 17.93
C GLU J 536 16.13 -33.29 18.28
N GLU J 537 15.40 -33.87 17.33
CA GLU J 537 14.07 -34.38 17.64
C GLU J 537 14.14 -35.71 18.41
N PHE J 538 15.24 -36.45 18.29
CA PHE J 538 15.40 -37.65 19.09
C PHE J 538 15.76 -37.31 20.54
N CYS J 539 16.44 -36.18 20.76
CA CYS J 539 16.79 -35.78 22.13
C CYS J 539 15.55 -35.45 22.94
N LYS J 540 14.53 -34.85 22.33
CA LYS J 540 13.28 -34.55 23.03
C LYS J 540 12.31 -35.73 23.06
N GLY J 541 12.78 -36.96 22.94
CA GLY J 541 11.93 -38.11 23.16
C GLY J 541 11.74 -38.94 21.91
N GLN J 542 10.98 -40.02 22.08
CA GLN J 542 10.72 -40.98 21.01
C GLN J 542 9.54 -40.55 20.15
N LYS J 543 8.47 -40.06 20.78
CA LYS J 543 7.28 -39.62 20.05
C LYS J 543 7.54 -38.36 19.24
N ALA J 544 8.46 -37.50 19.71
CA ALA J 544 8.85 -36.34 18.93
C ALA J 544 9.58 -36.74 17.66
N ALA J 545 10.45 -37.75 17.73
CA ALA J 545 11.10 -38.27 16.52
C ALA J 545 10.10 -38.96 15.60
N ILE J 546 9.09 -39.63 16.19
CA ILE J 546 8.01 -40.22 15.41
C ILE J 546 7.25 -39.16 14.63
N LYS J 547 6.89 -38.07 15.32
CA LYS J 547 6.17 -36.96 14.68
C LYS J 547 7.02 -36.26 13.62
N TYR J 548 8.33 -36.14 13.87
CA TYR J 548 9.21 -35.48 12.91
C TYR J 548 9.36 -36.31 11.64
N ILE J 549 9.56 -37.63 11.79
CA ILE J 549 9.74 -38.46 10.60
C ILE J 549 8.41 -38.64 9.87
N THR J 550 7.27 -38.57 10.58
CA THR J 550 5.99 -38.63 9.89
C THR J 550 5.71 -37.32 9.15
N GLN J 551 6.20 -36.19 9.69
CA GLN J 551 6.06 -34.92 8.98
C GLN J 551 6.96 -34.85 7.76
N VAL J 552 8.18 -35.40 7.86
CA VAL J 552 9.11 -35.39 6.73
C VAL J 552 8.64 -36.33 5.62
N HIS J 553 8.20 -37.53 5.98
CA HIS J 553 7.78 -38.52 5.00
C HIS J 553 6.38 -38.27 4.45
N ARG J 554 5.66 -37.27 4.97
CA ARG J 554 4.26 -37.05 4.58
C ARG J 554 4.17 -36.57 3.14
N LYS J 555 3.46 -37.33 2.32
CA LYS J 555 3.18 -36.96 0.94
C LYS J 555 1.93 -36.10 0.94
N ASN J 556 2.05 -34.88 0.42
CA ASN J 556 0.91 -33.98 0.35
C ASN J 556 -0.07 -34.48 -0.71
N PRO J 557 -1.36 -34.63 -0.38
CA PRO J 557 -2.33 -35.10 -1.38
C PRO J 557 -2.59 -34.10 -2.50
N ASN J 558 -2.27 -32.82 -2.30
CA ASN J 558 -2.52 -31.83 -3.35
C ASN J 558 -1.37 -31.74 -4.34
N THR J 559 -0.13 -31.92 -3.88
CA THR J 559 1.02 -31.77 -4.76
C THR J 559 1.79 -33.05 -5.02
N GLY J 560 1.67 -34.06 -4.16
CA GLY J 560 2.42 -35.28 -4.32
C GLY J 560 3.90 -35.17 -4.07
N ARG J 561 4.30 -34.37 -3.08
CA ARG J 561 5.70 -34.20 -2.73
C ARG J 561 5.89 -34.46 -1.24
N ARG J 562 7.10 -34.89 -0.90
CA ARG J 562 7.50 -35.08 0.49
C ARG J 562 8.64 -34.14 0.83
N ASN J 563 8.96 -34.07 2.12
CA ASN J 563 9.96 -33.13 2.61
C ASN J 563 11.38 -33.69 2.56
N TRP J 564 11.58 -34.88 2.02
CA TRP J 564 12.92 -35.37 1.77
C TRP J 564 13.59 -34.54 0.69
N ASN J 565 14.91 -34.40 0.79
CA ASN J 565 15.68 -33.85 -0.31
C ASN J 565 15.73 -34.86 -1.45
N PRO J 566 15.54 -34.44 -2.70
CA PRO J 566 15.53 -35.40 -3.80
C PRO J 566 16.89 -36.00 -4.04
N PRO J 567 16.97 -37.25 -4.49
CA PRO J 567 18.26 -37.90 -4.71
C PRO J 567 19.02 -37.31 -5.88
N GLU J 568 20.34 -37.30 -5.77
CA GLU J 568 21.22 -36.91 -6.85
C GLU J 568 21.55 -38.16 -7.65
N GLY J 569 20.99 -38.26 -8.84
CA GLY J 569 21.16 -39.45 -9.66
C GLY J 569 20.16 -39.47 -10.79
N ASP J 570 20.08 -40.62 -11.44
CA ASP J 570 19.21 -40.85 -12.59
C ASP J 570 18.12 -41.85 -12.27
N PHE J 571 17.60 -41.82 -11.04
CA PHE J 571 16.56 -42.75 -10.62
C PHE J 571 15.21 -42.34 -11.19
N THR J 572 14.40 -43.35 -11.53
CA THR J 572 13.02 -43.12 -11.93
C THR J 572 12.11 -43.12 -10.70
N ASP J 573 10.87 -42.67 -10.90
CA ASP J 573 9.87 -42.34 -9.88
C ASP J 573 9.62 -43.43 -8.84
N ASN J 574 9.47 -44.68 -9.31
CA ASN J 574 9.28 -45.81 -8.40
C ASN J 574 10.50 -46.04 -7.53
N GLU J 575 11.70 -45.93 -8.11
CA GLU J 575 12.92 -46.09 -7.32
C GLU J 575 13.12 -44.94 -6.34
N ILE J 576 12.70 -43.72 -6.70
CA ILE J 576 12.78 -42.59 -5.78
C ILE J 576 11.81 -42.78 -4.61
N GLU J 577 10.62 -43.34 -4.89
CA GLU J 577 9.69 -43.66 -3.81
C GLU J 577 10.20 -44.79 -2.94
N LYS J 578 10.88 -45.78 -3.53
CA LYS J 578 11.51 -46.85 -2.75
C LYS J 578 12.61 -46.31 -1.85
N LEU J 579 13.40 -45.35 -2.35
CA LEU J 579 14.42 -44.72 -1.51
C LEU J 579 13.80 -43.88 -0.39
N TYR J 580 12.66 -43.23 -0.66
CA TYR J 580 11.99 -42.46 0.38
C TYR J 580 11.44 -43.36 1.49
N GLU J 581 10.78 -44.47 1.13
CA GLU J 581 10.32 -45.38 2.17
C GLU J 581 11.47 -46.14 2.81
N THR J 582 12.59 -46.32 2.10
CA THR J 582 13.79 -46.88 2.70
C THR J 582 14.35 -45.96 3.78
N ALA J 583 14.37 -44.65 3.51
CA ALA J 583 14.79 -43.68 4.51
C ALA J 583 13.85 -43.66 5.71
N TYR J 584 12.54 -43.75 5.44
CA TYR J 584 11.55 -43.77 6.51
C TYR J 584 11.69 -45.01 7.40
N ASN J 585 11.84 -46.19 6.79
CA ASN J 585 11.97 -47.42 7.56
C ASN J 585 13.33 -47.50 8.26
N THR J 586 14.38 -46.98 7.63
CA THR J 586 15.71 -46.99 8.25
C THR J 586 15.76 -46.09 9.47
N LEU J 587 15.19 -44.89 9.38
CA LEU J 587 15.20 -44.02 10.54
C LEU J 587 14.21 -44.49 11.59
N LEU J 588 13.10 -45.14 11.20
CA LEU J 588 12.20 -45.75 12.16
C LEU J 588 12.87 -46.89 12.93
N SER J 589 13.69 -47.69 12.26
CA SER J 589 14.47 -48.69 12.97
C SER J 589 15.56 -48.05 13.82
N LEU J 590 16.03 -46.87 13.43
CA LEU J 590 17.03 -46.17 14.22
C LEU J 590 16.48 -45.61 15.53
N ILE J 591 15.20 -45.22 15.56
CA ILE J 591 14.63 -44.72 16.83
C ILE J 591 14.52 -45.81 17.90
N LYS J 592 14.61 -47.09 17.52
CA LYS J 592 14.52 -48.19 18.48
C LYS J 592 15.70 -48.24 19.45
N TYR J 593 16.91 -47.92 18.98
CA TYR J 593 18.12 -48.16 19.74
C TYR J 593 18.26 -47.14 20.87
N ASP J 594 19.27 -47.36 21.71
CA ASP J 594 19.59 -46.45 22.79
C ASP J 594 20.30 -45.21 22.25
N LYS J 595 20.34 -44.16 23.07
CA LYS J 595 20.81 -42.85 22.65
C LYS J 595 22.30 -42.86 22.29
N ASN J 596 23.10 -43.59 23.07
CA ASN J 596 24.53 -43.69 22.78
C ASN J 596 24.78 -44.49 21.50
N LYS J 597 23.96 -45.52 21.25
CA LYS J 597 24.10 -46.30 20.02
C LYS J 597 23.73 -45.47 18.80
N VAL J 598 22.68 -44.65 18.88
CA VAL J 598 22.30 -43.78 17.78
C VAL J 598 23.33 -42.66 17.59
N TYR J 599 23.93 -42.19 18.68
CA TYR J 599 25.01 -41.20 18.57
C TYR J 599 26.22 -41.81 17.87
N ASN J 600 26.56 -43.06 18.19
CA ASN J 600 27.63 -43.73 17.48
C ASN J 600 27.25 -44.07 16.04
N ILE J 601 25.96 -44.19 15.75
CA ILE J 601 25.51 -44.36 14.37
C ILE J 601 25.74 -43.07 13.58
N LEU J 602 25.34 -41.94 14.16
CA LEU J 602 25.23 -40.68 13.41
C LEU J 602 26.45 -39.76 13.55
N ILE J 603 27.43 -40.09 14.39
CA ILE J 603 28.63 -39.26 14.43
C ILE J 603 29.50 -39.48 13.20
N ASN J 604 29.36 -40.63 12.54
CA ASN J 604 30.18 -40.96 11.38
C ASN J 604 29.71 -40.26 10.11
N PHE J 605 28.58 -39.56 10.16
CA PHE J 605 28.03 -38.82 9.03
C PHE J 605 27.85 -37.34 9.32
N ASN J 606 27.48 -36.98 10.55
CA ASN J 606 27.41 -35.59 10.98
C ASN J 606 28.25 -35.47 12.24
N PRO J 607 29.50 -35.02 12.14
CA PRO J 607 30.36 -34.91 13.34
C PRO J 607 29.89 -33.89 14.36
N LYS J 608 29.07 -32.91 13.99
CA LYS J 608 28.54 -31.96 14.96
C LYS J 608 27.52 -32.64 15.87
N LEU J 609 26.61 -33.42 15.30
CA LEU J 609 25.62 -34.15 16.07
C LEU J 609 25.18 -35.41 15.33
N LYS K 433 -1.93 -27.47 45.88
CA LYS K 433 -3.17 -26.81 45.40
C LYS K 433 -3.15 -25.34 45.84
N LYS K 434 -2.00 -24.85 46.30
CA LYS K 434 -1.88 -23.42 46.66
C LYS K 434 -1.51 -22.65 45.38
N VAL K 435 -1.18 -21.37 45.50
CA VAL K 435 -0.71 -20.62 44.30
C VAL K 435 0.44 -19.70 44.68
N VAL K 436 1.61 -19.89 44.05
CA VAL K 436 2.76 -19.02 44.27
C VAL K 436 3.13 -18.36 42.95
N LEU K 437 3.54 -17.09 43.03
CA LEU K 437 3.86 -16.30 41.85
C LEU K 437 5.36 -16.04 41.83
N ASN K 438 6.04 -16.58 40.82
CA ASN K 438 7.48 -16.39 40.65
C ASN K 438 7.80 -15.32 39.62
N ILE K 439 6.82 -14.51 39.24
CA ILE K 439 7.01 -13.42 38.29
C ILE K 439 7.32 -12.16 39.08
N ASN K 440 8.20 -11.30 38.55
CA ASN K 440 8.53 -10.03 39.19
C ASN K 440 7.31 -9.12 39.25
N THR K 441 6.97 -8.67 40.46
CA THR K 441 5.86 -7.75 40.68
C THR K 441 6.28 -6.30 40.39
N ASP K 442 7.56 -6.09 40.10
CA ASP K 442 8.05 -4.82 39.58
C ASP K 442 7.47 -4.58 38.18
N ASN K 443 7.44 -3.30 37.79
CA ASN K 443 6.81 -2.79 36.56
C ASN K 443 5.31 -3.09 36.57
N MET K 444 4.66 -2.54 37.59
CA MET K 444 3.22 -2.66 37.80
C MET K 444 2.53 -1.43 37.22
N CYS K 445 1.54 -1.64 36.37
CA CYS K 445 0.86 -0.55 35.69
C CYS K 445 -0.55 -0.38 36.21
N ASN K 446 -1.15 0.77 35.85
CA ASN K 446 -2.45 1.19 36.34
C ASN K 446 -3.41 1.30 35.17
N PHE K 447 -4.54 0.61 35.25
CA PHE K 447 -5.62 0.78 34.30
C PHE K 447 -6.95 0.41 34.94
N ALA K 448 -7.97 1.24 34.65
CA ALA K 448 -9.36 1.06 35.10
C ALA K 448 -9.46 0.96 36.63
N SER K 449 -8.70 1.84 37.31
CA SER K 449 -8.51 1.84 38.77
C SER K 449 -8.01 0.49 39.27
N TYR K 450 -7.18 -0.17 38.47
CA TYR K 450 -6.81 -1.56 38.64
C TYR K 450 -5.31 -1.69 38.49
N ARG K 451 -4.65 -2.33 39.45
CA ARG K 451 -3.25 -2.69 39.27
C ARG K 451 -3.18 -3.90 38.35
N LEU K 452 -2.31 -3.85 37.34
CA LEU K 452 -2.20 -4.95 36.39
C LEU K 452 -0.83 -4.92 35.73
N MET K 453 -0.45 -6.06 35.14
CA MET K 453 0.71 -6.15 34.27
C MET K 453 0.55 -7.33 33.32
N PRO K 454 0.55 -7.09 32.00
CA PRO K 454 0.46 -8.19 31.04
C PRO K 454 1.74 -9.02 31.04
N PHE K 455 1.58 -10.34 31.11
CA PHE K 455 2.71 -11.26 31.17
C PHE K 455 2.48 -12.41 30.21
N SER K 456 3.58 -13.04 29.79
CA SER K 456 3.56 -14.20 28.91
C SER K 456 4.54 -15.21 29.49
N GLY K 457 4.02 -16.27 30.11
CA GLY K 457 4.86 -17.19 30.85
C GLY K 457 4.22 -18.57 30.86
N PHE K 458 4.62 -19.40 31.82
CA PHE K 458 4.25 -20.81 31.86
C PHE K 458 3.60 -21.16 33.19
N ILE K 459 2.48 -21.89 33.12
CA ILE K 459 1.80 -22.38 34.30
C ILE K 459 2.30 -23.79 34.58
N VAL K 460 2.87 -23.99 35.77
CA VAL K 460 3.51 -25.25 36.13
C VAL K 460 2.76 -25.86 37.30
N GLU K 461 2.73 -27.19 37.35
CA GLU K 461 2.00 -27.93 38.37
C GLU K 461 2.81 -29.14 38.80
N LYS K 462 2.95 -29.33 40.11
CA LYS K 462 3.29 -30.64 40.65
C LYS K 462 2.26 -31.02 41.70
N ARG K 465 1.92 -27.72 44.47
CA ARG K 465 1.50 -26.33 44.26
C ARG K 465 1.36 -26.03 42.78
N ILE K 466 0.63 -24.97 42.47
CA ILE K 466 0.48 -24.47 41.11
C ILE K 466 1.20 -23.14 41.03
N GLU K 467 2.17 -23.02 40.13
CA GLU K 467 3.02 -21.84 40.09
C GLU K 467 3.03 -21.21 38.71
N ILE K 468 3.41 -19.93 38.69
CA ILE K 468 3.44 -19.11 37.49
C ILE K 468 4.90 -18.75 37.27
N ASN K 469 5.59 -19.53 36.44
CA ASN K 469 7.03 -19.30 36.22
C ASN K 469 7.22 -18.55 34.90
N ASP K 470 8.19 -17.64 34.85
CA ASP K 470 8.45 -16.84 33.63
C ASP K 470 9.13 -17.71 32.58
N LYS K 471 9.35 -17.16 31.38
CA LYS K 471 9.94 -17.96 30.29
C LYS K 471 11.34 -18.39 30.74
N ASN K 472 11.97 -17.58 31.59
CA ASN K 472 13.35 -17.89 32.03
C ASN K 472 13.34 -19.24 32.75
N TRP K 473 12.37 -19.46 33.63
CA TRP K 473 12.27 -20.78 34.29
C TRP K 473 12.23 -21.86 33.21
N PHE K 474 11.73 -21.52 32.02
CA PHE K 474 11.60 -22.56 31.00
C PHE K 474 12.92 -22.73 30.23
N ASP K 475 13.69 -21.63 30.09
CA ASP K 475 15.03 -21.73 29.54
C ASP K 475 15.95 -22.56 30.45
N MET K 476 15.89 -22.35 31.78
CA MET K 476 16.68 -23.16 32.71
C MET K 476 16.32 -24.63 32.62
N ILE K 477 15.02 -24.93 32.55
CA ILE K 477 14.58 -26.33 32.44
C ILE K 477 15.02 -26.91 31.09
N TRP K 478 14.69 -26.24 29.98
CA TRP K 478 15.00 -26.91 28.69
C TRP K 478 16.48 -27.25 28.65
N ASN K 479 17.33 -26.24 28.75
CA ASN K 479 18.79 -26.47 28.72
C ASN K 479 19.12 -27.55 29.76
N GLU K 480 18.59 -27.40 30.97
CA GLU K 480 18.95 -28.38 32.03
C GLU K 480 18.76 -29.78 31.47
N GLU K 481 17.52 -30.12 31.13
CA GLU K 481 17.27 -31.45 30.58
C GLU K 481 18.00 -31.70 29.27
N TYR K 482 18.28 -30.67 28.47
CA TYR K 482 18.92 -31.01 27.18
C TYR K 482 20.35 -31.47 27.48
N ASN K 483 21.03 -30.78 28.40
CA ASN K 483 22.38 -31.23 28.80
C ASN K 483 22.27 -32.58 29.52
N LYS K 484 21.26 -32.76 30.35
CA LYS K 484 21.04 -34.06 31.03
C LYS K 484 21.01 -35.16 29.96
N MET K 485 20.21 -34.94 28.92
CA MET K 485 20.17 -35.88 27.79
C MET K 485 21.55 -36.06 27.17
N ARG K 486 22.35 -34.99 27.14
CA ARG K 486 23.72 -35.08 26.64
C ARG K 486 24.61 -35.92 27.55
N SER K 487 24.28 -35.98 28.84
CA SER K 487 25.09 -36.75 29.78
C SER K 487 24.97 -38.24 29.55
N GLN K 488 23.80 -38.72 29.14
CA GLN K 488 23.60 -40.14 28.87
C GLN K 488 24.29 -40.56 27.57
N HIS K 510 65.38 -39.07 10.75
CA HIS K 510 65.22 -37.93 11.63
C HIS K 510 65.50 -36.63 10.88
N ASP K 511 66.41 -36.70 9.92
CA ASP K 511 66.84 -35.49 9.21
C ASP K 511 65.77 -35.01 8.22
N LYS K 512 65.18 -35.93 7.44
CA LYS K 512 64.27 -35.52 6.38
C LYS K 512 62.95 -35.04 6.93
N ILE K 513 62.46 -35.67 8.00
CA ILE K 513 61.21 -35.22 8.61
C ILE K 513 61.40 -33.86 9.29
N ILE K 514 62.54 -33.65 9.97
CA ILE K 514 62.83 -32.36 10.60
C ILE K 514 62.98 -31.27 9.55
N GLU K 515 63.51 -31.62 8.38
CA GLU K 515 63.51 -30.70 7.25
C GLU K 515 62.09 -30.41 6.77
N ASN K 516 61.19 -31.38 6.86
CA ASN K 516 59.80 -31.15 6.46
C ASN K 516 59.08 -30.18 7.40
N ILE K 517 59.28 -30.31 8.73
CA ILE K 517 58.69 -29.26 9.60
C ILE K 517 59.45 -27.94 9.41
N GLU K 518 60.74 -27.98 9.06
CA GLU K 518 61.49 -26.76 8.79
C GLU K 518 60.94 -26.02 7.58
N TYR K 519 60.51 -26.74 6.55
CA TYR K 519 59.88 -26.09 5.41
C TYR K 519 58.42 -25.72 5.68
N LEU K 520 57.71 -26.49 6.49
CA LEU K 520 56.30 -26.19 6.75
C LEU K 520 56.13 -25.00 7.69
N PHE K 521 57.11 -24.74 8.55
CA PHE K 521 56.98 -23.63 9.48
C PHE K 521 57.14 -22.28 8.79
N ASN K 522 57.96 -22.22 7.74
CA ASN K 522 58.23 -20.93 7.08
C ASN K 522 57.02 -20.43 6.30
N ILE K 523 56.25 -21.35 5.72
CA ILE K 523 55.06 -21.00 4.94
C ILE K 523 53.80 -20.90 5.80
N LYS K 524 53.94 -21.09 7.12
CA LYS K 524 52.87 -20.95 8.12
C LYS K 524 51.68 -21.88 7.87
N ILE K 525 51.95 -23.11 7.42
CA ILE K 525 50.91 -24.14 7.47
C ILE K 525 50.93 -24.84 8.82
N LEU K 526 52.11 -25.02 9.42
CA LEU K 526 52.27 -25.62 10.74
C LEU K 526 52.70 -24.51 11.68
N SER K 527 51.75 -23.97 12.44
CA SER K 527 51.98 -22.89 13.38
C SER K 527 51.96 -23.45 14.81
N LYS K 528 52.34 -22.62 15.77
CA LYS K 528 52.38 -23.11 17.18
C LYS K 528 50.96 -23.53 17.54
N ASN K 529 49.98 -23.06 16.79
CA ASN K 529 48.55 -23.40 17.05
C ASN K 529 48.32 -24.86 16.64
N ARG K 530 49.26 -25.45 15.90
CA ARG K 530 49.10 -26.85 15.44
C ARG K 530 49.85 -27.79 16.40
N ILE K 531 51.15 -27.56 16.60
CA ILE K 531 51.94 -28.50 17.41
C ILE K 531 51.48 -28.49 18.86
N LYS K 532 50.91 -27.37 19.34
CA LYS K 532 50.35 -27.32 20.69
C LYS K 532 49.15 -28.24 20.84
N GLU K 533 48.28 -28.28 19.82
CA GLU K 533 47.15 -29.21 19.83
C GLU K 533 47.61 -30.63 19.50
N PHE K 534 48.73 -30.76 18.80
CA PHE K 534 49.34 -32.07 18.55
C PHE K 534 49.79 -32.70 19.86
N TRP K 535 50.38 -31.91 20.75
CA TRP K 535 50.93 -32.42 22.00
C TRP K 535 49.85 -32.52 23.08
N ALA K 545 45.89 -39.37 19.01
CA ALA K 545 46.55 -38.34 18.23
C ALA K 545 46.21 -38.49 16.75
N ILE K 546 46.05 -39.74 16.31
CA ILE K 546 45.83 -40.03 14.89
C ILE K 546 44.44 -39.56 14.47
N LYS K 547 43.47 -39.59 15.39
CA LYS K 547 42.13 -39.08 15.11
C LYS K 547 42.15 -37.57 14.87
N TYR K 548 43.01 -36.84 15.60
CA TYR K 548 43.11 -35.40 15.40
C TYR K 548 43.74 -35.04 14.06
N ILE K 549 44.78 -35.78 13.66
CA ILE K 549 45.40 -35.54 12.35
C ILE K 549 44.45 -35.94 11.22
N THR K 550 43.66 -37.00 11.42
CA THR K 550 42.67 -37.39 10.42
C THR K 550 41.55 -36.36 10.33
N GLN K 551 41.19 -35.74 11.46
CA GLN K 551 40.17 -34.70 11.44
C GLN K 551 40.68 -33.41 10.79
N VAL K 552 41.96 -33.08 11.01
CA VAL K 552 42.55 -31.91 10.38
C VAL K 552 42.72 -32.14 8.88
N HIS K 553 43.14 -33.33 8.49
CA HIS K 553 43.34 -33.65 7.07
C HIS K 553 42.02 -33.86 6.32
N ARG K 554 40.89 -33.98 7.02
CA ARG K 554 39.63 -34.40 6.42
C ARG K 554 39.11 -33.34 5.46
N LYS K 555 39.28 -33.59 4.17
CA LYS K 555 38.69 -32.72 3.15
C LYS K 555 37.18 -32.93 3.14
N ASN K 556 36.43 -31.85 3.34
CA ASN K 556 34.98 -31.93 3.25
C ASN K 556 34.60 -32.13 1.78
N PRO K 557 33.84 -33.18 1.45
CA PRO K 557 33.57 -33.48 0.03
C PRO K 557 32.64 -32.48 -0.65
N ASN K 558 31.94 -31.65 0.11
CA ASN K 558 30.99 -30.70 -0.46
C ASN K 558 31.64 -29.38 -0.85
N THR K 559 32.66 -28.93 -0.12
CA THR K 559 33.35 -27.69 -0.46
C THR K 559 34.78 -27.91 -0.93
N GLY K 560 35.35 -29.11 -0.73
CA GLY K 560 36.70 -29.41 -1.15
C GLY K 560 37.76 -28.65 -0.38
N ARG K 561 37.73 -28.75 0.95
CA ARG K 561 38.62 -27.95 1.78
C ARG K 561 39.07 -28.76 2.99
N ARG K 562 40.37 -28.72 3.27
CA ARG K 562 40.93 -29.32 4.46
C ARG K 562 40.90 -28.30 5.60
N ASN K 563 41.29 -28.74 6.80
CA ASN K 563 41.38 -27.85 7.95
C ASN K 563 42.80 -27.34 8.17
N TRP K 564 43.72 -27.63 7.26
CA TRP K 564 45.07 -27.08 7.34
C TRP K 564 45.06 -25.59 7.05
N ASN K 565 46.06 -24.90 7.58
CA ASN K 565 46.28 -23.52 7.22
C ASN K 565 46.84 -23.44 5.80
N PRO K 566 46.40 -22.48 4.99
CA PRO K 566 46.94 -22.33 3.65
C PRO K 566 48.38 -21.80 3.72
N PRO K 567 49.21 -22.15 2.73
CA PRO K 567 50.58 -21.59 2.72
C PRO K 567 50.58 -20.14 2.29
N GLU K 568 51.65 -19.45 2.67
CA GLU K 568 51.86 -18.07 2.26
C GLU K 568 52.67 -18.03 0.97
N GLY K 569 52.42 -17.02 0.15
CA GLY K 569 53.11 -16.90 -1.12
C GLY K 569 52.34 -17.55 -2.26
N PHE K 571 52.31 -20.51 -5.72
CA PHE K 571 51.88 -21.86 -5.37
C PHE K 571 50.65 -22.26 -6.17
N THR K 572 50.75 -23.36 -6.92
CA THR K 572 49.59 -23.89 -7.62
C THR K 572 48.73 -24.70 -6.65
N ASP K 573 47.51 -25.02 -7.10
CA ASP K 573 46.55 -25.73 -6.25
C ASP K 573 47.00 -27.17 -5.98
N ASN K 574 47.54 -27.85 -7.01
CA ASN K 574 48.04 -29.20 -6.81
C ASN K 574 49.28 -29.22 -5.94
N GLU K 575 50.09 -28.15 -5.99
CA GLU K 575 51.21 -28.01 -5.08
C GLU K 575 50.75 -27.88 -3.64
N ILE K 576 49.72 -27.06 -3.38
CA ILE K 576 49.21 -26.85 -2.03
C ILE K 576 48.57 -28.13 -1.49
N GLU K 577 47.90 -28.89 -2.37
CA GLU K 577 47.42 -30.21 -1.99
C GLU K 577 48.58 -31.16 -1.65
N LYS K 578 49.69 -31.06 -2.40
CA LYS K 578 50.85 -31.90 -2.12
C LYS K 578 51.50 -31.54 -0.78
N LEU K 579 51.56 -30.26 -0.43
CA LEU K 579 52.12 -29.92 0.88
C LEU K 579 51.14 -30.21 2.02
N TYR K 580 49.83 -30.20 1.75
CA TYR K 580 48.88 -30.71 2.74
C TYR K 580 49.11 -32.20 3.01
N GLU K 581 49.33 -32.97 1.95
CA GLU K 581 49.66 -34.39 2.09
C GLU K 581 51.01 -34.60 2.77
N THR K 582 51.97 -33.71 2.50
CA THR K 582 53.29 -33.80 3.14
C THR K 582 53.20 -33.49 4.64
N ALA K 583 52.38 -32.51 5.02
CA ALA K 583 52.15 -32.22 6.43
C ALA K 583 51.46 -33.38 7.13
N TYR K 584 50.49 -34.02 6.46
CA TYR K 584 49.84 -35.21 7.02
C TYR K 584 50.82 -36.36 7.20
N ASN K 585 51.67 -36.60 6.21
CA ASN K 585 52.65 -37.68 6.31
C ASN K 585 53.70 -37.38 7.38
N THR K 586 54.06 -36.11 7.54
CA THR K 586 55.07 -35.72 8.53
C THR K 586 54.53 -35.88 9.94
N LEU K 587 53.31 -35.39 10.19
CA LEU K 587 52.74 -35.54 11.53
C LEU K 587 52.22 -36.95 11.79
N LEU K 588 52.03 -37.77 10.75
CA LEU K 588 51.75 -39.18 10.96
C LEU K 588 53.03 -39.95 11.30
N SER K 589 54.17 -39.55 10.73
CA SER K 589 55.43 -40.21 11.03
C SER K 589 55.90 -39.86 12.45
N LEU K 590 55.55 -38.67 12.93
CA LEU K 590 55.85 -38.27 14.30
C LEU K 590 54.99 -39.05 15.29
N ASP K 594 58.97 -42.37 21.06
CA ASP K 594 58.68 -42.02 22.45
C ASP K 594 58.09 -40.62 22.54
N LYS K 595 57.48 -40.32 23.69
CA LYS K 595 56.95 -38.98 23.92
C LYS K 595 58.05 -37.95 24.09
N ASN K 596 59.22 -38.37 24.59
CA ASN K 596 60.36 -37.47 24.69
C ASN K 596 60.90 -37.09 23.31
N LYS K 597 60.91 -38.03 22.36
CA LYS K 597 61.31 -37.70 20.99
C LYS K 597 60.31 -36.76 20.32
N VAL K 598 59.03 -36.84 20.71
CA VAL K 598 58.06 -35.85 20.29
C VAL K 598 58.33 -34.51 20.96
N TYR K 599 58.83 -34.55 22.21
CA TYR K 599 59.13 -33.32 22.94
C TYR K 599 60.31 -32.55 22.35
N ASN K 600 61.32 -33.24 21.81
CA ASN K 600 62.31 -32.56 20.97
C ASN K 600 61.72 -32.11 19.63
N ILE K 601 62.54 -31.31 18.90
CA ILE K 601 62.38 -30.61 17.61
C ILE K 601 61.23 -29.60 17.63
N LEU K 602 60.07 -29.98 18.18
CA LEU K 602 58.97 -29.06 18.38
C LEU K 602 59.28 -27.95 19.38
N ILE K 603 60.25 -28.17 20.28
CA ILE K 603 60.65 -27.13 21.23
C ILE K 603 61.32 -25.97 20.50
N ASN K 604 62.01 -26.25 19.39
CA ASN K 604 62.61 -25.20 18.58
C ASN K 604 61.59 -24.43 17.75
N PHE K 605 60.37 -24.95 17.66
CA PHE K 605 59.28 -24.23 16.97
C PHE K 605 58.38 -23.64 18.05
N ASN K 606 58.80 -23.74 19.32
CA ASN K 606 58.01 -23.23 20.47
C ASN K 606 56.75 -24.08 20.64
ZN ZN N . -53.92 16.60 -29.41
ZN ZN O . -40.19 -13.61 -17.87
ZN ZN P . 24.28 -26.01 -13.67
ZN ZN Q . 47.27 -6.40 2.76
ZN ZN R . 51.99 7.84 34.17
ZN ZN S . -10.78 33.52 -11.07
ZN ZN T . -10.27 -30.71 -17.62
#